data_7NC6
#
_entry.id   7NC6
#
_cell.length_a   53.370
_cell.length_b   85.300
_cell.length_c   344.800
_cell.angle_alpha   90.000
_cell.angle_beta   90.000
_cell.angle_gamma   90.000
#
_symmetry.space_group_name_H-M   'P 21 21 21'
#
loop_
_entity.id
_entity.type
_entity.pdbx_description
1 polymer 'Glutathione S-transferase GliG'
2 non-polymer '(2~{S})-2-azanyl-5-[[(2~{R})-3-[(2~{R},5~{R})-5-(hydroxymethyl)-3,6-bis(oxidanylidene)-2-(phenylmethyl)-5-sulfanyl-piperazin-2-yl]sulfanyl-1-(2-hydroxy-2-oxoethylamino)-1-oxidanylidene-propan-2-yl]amino]-5-oxidanylidene-pentanoic acid'
3 non-polymer 1,2-ETHANEDIOL
4 non-polymer 'ACETATE ION'
5 water water
#
_entity_poly.entity_id   1
_entity_poly.type   'polypeptide(L)'
_entity_poly.pdbx_seq_one_letter_code
;MSGSHHHHHHSGSMSERPSDLVVNRLVLFVVKGTATSTHNTVKPLILLEELGVPHDIYVVEKVSAPWFSEINPHKMVPAI
LDRSPDGRDTLRAWESTSTLMYIADAYDKDGTFGGRNVQERSEINNWLTLHTAALGPTAKYWLYFYKLHPEKLPKTIEKL
RSNITVQYDILERRLNEPGQQYLALKDRPTIADIATLPFAMKSTAELFGLEFEKWPKLQEWSVRMGEREAVKRAWQRVAG
FGHGEKEYGMLEA
;
_entity_poly.pdbx_strand_id   A,B,C,D,E,F
#
# COMPACT_ATOMS: atom_id res chain seq x y z
N GLU A 16 -67.64 28.63 18.25
CA GLU A 16 -67.96 29.26 19.57
C GLU A 16 -68.60 28.22 20.50
N ARG A 17 -68.24 28.26 21.78
CA ARG A 17 -68.74 27.32 22.83
C ARG A 17 -70.23 27.56 23.07
N PRO A 18 -71.01 26.52 23.45
CA PRO A 18 -72.39 26.71 23.88
C PRO A 18 -72.45 27.61 25.12
N SER A 19 -73.54 28.37 25.26
CA SER A 19 -73.77 29.35 26.35
C SER A 19 -73.70 28.66 27.71
N ASP A 20 -74.16 27.42 27.83
CA ASP A 20 -74.27 26.68 29.11
C ASP A 20 -72.91 26.07 29.50
N LEU A 21 -71.91 26.10 28.60
CA LEU A 21 -70.53 25.63 28.91
C LEU A 21 -69.75 26.78 29.57
N VAL A 22 -69.58 26.71 30.89
CA VAL A 22 -68.70 27.62 31.70
C VAL A 22 -67.78 26.74 32.55
N VAL A 23 -66.60 27.25 32.89
CA VAL A 23 -65.55 26.49 33.64
C VAL A 23 -65.32 27.22 34.97
N ASN A 24 -66.22 27.01 35.94
CA ASN A 24 -66.13 27.50 37.34
C ASN A 24 -65.39 26.47 38.19
N ARG A 25 -65.26 25.25 37.68
CA ARG A 25 -64.55 24.11 38.31
C ARG A 25 -64.23 23.10 37.21
N LEU A 26 -63.63 21.95 37.55
CA LEU A 26 -63.37 20.87 36.57
C LEU A 26 -64.70 20.51 35.89
N VAL A 27 -64.71 20.45 34.56
CA VAL A 27 -65.88 20.01 33.75
C VAL A 27 -65.49 18.72 33.02
N LEU A 28 -66.15 17.61 33.34
CA LEU A 28 -65.95 16.31 32.66
C LEU A 28 -66.98 16.19 31.53
N PHE A 29 -66.51 16.02 30.29
CA PHE A 29 -67.36 15.82 29.09
C PHE A 29 -67.63 14.33 28.90
N VAL A 30 -68.92 13.98 28.81
CA VAL A 30 -69.42 12.59 28.64
C VAL A 30 -70.43 12.58 27.49
N VAL A 31 -70.94 11.41 27.14
CA VAL A 31 -72.13 11.25 26.23
C VAL A 31 -73.21 10.51 27.02
N LYS A 32 -74.42 10.44 26.47
CA LYS A 32 -75.55 9.66 27.04
C LYS A 32 -75.06 8.28 27.44
N GLY A 33 -75.38 7.84 28.66
CA GLY A 33 -75.02 6.51 29.17
C GLY A 33 -75.70 5.41 28.38
N THR A 34 -74.91 4.49 27.81
CA THR A 34 -75.38 3.24 27.17
C THR A 34 -74.45 2.10 27.61
N ALA A 35 -74.77 0.87 27.19
CA ALA A 35 -74.03 -0.37 27.55
C ALA A 35 -72.54 -0.24 27.19
N THR A 36 -72.20 0.50 26.13
CA THR A 36 -70.82 0.55 25.55
C THR A 36 -70.22 1.98 25.63
N SER A 37 -70.97 3.00 26.03
CA SER A 37 -70.58 4.43 25.89
C SER A 37 -69.85 4.96 27.14
N THR A 38 -69.65 4.14 28.17
CA THR A 38 -69.23 4.61 29.53
C THR A 38 -67.90 4.00 29.99
N HIS A 39 -67.34 3.02 29.26
CA HIS A 39 -66.16 2.23 29.71
C HIS A 39 -64.92 3.12 29.83
N ASN A 40 -64.83 4.22 29.09
CA ASN A 40 -63.68 5.16 29.13
C ASN A 40 -64.01 6.37 30.02
N THR A 41 -65.23 6.93 29.92
CA THR A 41 -65.64 8.13 30.69
C THR A 41 -65.68 7.82 32.20
N VAL A 42 -65.98 6.58 32.58
CA VAL A 42 -66.11 6.15 34.00
C VAL A 42 -64.75 6.27 34.70
N LYS A 43 -63.64 6.17 33.94
CA LYS A 43 -62.26 6.15 34.49
C LYS A 43 -61.95 7.45 35.24
N PRO A 44 -61.98 8.64 34.60
CA PRO A 44 -61.76 9.89 35.32
C PRO A 44 -62.82 10.11 36.42
N LEU A 45 -64.08 9.74 36.16
CA LEU A 45 -65.18 9.90 37.15
C LEU A 45 -64.84 9.12 38.43
N ILE A 46 -64.35 7.89 38.32
CA ILE A 46 -63.93 7.06 39.49
C ILE A 46 -62.94 7.87 40.33
N LEU A 47 -61.90 8.44 39.72
CA LEU A 47 -60.81 9.16 40.44
C LEU A 47 -61.33 10.46 41.05
N LEU A 48 -62.23 11.16 40.34
CA LEU A 48 -62.90 12.38 40.85
C LEU A 48 -63.66 12.01 42.13
N GLU A 49 -64.40 10.90 42.10
CA GLU A 49 -65.20 10.39 43.26
C GLU A 49 -64.26 9.99 44.39
N GLU A 50 -63.15 9.29 44.07
CA GLU A 50 -62.16 8.79 45.06
C GLU A 50 -61.54 9.95 45.84
N LEU A 51 -61.15 11.03 45.15
CA LEU A 51 -60.41 12.19 45.72
C LEU A 51 -61.38 13.26 46.22
N GLY A 52 -62.67 13.14 45.89
CA GLY A 52 -63.71 14.12 46.25
C GLY A 52 -63.47 15.45 45.56
N VAL A 53 -63.07 15.42 44.29
CA VAL A 53 -62.82 16.65 43.48
C VAL A 53 -64.16 17.27 43.12
N PRO A 54 -64.36 18.59 43.37
CA PRO A 54 -65.56 19.28 42.93
C PRO A 54 -65.53 19.40 41.40
N HIS A 55 -66.62 19.05 40.72
CA HIS A 55 -66.68 18.93 39.24
C HIS A 55 -68.10 19.03 38.72
N ASP A 56 -68.23 19.43 37.44
CA ASP A 56 -69.49 19.45 36.66
C ASP A 56 -69.43 18.35 35.60
N ILE A 57 -70.60 17.91 35.14
CA ILE A 57 -70.76 16.95 34.01
C ILE A 57 -71.40 17.68 32.85
N TYR A 58 -70.79 17.60 31.66
CA TYR A 58 -71.34 18.14 30.40
C TYR A 58 -71.61 16.97 29.44
N VAL A 59 -72.88 16.74 29.12
CA VAL A 59 -73.33 15.64 28.20
C VAL A 59 -73.26 16.19 26.77
N VAL A 60 -72.30 15.69 25.99
CA VAL A 60 -72.09 16.12 24.57
C VAL A 60 -73.07 15.36 23.70
N GLU A 61 -73.92 16.07 22.94
CA GLU A 61 -74.89 15.46 21.99
C GLU A 61 -74.11 14.86 20.82
N LYS A 62 -73.23 15.64 20.19
CA LYS A 62 -72.43 15.24 19.00
C LYS A 62 -70.95 15.54 19.26
N VAL A 63 -70.12 14.49 19.38
CA VAL A 63 -68.64 14.62 19.55
C VAL A 63 -68.03 15.13 18.24
N SER A 64 -68.77 15.04 17.12
CA SER A 64 -68.39 15.57 15.78
C SER A 64 -68.55 17.09 15.72
N ALA A 65 -69.26 17.70 16.68
CA ALA A 65 -69.50 19.17 16.72
C ALA A 65 -68.18 19.92 16.69
N PRO A 66 -67.99 20.92 15.80
CA PRO A 66 -66.75 21.67 15.72
C PRO A 66 -66.26 22.23 17.06
N TRP A 67 -67.17 22.76 17.89
CA TRP A 67 -66.82 23.40 19.18
C TRP A 67 -66.09 22.40 20.09
N PHE A 68 -66.47 21.12 20.02
CA PHE A 68 -65.93 20.03 20.89
C PHE A 68 -64.53 19.62 20.42
N SER A 69 -64.24 19.72 19.12
CA SER A 69 -62.93 19.40 18.53
C SER A 69 -61.86 20.37 19.05
N GLU A 70 -62.27 21.57 19.48
CA GLU A 70 -61.39 22.58 20.12
C GLU A 70 -60.93 22.05 21.49
N ILE A 71 -61.80 21.30 22.18
CA ILE A 71 -61.52 20.75 23.55
C ILE A 71 -60.76 19.42 23.41
N ASN A 72 -61.20 18.53 22.52
CA ASN A 72 -60.52 17.25 22.21
C ASN A 72 -60.36 17.12 20.71
N PRO A 73 -59.15 17.35 20.14
CA PRO A 73 -58.91 17.20 18.70
C PRO A 73 -59.14 15.76 18.21
N HIS A 74 -59.20 14.79 19.14
CA HIS A 74 -59.51 13.37 18.83
C HIS A 74 -61.04 13.14 18.81
N LYS A 75 -61.83 14.16 19.17
CA LYS A 75 -63.32 14.17 19.03
C LYS A 75 -63.94 12.98 19.75
N MET A 76 -63.52 12.69 20.99
CA MET A 76 -64.08 11.58 21.81
C MET A 76 -64.26 12.03 23.26
N VAL A 77 -65.04 11.27 24.03
CA VAL A 77 -65.17 11.42 25.51
C VAL A 77 -64.48 10.22 26.14
N PRO A 78 -63.86 10.35 27.34
CA PRO A 78 -63.90 11.58 28.12
C PRO A 78 -62.93 12.69 27.68
N ALA A 79 -63.30 13.93 27.99
CA ALA A 79 -62.45 15.14 27.89
C ALA A 79 -62.71 16.00 29.13
N ILE A 80 -61.74 16.85 29.50
CA ILE A 80 -61.84 17.74 30.69
C ILE A 80 -61.46 19.16 30.26
N LEU A 81 -62.21 20.15 30.74
CA LEU A 81 -61.77 21.55 30.88
C LEU A 81 -61.67 21.86 32.37
N ASP A 82 -60.61 22.56 32.79
CA ASP A 82 -60.38 22.91 34.22
C ASP A 82 -59.57 24.21 34.26
N ARG A 83 -59.66 24.95 35.36
CA ARG A 83 -58.80 26.13 35.63
C ARG A 83 -57.43 25.63 36.08
N SER A 84 -56.36 26.30 35.64
CA SER A 84 -54.97 26.02 36.08
C SER A 84 -54.87 26.33 37.57
N PRO A 85 -53.93 25.68 38.31
CA PRO A 85 -53.81 25.91 39.75
C PRO A 85 -53.67 27.39 40.14
N ASP A 86 -53.00 28.20 39.29
CA ASP A 86 -52.78 29.65 39.49
C ASP A 86 -53.97 30.46 38.95
N GLY A 87 -54.86 29.83 38.18
CA GLY A 87 -56.11 30.45 37.68
C GLY A 87 -55.94 31.18 36.37
N ARG A 88 -54.72 31.29 35.85
CA ARG A 88 -54.39 32.08 34.62
C ARG A 88 -54.90 31.37 33.37
N ASP A 89 -54.73 30.05 33.28
CA ASP A 89 -55.02 29.26 32.06
C ASP A 89 -56.24 28.35 32.28
N THR A 90 -56.97 28.07 31.21
CA THR A 90 -57.97 26.98 31.13
C THR A 90 -57.27 25.76 30.52
N LEU A 91 -56.95 24.75 31.34
CA LEU A 91 -56.26 23.52 30.84
C LEU A 91 -57.31 22.59 30.25
N ARG A 92 -56.86 21.67 29.40
CA ARG A 92 -57.71 20.59 28.85
C ARG A 92 -56.96 19.27 29.02
N ALA A 93 -57.69 18.20 29.26
CA ALA A 93 -57.20 16.80 29.27
C ALA A 93 -58.13 15.96 28.40
N TRP A 94 -57.56 15.09 27.57
CA TRP A 94 -58.34 14.19 26.67
C TRP A 94 -57.50 12.97 26.34
N GLU A 95 -58.19 11.85 26.04
CA GLU A 95 -57.72 10.46 26.22
C GLU A 95 -57.91 10.08 27.69
N SER A 96 -58.66 9.01 27.96
CA SER A 96 -59.04 8.56 29.32
C SER A 96 -57.79 8.47 30.21
N THR A 97 -56.69 7.88 29.72
CA THR A 97 -55.43 7.72 30.51
C THR A 97 -54.90 9.10 30.89
N SER A 98 -54.93 10.08 29.97
CA SER A 98 -54.44 11.47 30.19
C SER A 98 -55.34 12.23 31.17
N THR A 99 -56.66 11.98 31.17
CA THR A 99 -57.60 12.60 32.16
C THR A 99 -57.24 12.10 33.56
N LEU A 100 -56.87 10.82 33.70
CA LEU A 100 -56.42 10.23 34.99
C LEU A 100 -55.12 10.92 35.44
N MET A 101 -54.17 11.09 34.52
CA MET A 101 -52.85 11.70 34.79
C MET A 101 -53.05 13.15 35.21
N TYR A 102 -53.97 13.87 34.57
CA TYR A 102 -54.24 15.29 34.90
C TYR A 102 -54.85 15.40 36.30
N ILE A 103 -55.91 14.64 36.57
CA ILE A 103 -56.64 14.69 37.87
C ILE A 103 -55.65 14.36 39.00
N ALA A 104 -54.82 13.32 38.81
CA ALA A 104 -53.78 12.90 39.79
C ALA A 104 -52.80 14.06 40.01
N ASP A 105 -52.37 14.71 38.92
CA ASP A 105 -51.36 15.81 38.95
C ASP A 105 -51.94 17.01 39.72
N ALA A 106 -53.18 17.39 39.42
CA ALA A 106 -53.82 18.66 39.89
C ALA A 106 -54.44 18.49 41.28
N TYR A 107 -54.91 17.29 41.65
CA TYR A 107 -55.78 17.06 42.84
C TYR A 107 -55.27 15.97 43.79
N ASP A 108 -54.40 15.04 43.34
CA ASP A 108 -53.87 13.97 44.23
C ASP A 108 -52.55 14.43 44.86
N LYS A 109 -52.65 15.40 45.78
CA LYS A 109 -51.51 16.05 46.48
C LYS A 109 -50.53 15.00 47.02
N ASP A 110 -51.06 13.95 47.66
CA ASP A 110 -50.28 12.97 48.47
C ASP A 110 -49.85 11.79 47.58
N GLY A 111 -50.20 11.80 46.29
CA GLY A 111 -49.91 10.71 45.34
C GLY A 111 -50.51 9.39 45.79
N THR A 112 -51.68 9.44 46.44
CA THR A 112 -52.44 8.25 46.93
C THR A 112 -52.79 7.33 45.76
N PHE A 113 -53.13 7.92 44.60
CA PHE A 113 -53.51 7.21 43.36
C PHE A 113 -52.41 7.39 42.29
N GLY A 114 -51.63 8.47 42.36
CA GLY A 114 -50.59 8.82 41.35
C GLY A 114 -49.22 8.24 41.68
N GLY A 115 -48.94 7.95 42.95
CA GLY A 115 -47.63 7.45 43.41
C GLY A 115 -46.87 8.52 44.19
N ARG A 116 -46.30 8.14 45.33
CA ARG A 116 -45.64 9.07 46.30
C ARG A 116 -44.19 9.33 45.90
N ASN A 117 -43.51 8.34 45.31
CA ASN A 117 -42.06 8.43 44.98
C ASN A 117 -41.82 7.81 43.60
N VAL A 118 -40.56 7.85 43.14
CA VAL A 118 -40.10 7.33 41.81
C VAL A 118 -40.43 5.83 41.72
N GLN A 119 -40.19 5.07 42.79
CA GLN A 119 -40.35 3.59 42.81
C GLN A 119 -41.81 3.22 42.58
N GLU A 120 -42.74 3.84 43.31
CA GLU A 120 -44.21 3.60 43.19
C GLU A 120 -44.66 3.96 41.77
N ARG A 121 -44.31 5.17 41.31
CA ARG A 121 -44.73 5.72 40.00
C ARG A 121 -44.18 4.85 38.86
N SER A 122 -43.02 4.22 39.04
CA SER A 122 -42.40 3.32 38.04
C SER A 122 -43.37 2.18 37.72
N GLU A 123 -43.93 1.53 38.74
CA GLU A 123 -44.87 0.39 38.58
C GLU A 123 -46.26 0.90 38.16
N ILE A 124 -46.72 2.03 38.71
CA ILE A 124 -48.03 2.63 38.34
C ILE A 124 -48.02 2.93 36.84
N ASN A 125 -46.96 3.54 36.34
CA ASN A 125 -46.84 3.96 34.92
C ASN A 125 -46.68 2.73 34.02
N ASN A 126 -46.06 1.66 34.53
CA ASN A 126 -45.91 0.38 33.79
C ASN A 126 -47.31 -0.20 33.49
N TRP A 127 -48.13 -0.37 34.53
CA TRP A 127 -49.43 -1.06 34.42
C TRP A 127 -50.47 -0.14 33.78
N LEU A 128 -50.39 1.17 34.01
CA LEU A 128 -51.25 2.19 33.36
C LEU A 128 -50.99 2.19 31.85
N THR A 129 -49.72 2.17 31.46
CA THR A 129 -49.31 2.23 30.02
C THR A 129 -49.69 0.92 29.34
N LEU A 130 -49.50 -0.22 30.02
CA LEU A 130 -49.86 -1.56 29.46
C LEU A 130 -51.32 -1.53 29.01
N HIS A 131 -52.19 -0.97 29.85
CA HIS A 131 -53.63 -0.82 29.51
C HIS A 131 -53.78 0.12 28.31
N THR A 132 -53.15 1.29 28.38
CA THR A 132 -53.26 2.39 27.39
C THR A 132 -52.84 1.91 25.99
N ALA A 133 -51.84 1.02 25.92
CA ALA A 133 -51.20 0.59 24.65
C ALA A 133 -51.78 -0.74 24.15
N ALA A 134 -52.14 -1.65 25.06
CA ALA A 134 -52.47 -3.06 24.72
C ALA A 134 -53.99 -3.29 24.85
N LEU A 135 -54.50 -3.56 26.06
CA LEU A 135 -55.91 -3.99 26.27
C LEU A 135 -56.88 -2.90 25.79
N GLY A 136 -56.65 -1.65 26.20
CA GLY A 136 -57.45 -0.47 25.80
C GLY A 136 -57.70 -0.42 24.30
N PRO A 137 -56.66 -0.20 23.46
CA PRO A 137 -56.83 -0.13 22.01
C PRO A 137 -57.29 -1.44 21.35
N THR A 138 -56.88 -2.60 21.89
CA THR A 138 -57.25 -3.94 21.39
C THR A 138 -58.76 -4.14 21.60
N ALA A 139 -59.27 -3.82 22.79
CA ALA A 139 -60.70 -3.86 23.14
C ALA A 139 -61.48 -2.97 22.19
N LYS A 140 -61.02 -1.73 21.99
CA LYS A 140 -61.66 -0.72 21.12
C LYS A 140 -61.72 -1.23 19.68
N TYR A 141 -60.61 -1.79 19.16
CA TYR A 141 -60.54 -2.36 17.80
C TYR A 141 -61.47 -3.58 17.70
N TRP A 142 -61.54 -4.39 18.76
CA TRP A 142 -62.45 -5.56 18.80
C TRP A 142 -63.90 -5.08 18.58
N LEU A 143 -64.36 -4.12 19.39
CA LEU A 143 -65.75 -3.60 19.32
C LEU A 143 -65.98 -2.92 17.96
N TYR A 144 -64.98 -2.21 17.44
CA TYR A 144 -65.09 -1.49 16.15
C TYR A 144 -65.40 -2.48 15.01
N PHE A 145 -64.62 -3.56 14.92
CA PHE A 145 -64.75 -4.59 13.86
C PHE A 145 -65.98 -5.45 14.13
N TYR A 146 -66.30 -5.69 15.41
CA TYR A 146 -67.41 -6.59 15.81
C TYR A 146 -68.76 -5.99 15.41
N LYS A 147 -68.95 -4.67 15.53
CA LYS A 147 -70.30 -4.05 15.35
C LYS A 147 -70.29 -2.78 14.48
N LEU A 148 -69.18 -2.06 14.31
CA LEU A 148 -69.20 -0.71 13.68
C LEU A 148 -68.69 -0.74 12.23
N HIS A 149 -67.68 -1.57 11.91
CA HIS A 149 -67.12 -1.66 10.54
C HIS A 149 -68.22 -2.11 9.57
N PRO A 150 -68.40 -1.46 8.40
CA PRO A 150 -69.42 -1.85 7.44
C PRO A 150 -69.45 -3.35 7.12
N GLU A 151 -68.27 -3.94 6.95
CA GLU A 151 -68.08 -5.39 6.66
C GLU A 151 -67.68 -6.12 7.96
N LYS A 152 -68.16 -7.34 8.14
CA LYS A 152 -67.73 -8.26 9.24
C LYS A 152 -66.47 -8.99 8.80
N LEU A 153 -65.43 -8.99 9.63
CA LEU A 153 -64.10 -9.60 9.35
C LEU A 153 -63.77 -10.59 10.47
N PRO A 154 -64.33 -11.82 10.42
CA PRO A 154 -64.25 -12.78 11.53
C PRO A 154 -62.83 -13.14 11.99
N LYS A 155 -61.88 -13.22 11.06
CA LYS A 155 -60.48 -13.64 11.34
C LYS A 155 -59.76 -12.55 12.15
N THR A 156 -60.06 -11.28 11.83
CA THR A 156 -59.55 -10.07 12.55
C THR A 156 -60.15 -10.03 13.96
N ILE A 157 -61.47 -10.22 14.05
CA ILE A 157 -62.25 -10.19 15.33
C ILE A 157 -61.71 -11.29 16.26
N GLU A 158 -61.46 -12.49 15.73
CA GLU A 158 -60.95 -13.66 16.52
C GLU A 158 -59.55 -13.34 17.06
N LYS A 159 -58.68 -12.74 16.24
CA LYS A 159 -57.28 -12.44 16.64
C LYS A 159 -57.28 -11.38 17.74
N LEU A 160 -58.16 -10.37 17.64
CA LEU A 160 -58.30 -9.30 18.67
C LEU A 160 -58.84 -9.91 19.96
N ARG A 161 -59.79 -10.84 19.86
CA ARG A 161 -60.36 -11.57 21.02
C ARG A 161 -59.23 -12.37 21.69
N SER A 162 -58.45 -13.11 20.91
CA SER A 162 -57.27 -13.88 21.37
C SER A 162 -56.29 -12.96 22.10
N ASN A 163 -56.06 -11.75 21.58
CA ASN A 163 -55.12 -10.76 22.17
C ASN A 163 -55.68 -10.28 23.53
N ILE A 164 -57.00 -10.14 23.66
CA ILE A 164 -57.62 -9.75 24.95
C ILE A 164 -57.27 -10.80 26.01
N THR A 165 -57.37 -12.10 25.68
CA THR A 165 -57.09 -13.22 26.61
C THR A 165 -55.62 -13.17 27.07
N VAL A 166 -54.71 -12.79 26.17
CA VAL A 166 -53.24 -12.68 26.46
C VAL A 166 -53.02 -11.57 27.51
N GLN A 167 -53.75 -10.45 27.39
CA GLN A 167 -53.68 -9.33 28.36
C GLN A 167 -54.24 -9.80 29.72
N TYR A 168 -55.39 -10.47 29.71
CA TYR A 168 -56.00 -11.10 30.91
C TYR A 168 -54.96 -12.01 31.60
N ASP A 169 -54.25 -12.84 30.81
CA ASP A 169 -53.21 -13.78 31.30
C ASP A 169 -52.11 -13.01 32.04
N ILE A 170 -51.63 -11.89 31.46
CA ILE A 170 -50.59 -11.02 32.07
C ILE A 170 -51.12 -10.49 33.41
N LEU A 171 -52.35 -9.99 33.44
CA LEU A 171 -52.97 -9.41 34.67
C LEU A 171 -53.15 -10.52 35.72
N GLU A 172 -53.59 -11.71 35.29
CA GLU A 172 -53.72 -12.92 36.16
C GLU A 172 -52.38 -13.21 36.83
N ARG A 173 -51.33 -13.38 36.04
CA ARG A 173 -49.96 -13.69 36.51
C ARG A 173 -49.53 -12.67 37.57
N ARG A 174 -49.77 -11.39 37.32
CA ARG A 174 -49.40 -10.28 38.25
C ARG A 174 -50.11 -10.49 39.59
N LEU A 175 -51.43 -10.74 39.56
CA LEU A 175 -52.29 -10.80 40.78
C LEU A 175 -52.12 -12.15 41.50
N ASN A 176 -51.28 -13.04 40.98
CA ASN A 176 -50.89 -14.33 41.62
C ASN A 176 -49.54 -14.18 42.34
N GLU A 177 -48.92 -13.00 42.28
CA GLU A 177 -47.62 -12.72 42.97
C GLU A 177 -47.90 -12.48 44.45
N PRO A 178 -46.98 -12.86 45.37
CA PRO A 178 -47.21 -12.76 46.81
C PRO A 178 -47.59 -11.36 47.30
N GLY A 179 -48.79 -11.22 47.88
CA GLY A 179 -49.29 -9.98 48.52
C GLY A 179 -49.73 -8.93 47.51
N GLN A 180 -49.76 -9.25 46.22
CA GLN A 180 -50.09 -8.30 45.12
C GLN A 180 -51.62 -8.22 44.98
N GLN A 181 -52.25 -7.38 45.81
CA GLN A 181 -53.73 -7.23 45.90
C GLN A 181 -54.24 -6.35 44.76
N TYR A 182 -53.40 -5.45 44.23
CA TYR A 182 -53.71 -4.52 43.11
C TYR A 182 -52.59 -4.61 42.06
N LEU A 183 -52.82 -4.04 40.86
CA LEU A 183 -51.97 -4.24 39.66
C LEU A 183 -50.58 -3.62 39.86
N ALA A 184 -50.50 -2.36 40.31
CA ALA A 184 -49.23 -1.60 40.44
C ALA A 184 -48.64 -1.85 41.83
N LEU A 185 -49.32 -1.40 42.88
CA LEU A 185 -48.86 -1.48 44.29
C LEU A 185 -49.58 -2.64 44.99
N LYS A 186 -48.95 -3.18 46.03
CA LYS A 186 -49.45 -4.34 46.82
C LYS A 186 -50.60 -3.88 47.72
N ASP A 187 -50.47 -2.67 48.30
CA ASP A 187 -51.24 -2.21 49.49
C ASP A 187 -52.53 -1.48 49.08
N ARG A 188 -52.56 -0.81 47.91
CA ARG A 188 -53.69 0.07 47.55
C ARG A 188 -53.87 0.17 46.04
N PRO A 189 -55.08 0.55 45.56
CA PRO A 189 -55.33 0.79 44.14
C PRO A 189 -54.81 2.16 43.68
N THR A 190 -54.39 2.23 42.41
CA THR A 190 -53.82 3.45 41.77
C THR A 190 -54.56 3.72 40.45
N ILE A 191 -54.15 4.75 39.72
CA ILE A 191 -54.75 5.14 38.41
C ILE A 191 -54.55 3.99 37.40
N ALA A 192 -53.61 3.09 37.63
CA ALA A 192 -53.41 1.87 36.81
C ALA A 192 -54.61 0.93 36.97
N ASP A 193 -55.08 0.73 38.21
CA ASP A 193 -56.23 -0.14 38.54
C ASP A 193 -57.52 0.45 37.95
N ILE A 194 -57.70 1.77 38.08
CA ILE A 194 -58.89 2.53 37.60
C ILE A 194 -58.97 2.41 36.07
N ALA A 195 -57.85 2.57 35.37
CA ALA A 195 -57.77 2.52 33.89
C ALA A 195 -58.11 1.10 33.40
N THR A 196 -57.67 0.06 34.13
CA THR A 196 -57.79 -1.35 33.69
C THR A 196 -59.20 -1.89 33.96
N LEU A 197 -59.84 -1.48 35.06
CA LEU A 197 -61.08 -2.12 35.60
C LEU A 197 -62.14 -2.25 34.52
N PRO A 198 -62.57 -1.15 33.83
CA PRO A 198 -63.72 -1.23 32.92
C PRO A 198 -63.62 -2.30 31.82
N PHE A 199 -62.40 -2.74 31.46
CA PHE A 199 -62.14 -3.72 30.39
C PHE A 199 -61.74 -5.08 30.98
N ALA A 200 -61.63 -5.16 32.30
CA ALA A 200 -61.25 -6.38 33.06
C ALA A 200 -62.24 -6.59 34.21
N MET A 201 -63.53 -6.70 33.88
CA MET A 201 -64.62 -7.11 34.80
C MET A 201 -65.56 -8.05 34.05
N LYS A 202 -66.44 -8.74 34.78
CA LYS A 202 -67.24 -9.89 34.29
C LYS A 202 -68.13 -9.45 33.12
N SER A 203 -68.80 -8.30 33.23
CA SER A 203 -69.77 -7.80 32.21
C SER A 203 -69.05 -7.57 30.88
N THR A 204 -67.87 -6.94 30.91
CA THR A 204 -67.06 -6.64 29.70
C THR A 204 -66.47 -7.94 29.12
N ALA A 205 -66.00 -8.85 29.98
CA ALA A 205 -65.49 -10.18 29.59
C ALA A 205 -66.56 -10.95 28.83
N GLU A 206 -67.81 -10.90 29.31
CA GLU A 206 -68.99 -11.56 28.67
C GLU A 206 -69.26 -10.92 27.30
N LEU A 207 -69.19 -9.59 27.19
CA LEU A 207 -69.35 -8.86 25.89
C LEU A 207 -68.35 -9.42 24.88
N PHE A 208 -67.12 -9.72 25.31
CA PHE A 208 -66.02 -10.23 24.45
C PHE A 208 -66.24 -11.73 24.14
N GLY A 209 -67.24 -12.36 24.77
CA GLY A 209 -67.54 -13.79 24.62
C GLY A 209 -66.54 -14.64 25.40
N LEU A 210 -66.04 -14.12 26.51
CA LEU A 210 -65.04 -14.80 27.39
C LEU A 210 -65.70 -15.16 28.73
N GLU A 211 -65.28 -16.28 29.31
CA GLU A 211 -65.69 -16.74 30.66
C GLU A 211 -64.67 -16.20 31.67
N PHE A 212 -65.07 -15.19 32.45
CA PHE A 212 -64.17 -14.37 33.30
C PHE A 212 -63.67 -15.19 34.49
N GLU A 213 -64.35 -16.29 34.83
CA GLU A 213 -63.95 -17.24 35.92
C GLU A 213 -62.60 -17.90 35.59
N LYS A 214 -62.21 -17.93 34.31
CA LYS A 214 -60.93 -18.54 33.84
C LYS A 214 -59.73 -17.71 34.33
N TRP A 215 -59.97 -16.50 34.83
CA TRP A 215 -58.94 -15.61 35.44
C TRP A 215 -59.37 -15.27 36.86
N PRO A 216 -59.28 -16.23 37.82
CA PRO A 216 -59.89 -16.09 39.13
C PRO A 216 -59.37 -14.92 39.99
N LYS A 217 -58.04 -14.71 40.01
CA LYS A 217 -57.41 -13.61 40.78
C LYS A 217 -57.82 -12.26 40.16
N LEU A 218 -57.89 -12.20 38.83
CA LEU A 218 -58.34 -11.00 38.09
C LEU A 218 -59.81 -10.71 38.44
N GLN A 219 -60.65 -11.75 38.47
CA GLN A 219 -62.09 -11.61 38.86
C GLN A 219 -62.17 -11.11 40.31
N GLU A 220 -61.46 -11.75 41.23
CA GLU A 220 -61.39 -11.34 42.66
C GLU A 220 -61.00 -9.85 42.75
N TRP A 221 -59.96 -9.45 42.02
CA TRP A 221 -59.46 -8.05 41.97
C TRP A 221 -60.59 -7.13 41.51
N SER A 222 -61.28 -7.48 40.43
CA SER A 222 -62.37 -6.67 39.80
C SER A 222 -63.53 -6.50 40.79
N VAL A 223 -63.81 -7.53 41.60
CA VAL A 223 -64.86 -7.49 42.67
C VAL A 223 -64.38 -6.56 43.78
N ARG A 224 -63.12 -6.69 44.21
CA ARG A 224 -62.50 -5.87 45.28
C ARG A 224 -62.58 -4.38 44.87
N MET A 225 -62.23 -4.07 43.62
CA MET A 225 -62.34 -2.70 43.05
C MET A 225 -63.81 -2.24 43.07
N GLY A 226 -64.73 -3.10 42.60
CA GLY A 226 -66.18 -2.80 42.47
C GLY A 226 -66.84 -2.53 43.82
N GLU A 227 -66.28 -3.05 44.90
CA GLU A 227 -66.84 -2.88 46.28
C GLU A 227 -66.46 -1.50 46.84
N ARG A 228 -65.50 -0.81 46.23
CA ARG A 228 -65.11 0.57 46.62
C ARG A 228 -66.27 1.52 46.33
N GLU A 229 -66.60 2.41 47.28
CA GLU A 229 -67.82 3.27 47.24
C GLU A 229 -67.71 4.25 46.06
N ALA A 230 -66.53 4.85 45.86
CA ALA A 230 -66.25 5.79 44.75
C ALA A 230 -66.55 5.10 43.40
N VAL A 231 -66.18 3.83 43.26
CA VAL A 231 -66.36 3.02 42.01
C VAL A 231 -67.86 2.76 41.79
N LYS A 232 -68.60 2.43 42.86
CA LYS A 232 -70.06 2.20 42.80
C LYS A 232 -70.77 3.48 42.33
N ARG A 233 -70.48 4.61 42.99
CA ARG A 233 -71.05 5.95 42.66
C ARG A 233 -70.74 6.29 41.19
N ALA A 234 -69.50 6.09 40.74
CA ALA A 234 -69.04 6.38 39.36
C ALA A 234 -69.89 5.59 38.34
N TRP A 235 -70.05 4.29 38.54
CA TRP A 235 -70.81 3.39 37.62
C TRP A 235 -72.28 3.82 37.56
N GLN A 236 -72.88 4.11 38.71
CA GLN A 236 -74.31 4.52 38.82
C GLN A 236 -74.53 5.82 38.04
N ARG A 237 -73.67 6.81 38.25
CA ARG A 237 -73.82 8.17 37.67
C ARG A 237 -73.59 8.15 36.15
N VAL A 238 -72.61 7.37 35.68
CA VAL A 238 -72.20 7.38 34.24
C VAL A 238 -73.33 6.78 33.38
N ALA A 239 -74.01 5.75 33.89
CA ALA A 239 -75.18 5.11 33.23
C ALA A 239 -76.33 6.12 33.13
N GLY A 240 -76.50 6.98 34.13
CA GLY A 240 -77.64 7.90 34.28
C GLY A 240 -77.50 9.17 33.47
N PHE A 241 -76.28 9.58 33.12
CA PHE A 241 -76.00 10.84 32.38
C PHE A 241 -76.82 10.87 31.08
N GLY A 242 -77.55 11.98 30.86
CA GLY A 242 -78.37 12.21 29.67
C GLY A 242 -79.78 11.64 29.78
N HIS A 243 -80.09 10.92 30.86
CA HIS A 243 -81.41 10.24 31.07
C HIS A 243 -82.21 10.90 32.20
N GLY A 244 -81.66 11.97 32.81
CA GLY A 244 -82.29 12.70 33.92
C GLY A 244 -83.14 13.86 33.43
N GLU A 245 -83.23 14.92 34.24
CA GLU A 245 -83.97 16.18 33.93
C GLU A 245 -83.52 16.71 32.57
N LYS A 246 -82.19 16.77 32.35
CA LYS A 246 -81.56 17.35 31.14
C LYS A 246 -80.95 16.22 30.30
N GLU A 247 -81.20 16.27 28.98
CA GLU A 247 -80.76 15.24 28.00
C GLU A 247 -79.32 15.55 27.54
N TYR A 248 -79.03 16.82 27.23
CA TYR A 248 -77.73 17.29 26.69
C TYR A 248 -77.35 18.60 27.37
N GLY A 249 -76.05 18.92 27.37
CA GLY A 249 -75.51 20.17 27.93
C GLY A 249 -75.05 20.01 29.37
N MET A 250 -74.89 21.12 30.07
CA MET A 250 -74.39 21.17 31.47
C MET A 250 -75.48 20.66 32.42
N LEU A 251 -75.16 19.66 33.24
CA LEU A 251 -76.09 19.09 34.26
C LEU A 251 -76.04 19.95 35.53
N GLU A 252 -77.12 19.96 36.31
CA GLU A 252 -77.24 20.71 37.59
C GLU A 252 -76.65 19.89 38.73
N SER B 15 -36.85 -18.30 34.89
CA SER B 15 -35.49 -18.95 34.81
C SER B 15 -34.48 -18.08 35.57
N GLU B 16 -33.19 -18.17 35.24
CA GLU B 16 -32.11 -17.39 35.90
C GLU B 16 -31.63 -16.27 34.97
N ARG B 17 -31.28 -15.12 35.56
CA ARG B 17 -30.67 -13.96 34.87
C ARG B 17 -29.38 -14.40 34.20
N PRO B 18 -29.08 -13.95 32.95
CA PRO B 18 -27.81 -14.28 32.31
C PRO B 18 -26.63 -13.74 33.13
N SER B 19 -25.48 -14.43 33.06
CA SER B 19 -24.23 -14.16 33.80
C SER B 19 -23.84 -12.67 33.69
N ASP B 20 -24.06 -12.06 32.53
CA ASP B 20 -23.56 -10.71 32.18
C ASP B 20 -24.59 -9.61 32.48
N LEU B 21 -25.78 -9.95 33.00
CA LEU B 21 -26.81 -8.94 33.37
C LEU B 21 -26.61 -8.51 34.84
N VAL B 22 -26.07 -7.30 35.03
CA VAL B 22 -25.92 -6.63 36.37
C VAL B 22 -26.47 -5.20 36.24
N VAL B 23 -26.93 -4.64 37.35
CA VAL B 23 -27.61 -3.30 37.40
C VAL B 23 -26.78 -2.37 38.29
N ASN B 24 -25.71 -1.79 37.74
CA ASN B 24 -24.86 -0.75 38.38
C ASN B 24 -25.37 0.64 37.99
N ARG B 25 -26.21 0.71 36.96
CA ARG B 25 -26.79 1.97 36.41
C ARG B 25 -28.02 1.59 35.58
N LEU B 26 -28.68 2.56 34.97
CA LEU B 26 -29.85 2.27 34.09
C LEU B 26 -29.41 1.31 32.99
N VAL B 27 -30.11 0.18 32.85
CA VAL B 27 -29.88 -0.80 31.75
C VAL B 27 -31.09 -0.74 30.81
N LEU B 28 -30.87 -0.35 29.55
CA LEU B 28 -31.93 -0.35 28.50
C LEU B 28 -31.84 -1.66 27.72
N PHE B 29 -32.93 -2.43 27.72
CA PHE B 29 -33.06 -3.72 26.98
C PHE B 29 -33.55 -3.41 25.56
N VAL B 30 -32.83 -3.93 24.56
CA VAL B 30 -33.11 -3.75 23.11
C VAL B 30 -33.01 -5.11 22.43
N VAL B 31 -33.29 -5.17 21.13
CA VAL B 31 -33.03 -6.37 20.27
C VAL B 31 -32.14 -5.93 19.11
N LYS B 32 -31.64 -6.91 18.34
CA LYS B 32 -30.78 -6.68 17.15
C LYS B 32 -31.45 -5.62 16.26
N GLY B 33 -30.72 -4.55 15.95
CA GLY B 33 -31.19 -3.42 15.12
C GLY B 33 -31.60 -3.88 13.74
N THR B 34 -32.86 -3.63 13.37
CA THR B 34 -33.40 -3.74 11.99
C THR B 34 -34.31 -2.54 11.73
N ALA B 35 -34.78 -2.37 10.49
CA ALA B 35 -35.59 -1.22 10.04
C ALA B 35 -36.89 -1.12 10.84
N THR B 36 -37.38 -2.23 11.41
CA THR B 36 -38.69 -2.32 12.10
C THR B 36 -38.54 -2.83 13.54
N SER B 37 -37.32 -2.96 14.07
CA SER B 37 -37.06 -3.49 15.44
C SER B 37 -36.71 -2.36 16.43
N THR B 38 -36.59 -1.12 15.94
CA THR B 38 -35.95 0.00 16.69
C THR B 38 -36.94 1.15 16.97
N HIS B 39 -38.13 1.14 16.39
CA HIS B 39 -39.04 2.31 16.39
C HIS B 39 -39.59 2.58 17.79
N ASN B 40 -39.61 1.58 18.67
CA ASN B 40 -40.04 1.75 20.09
C ASN B 40 -38.81 1.90 21.00
N THR B 41 -37.75 1.12 20.80
CA THR B 41 -36.52 1.15 21.64
C THR B 41 -35.81 2.50 21.51
N VAL B 42 -35.90 3.16 20.34
CA VAL B 42 -35.20 4.46 20.08
C VAL B 42 -35.78 5.56 20.98
N LYS B 43 -37.03 5.41 21.46
CA LYS B 43 -37.73 6.47 22.24
C LYS B 43 -37.00 6.75 23.55
N PRO B 44 -36.84 5.77 24.47
CA PRO B 44 -36.08 6.01 25.70
C PRO B 44 -34.62 6.40 25.41
N LEU B 45 -34.02 5.83 24.36
CA LEU B 45 -32.61 6.11 23.99
C LEU B 45 -32.45 7.58 23.60
N ILE B 46 -33.39 8.15 22.83
CA ILE B 46 -33.41 9.61 22.51
C ILE B 46 -33.35 10.40 23.82
N LEU B 47 -34.22 10.10 24.79
CA LEU B 47 -34.35 10.89 26.04
C LEU B 47 -33.09 10.73 26.91
N LEU B 48 -32.51 9.53 26.95
CA LEU B 48 -31.22 9.24 27.65
C LEU B 48 -30.10 10.11 27.04
N GLU B 49 -30.04 10.16 25.71
CA GLU B 49 -29.06 10.97 24.94
C GLU B 49 -29.29 12.46 25.19
N GLU B 50 -30.56 12.90 25.26
CA GLU B 50 -30.94 14.31 25.49
C GLU B 50 -30.46 14.77 26.87
N LEU B 51 -30.68 13.95 27.90
CA LEU B 51 -30.38 14.31 29.31
C LEU B 51 -28.94 13.90 29.67
N GLY B 52 -28.27 13.13 28.80
CA GLY B 52 -26.90 12.62 29.04
C GLY B 52 -26.86 11.67 30.22
N VAL B 53 -27.90 10.84 30.37
CA VAL B 53 -28.06 9.88 31.50
C VAL B 53 -27.07 8.73 31.31
N PRO B 54 -26.25 8.39 32.32
CA PRO B 54 -25.35 7.23 32.21
C PRO B 54 -26.22 5.96 32.16
N HIS B 55 -25.92 5.07 31.21
CA HIS B 55 -26.73 3.85 30.96
C HIS B 55 -25.89 2.79 30.24
N ASP B 56 -26.28 1.53 30.40
CA ASP B 56 -25.80 0.37 29.62
C ASP B 56 -26.87 -0.04 28.62
N ILE B 57 -26.47 -0.82 27.62
CA ILE B 57 -27.37 -1.45 26.61
C ILE B 57 -27.24 -2.97 26.77
N TYR B 58 -28.38 -3.66 26.91
CA TYR B 58 -28.46 -5.14 26.90
C TYR B 58 -29.26 -5.57 25.66
N VAL B 59 -28.62 -6.34 24.77
CA VAL B 59 -29.26 -6.88 23.53
C VAL B 59 -29.85 -8.25 23.89
N VAL B 60 -31.18 -8.32 23.97
CA VAL B 60 -31.95 -9.57 24.25
C VAL B 60 -31.97 -10.39 22.95
N GLU B 61 -31.54 -11.66 23.02
CA GLU B 61 -31.60 -12.61 21.87
C GLU B 61 -33.06 -13.01 21.64
N LYS B 62 -33.75 -13.46 22.70
CA LYS B 62 -35.15 -13.95 22.66
C LYS B 62 -35.96 -13.27 23.78
N VAL B 63 -36.92 -12.43 23.39
CA VAL B 63 -37.85 -11.73 24.32
C VAL B 63 -38.81 -12.75 24.93
N SER B 64 -38.90 -13.96 24.34
CA SER B 64 -39.72 -15.10 24.83
C SER B 64 -39.03 -15.81 26.00
N ALA B 65 -37.75 -15.55 26.25
CA ALA B 65 -36.94 -16.19 27.32
C ALA B 65 -37.55 -15.89 28.69
N PRO B 66 -37.87 -16.93 29.51
CA PRO B 66 -38.47 -16.73 30.83
C PRO B 66 -37.82 -15.67 31.75
N TRP B 67 -36.49 -15.54 31.72
CA TRP B 67 -35.74 -14.55 32.56
C TRP B 67 -36.21 -13.13 32.21
N PHE B 68 -36.50 -12.85 30.94
CA PHE B 68 -36.88 -11.50 30.44
C PHE B 68 -38.29 -11.13 30.89
N SER B 69 -39.20 -12.11 30.94
CA SER B 69 -40.63 -11.90 31.34
C SER B 69 -40.70 -11.37 32.78
N GLU B 70 -39.71 -11.70 33.61
CA GLU B 70 -39.56 -11.22 35.01
C GLU B 70 -39.29 -9.70 35.01
N ILE B 71 -38.66 -9.19 33.95
CA ILE B 71 -38.37 -7.73 33.78
C ILE B 71 -39.56 -7.06 33.09
N ASN B 72 -40.08 -7.66 32.01
CA ASN B 72 -41.26 -7.16 31.27
C ASN B 72 -42.24 -8.32 31.05
N PRO B 73 -43.35 -8.38 31.82
CA PRO B 73 -44.33 -9.46 31.64
C PRO B 73 -45.03 -9.40 30.27
N HIS B 74 -44.90 -8.29 29.53
CA HIS B 74 -45.44 -8.16 28.14
C HIS B 74 -44.41 -8.70 27.12
N LYS B 75 -43.19 -9.02 27.58
CA LYS B 75 -42.17 -9.78 26.82
C LYS B 75 -41.78 -9.02 25.54
N MET B 76 -41.54 -7.71 25.66
CA MET B 76 -41.13 -6.85 24.52
C MET B 76 -40.06 -5.86 24.97
N VAL B 77 -39.36 -5.28 24.01
CA VAL B 77 -38.41 -4.14 24.19
C VAL B 77 -39.09 -2.89 23.66
N PRO B 78 -38.79 -1.68 24.20
CA PRO B 78 -37.82 -1.52 25.28
C PRO B 78 -38.34 -1.90 26.68
N ALA B 79 -37.40 -2.28 27.54
CA ALA B 79 -37.57 -2.42 29.00
C ALA B 79 -36.36 -1.79 29.69
N ILE B 80 -36.50 -1.42 30.97
CA ILE B 80 -35.41 -0.83 31.78
C ILE B 80 -35.36 -1.53 33.14
N LEU B 81 -34.15 -1.91 33.58
CA LEU B 81 -33.80 -2.12 35.01
C LEU B 81 -32.91 -0.96 35.43
N ASP B 82 -33.15 -0.40 36.61
CA ASP B 82 -32.36 0.71 37.17
C ASP B 82 -32.30 0.56 38.70
N ARG B 83 -31.32 1.19 39.33
CA ARG B 83 -31.21 1.34 40.79
C ARG B 83 -32.25 2.37 41.24
N SER B 84 -32.89 2.12 42.40
CA SER B 84 -33.79 3.08 43.08
C SER B 84 -33.00 4.32 43.47
N PRO B 85 -33.64 5.49 43.67
CA PRO B 85 -32.92 6.73 43.98
C PRO B 85 -31.85 6.63 45.08
N ASP B 86 -32.06 5.81 46.12
CA ASP B 86 -31.14 5.64 47.27
C ASP B 86 -30.08 4.57 46.95
N GLY B 87 -30.33 3.72 45.96
CA GLY B 87 -29.36 2.73 45.42
C GLY B 87 -29.51 1.36 46.05
N ARG B 88 -30.36 1.21 47.07
CA ARG B 88 -30.53 -0.04 47.86
C ARG B 88 -31.36 -1.06 47.07
N ASP B 89 -32.37 -0.61 46.33
CA ASP B 89 -33.33 -1.49 45.60
C ASP B 89 -33.19 -1.24 44.09
N THR B 90 -33.63 -2.21 43.27
CA THR B 90 -33.72 -2.09 41.79
C THR B 90 -35.19 -2.04 41.38
N LEU B 91 -35.53 -1.14 40.47
CA LEU B 91 -36.91 -1.00 39.93
C LEU B 91 -36.87 -1.24 38.41
N ARG B 92 -38.02 -1.24 37.76
CA ARG B 92 -38.15 -1.58 36.32
C ARG B 92 -39.14 -0.63 35.65
N ALA B 93 -38.95 -0.40 34.36
CA ALA B 93 -39.92 0.28 33.46
C ALA B 93 -40.04 -0.54 32.17
N TRP B 94 -41.25 -0.64 31.63
CA TRP B 94 -41.53 -1.38 30.37
C TRP B 94 -42.80 -0.82 29.72
N GLU B 95 -42.92 -1.00 28.40
CA GLU B 95 -43.73 -0.17 27.49
C GLU B 95 -42.96 1.13 27.23
N SER B 96 -42.72 1.47 25.96
CA SER B 96 -41.90 2.62 25.52
C SER B 96 -42.37 3.90 26.21
N THR B 97 -43.68 4.16 26.26
CA THR B 97 -44.24 5.38 26.89
C THR B 97 -43.85 5.40 28.37
N SER B 98 -43.90 4.25 29.06
CA SER B 98 -43.58 4.10 30.51
C SER B 98 -42.07 4.35 30.74
N THR B 99 -41.21 3.90 29.81
CA THR B 99 -39.74 4.13 29.89
C THR B 99 -39.47 5.65 29.83
N LEU B 100 -40.18 6.37 28.95
CA LEU B 100 -40.05 7.86 28.81
C LEU B 100 -40.48 8.54 30.11
N MET B 101 -41.60 8.11 30.70
CA MET B 101 -42.15 8.67 31.96
C MET B 101 -41.17 8.40 33.12
N TYR B 102 -40.62 7.18 33.20
CA TYR B 102 -39.64 6.80 34.26
C TYR B 102 -38.38 7.68 34.16
N ILE B 103 -37.79 7.76 32.96
CA ILE B 103 -36.52 8.49 32.73
C ILE B 103 -36.74 9.97 33.08
N ALA B 104 -37.88 10.54 32.67
CA ALA B 104 -38.26 11.95 32.99
C ALA B 104 -38.39 12.11 34.51
N ASP B 105 -39.05 11.16 35.18
CA ASP B 105 -39.32 11.18 36.64
C ASP B 105 -37.99 11.16 37.40
N ALA B 106 -37.09 10.23 37.05
CA ALA B 106 -35.84 9.95 37.78
C ALA B 106 -34.75 10.98 37.42
N TYR B 107 -34.63 11.38 36.14
CA TYR B 107 -33.43 12.08 35.61
C TYR B 107 -33.73 13.50 35.11
N ASP B 108 -34.99 13.85 34.82
CA ASP B 108 -35.36 15.19 34.30
C ASP B 108 -36.01 16.02 35.42
N LYS B 109 -35.24 16.39 36.43
CA LYS B 109 -35.78 16.98 37.69
C LYS B 109 -36.36 18.38 37.45
N ASP B 110 -35.83 19.14 36.47
CA ASP B 110 -36.32 20.50 36.14
C ASP B 110 -37.32 20.44 34.97
N GLY B 111 -37.78 19.25 34.60
CA GLY B 111 -38.94 19.01 33.70
C GLY B 111 -38.77 19.63 32.32
N THR B 112 -37.56 19.63 31.77
CA THR B 112 -37.24 20.14 30.42
C THR B 112 -38.03 19.34 29.37
N PHE B 113 -38.17 18.03 29.56
CA PHE B 113 -38.86 17.09 28.65
C PHE B 113 -40.12 16.50 29.29
N GLY B 114 -40.21 16.53 30.62
CA GLY B 114 -41.35 15.97 31.38
C GLY B 114 -42.46 16.98 31.63
N GLY B 115 -42.11 18.27 31.67
CA GLY B 115 -43.03 19.39 31.99
C GLY B 115 -42.73 19.98 33.35
N ARG B 116 -42.70 21.32 33.46
CA ARG B 116 -42.25 22.07 34.66
C ARG B 116 -43.42 22.37 35.60
N ASN B 117 -44.66 22.29 35.11
CA ASN B 117 -45.88 22.63 35.90
C ASN B 117 -47.09 21.85 35.36
N VAL B 118 -48.21 21.94 36.09
CA VAL B 118 -49.49 21.21 35.79
C VAL B 118 -49.95 21.55 34.36
N GLN B 119 -49.81 22.82 33.94
CA GLN B 119 -50.25 23.30 32.60
C GLN B 119 -49.46 22.59 31.50
N GLU B 120 -48.12 22.58 31.58
CA GLU B 120 -47.24 21.94 30.57
C GLU B 120 -47.51 20.43 30.53
N ARG B 121 -47.61 19.80 31.70
CA ARG B 121 -47.81 18.32 31.83
C ARG B 121 -49.19 17.93 31.28
N SER B 122 -50.21 18.79 31.42
CA SER B 122 -51.56 18.50 30.88
C SER B 122 -51.46 18.29 29.36
N GLU B 123 -50.77 19.17 28.64
CA GLU B 123 -50.67 19.07 27.15
C GLU B 123 -49.67 17.96 26.79
N ILE B 124 -48.55 17.82 27.52
CA ILE B 124 -47.55 16.74 27.26
C ILE B 124 -48.28 15.38 27.35
N ASN B 125 -49.04 15.18 28.42
CA ASN B 125 -49.75 13.88 28.69
C ASN B 125 -50.82 13.65 27.62
N ASN B 126 -51.49 14.71 27.16
CA ASN B 126 -52.53 14.62 26.09
C ASN B 126 -51.89 14.03 24.82
N TRP B 127 -50.80 14.63 24.34
CA TRP B 127 -50.18 14.25 23.03
C TRP B 127 -49.38 12.95 23.19
N LEU B 128 -48.77 12.72 24.35
CA LEU B 128 -48.07 11.44 24.67
C LEU B 128 -49.09 10.29 24.64
N THR B 129 -50.23 10.47 25.30
CA THR B 129 -51.28 9.41 25.44
C THR B 129 -51.95 9.16 24.08
N LEU B 130 -52.20 10.23 23.31
CA LEU B 130 -52.75 10.11 21.94
C LEU B 130 -51.88 9.13 21.15
N HIS B 131 -50.55 9.23 21.27
CA HIS B 131 -49.61 8.31 20.58
C HIS B 131 -49.74 6.91 21.17
N THR B 132 -49.70 6.80 22.50
CA THR B 132 -49.72 5.51 23.25
C THR B 132 -50.99 4.71 22.92
N ALA B 133 -52.12 5.39 22.67
CA ALA B 133 -53.46 4.77 22.55
C ALA B 133 -53.84 4.56 21.07
N ALA B 134 -53.50 5.53 20.21
CA ALA B 134 -53.98 5.61 18.80
C ALA B 134 -52.87 5.19 17.83
N LEU B 135 -51.96 6.11 17.43
CA LEU B 135 -50.98 5.86 16.34
C LEU B 135 -50.08 4.67 16.71
N GLY B 136 -49.58 4.63 17.95
CA GLY B 136 -48.69 3.55 18.44
C GLY B 136 -49.28 2.17 18.19
N PRO B 137 -50.40 1.81 18.86
CA PRO B 137 -51.01 0.49 18.68
C PRO B 137 -51.52 0.21 17.25
N THR B 138 -52.04 1.23 16.55
CA THR B 138 -52.53 1.13 15.16
C THR B 138 -51.37 0.71 14.25
N ALA B 139 -50.23 1.40 14.37
CA ALA B 139 -48.98 1.11 13.60
C ALA B 139 -48.53 -0.32 13.92
N LYS B 140 -48.58 -0.72 15.20
CA LYS B 140 -48.16 -2.07 15.65
C LYS B 140 -49.07 -3.13 15.03
N TYR B 141 -50.38 -2.90 15.03
CA TYR B 141 -51.37 -3.83 14.41
C TYR B 141 -51.16 -3.85 12.89
N TRP B 142 -50.92 -2.69 12.28
CA TRP B 142 -50.68 -2.60 10.81
C TRP B 142 -49.52 -3.53 10.43
N LEU B 143 -48.38 -3.39 11.12
CA LEU B 143 -47.15 -4.16 10.82
C LEU B 143 -47.39 -5.65 11.12
N TYR B 144 -48.13 -5.95 12.20
CA TYR B 144 -48.41 -7.36 12.60
C TYR B 144 -49.17 -8.07 11.48
N PHE B 145 -50.24 -7.46 10.98
CA PHE B 145 -51.11 -8.05 9.94
C PHE B 145 -50.39 -8.03 8.59
N TYR B 146 -49.55 -7.02 8.36
CA TYR B 146 -48.83 -6.80 7.06
C TYR B 146 -47.81 -7.92 6.81
N LYS B 147 -47.07 -8.38 7.83
CA LYS B 147 -45.96 -9.35 7.61
C LYS B 147 -45.83 -10.44 8.69
N LEU B 148 -46.48 -10.36 9.85
CA LEU B 148 -46.28 -11.35 10.95
C LEU B 148 -47.44 -12.37 11.01
N HIS B 149 -48.69 -11.95 10.77
CA HIS B 149 -49.87 -12.85 10.80
C HIS B 149 -49.75 -13.91 9.72
N PRO B 150 -49.92 -15.22 10.04
CA PRO B 150 -49.72 -16.30 9.07
C PRO B 150 -50.46 -16.10 7.73
N GLU B 151 -51.70 -15.63 7.81
CA GLU B 151 -52.53 -15.28 6.62
C GLU B 151 -52.50 -13.75 6.43
N LYS B 152 -52.55 -13.30 5.16
CA LYS B 152 -52.64 -11.86 4.80
C LYS B 152 -54.12 -11.48 4.72
N LEU B 153 -54.51 -10.41 5.43
CA LEU B 153 -55.91 -9.91 5.55
C LEU B 153 -55.94 -8.47 5.02
N PRO B 154 -55.99 -8.29 3.67
CA PRO B 154 -55.81 -6.97 3.06
C PRO B 154 -56.81 -5.89 3.52
N LYS B 155 -58.05 -6.27 3.79
CA LYS B 155 -59.14 -5.33 4.21
C LYS B 155 -58.80 -4.76 5.59
N THR B 156 -58.34 -5.60 6.52
CA THR B 156 -57.88 -5.21 7.87
C THR B 156 -56.65 -4.29 7.74
N ILE B 157 -55.67 -4.69 6.92
CA ILE B 157 -54.42 -3.90 6.68
C ILE B 157 -54.81 -2.52 6.14
N GLU B 158 -55.74 -2.46 5.18
CA GLU B 158 -56.19 -1.21 4.51
C GLU B 158 -56.85 -0.27 5.55
N LYS B 159 -57.70 -0.82 6.41
CA LYS B 159 -58.40 -0.03 7.46
C LYS B 159 -57.37 0.58 8.42
N LEU B 160 -56.39 -0.21 8.86
CA LEU B 160 -55.32 0.22 9.80
C LEU B 160 -54.47 1.31 9.14
N ARG B 161 -54.18 1.17 7.84
CA ARG B 161 -53.46 2.20 7.03
C ARG B 161 -54.26 3.51 7.03
N SER B 162 -55.57 3.42 6.77
CA SER B 162 -56.52 4.56 6.80
C SER B 162 -56.54 5.23 8.17
N ASN B 163 -56.53 4.46 9.26
CA ASN B 163 -56.51 4.98 10.66
C ASN B 163 -55.21 5.76 10.91
N ILE B 164 -54.09 5.34 10.31
CA ILE B 164 -52.78 6.06 10.43
C ILE B 164 -52.95 7.45 9.80
N THR B 165 -53.62 7.57 8.66
CA THR B 165 -53.80 8.87 7.95
C THR B 165 -54.63 9.81 8.84
N VAL B 166 -55.62 9.27 9.57
CA VAL B 166 -56.48 10.07 10.50
C VAL B 166 -55.61 10.61 11.65
N GLN B 167 -54.66 9.82 12.17
CA GLN B 167 -53.73 10.27 13.24
C GLN B 167 -52.81 11.37 12.70
N TYR B 168 -52.26 11.19 11.49
CA TYR B 168 -51.45 12.21 10.77
C TYR B 168 -52.26 13.51 10.62
N ASP B 169 -53.54 13.40 10.27
CA ASP B 169 -54.46 14.56 10.11
C ASP B 169 -54.53 15.36 11.42
N ILE B 170 -54.67 14.67 12.56
CA ILE B 170 -54.77 15.31 13.91
C ILE B 170 -53.44 16.01 14.24
N LEU B 171 -52.30 15.35 14.02
CA LEU B 171 -50.95 15.93 14.28
C LEU B 171 -50.74 17.16 13.38
N GLU B 172 -51.11 17.05 12.09
CA GLU B 172 -50.99 18.14 11.08
C GLU B 172 -51.78 19.36 11.55
N ARG B 173 -53.02 19.17 11.99
CA ARG B 173 -53.91 20.25 12.49
C ARG B 173 -53.22 20.95 13.67
N ARG B 174 -52.71 20.17 14.63
CA ARG B 174 -52.01 20.71 15.83
C ARG B 174 -50.82 21.57 15.39
N LEU B 175 -50.02 21.10 14.43
CA LEU B 175 -48.77 21.79 14.02
C LEU B 175 -49.07 22.95 13.07
N ASN B 176 -50.34 23.14 12.69
CA ASN B 176 -50.80 24.30 11.87
C ASN B 176 -51.26 25.43 12.79
N GLU B 177 -51.42 25.18 14.09
CA GLU B 177 -51.86 26.20 15.08
C GLU B 177 -50.75 27.25 15.23
N PRO B 178 -51.11 28.55 15.40
CA PRO B 178 -50.12 29.61 15.52
C PRO B 178 -49.04 29.34 16.59
N GLY B 179 -47.77 29.31 16.17
CA GLY B 179 -46.59 29.22 17.05
C GLY B 179 -46.33 27.82 17.58
N GLN B 180 -47.14 26.83 17.18
CA GLN B 180 -47.07 25.45 17.71
C GLN B 180 -45.94 24.68 17.00
N GLN B 181 -44.70 24.92 17.41
CA GLN B 181 -43.48 24.32 16.78
CA GLN B 181 -43.50 24.32 16.76
C GLN B 181 -43.40 22.82 17.12
N TYR B 182 -43.86 22.45 18.31
CA TYR B 182 -43.83 21.04 18.79
C TYR B 182 -45.26 20.62 19.16
N LEU B 183 -45.48 19.32 19.39
CA LEU B 183 -46.84 18.73 19.53
C LEU B 183 -47.49 19.23 20.82
N ALA B 184 -46.79 19.11 21.96
CA ALA B 184 -47.30 19.46 23.31
C ALA B 184 -47.10 20.96 23.58
N LEU B 185 -45.85 21.42 23.61
CA LEU B 185 -45.48 22.83 23.95
C LEU B 185 -45.07 23.58 22.68
N LYS B 186 -45.27 24.90 22.68
CA LYS B 186 -44.89 25.81 21.56
C LYS B 186 -43.37 25.94 21.48
N ASP B 187 -42.69 25.96 22.63
CA ASP B 187 -41.28 26.46 22.77
C ASP B 187 -40.27 25.34 22.51
N ARG B 188 -40.53 24.10 22.97
CA ARG B 188 -39.50 23.03 23.01
C ARG B 188 -40.13 21.66 22.83
N PRO B 189 -39.34 20.64 22.43
CA PRO B 189 -39.80 19.26 22.36
C PRO B 189 -39.90 18.61 23.75
N THR B 190 -40.81 17.65 23.89
CA THR B 190 -41.08 16.92 25.16
C THR B 190 -41.15 15.43 24.86
N ILE B 191 -41.39 14.60 25.87
CA ILE B 191 -41.54 13.12 25.73
C ILE B 191 -42.73 12.80 24.81
N ALA B 192 -43.69 13.71 24.63
CA ALA B 192 -44.78 13.57 23.63
C ALA B 192 -44.19 13.54 22.22
N ASP B 193 -43.30 14.48 21.91
CA ASP B 193 -42.62 14.59 20.59
C ASP B 193 -41.74 13.36 20.34
N ILE B 194 -40.96 12.95 21.34
CA ILE B 194 -40.04 11.78 21.26
C ILE B 194 -40.84 10.51 20.96
N ALA B 195 -41.95 10.28 21.68
CA ALA B 195 -42.82 9.09 21.52
C ALA B 195 -43.43 9.04 20.11
N THR B 196 -43.80 10.19 19.55
CA THR B 196 -44.52 10.30 18.24
C THR B 196 -43.53 10.16 17.07
N LEU B 197 -42.31 10.68 17.20
CA LEU B 197 -41.36 10.86 16.05
C LEU B 197 -41.18 9.57 15.24
N PRO B 198 -40.87 8.41 15.85
CA PRO B 198 -40.58 7.20 15.07
C PRO B 198 -41.71 6.70 14.16
N PHE B 199 -42.96 7.06 14.44
CA PHE B 199 -44.15 6.63 13.66
C PHE B 199 -44.69 7.77 12.80
N ALA B 200 -44.05 8.94 12.88
CA ALA B 200 -44.41 10.17 12.12
C ALA B 200 -43.15 10.79 11.50
N MET B 201 -42.44 10.02 10.67
CA MET B 201 -41.27 10.49 9.85
C MET B 201 -41.35 9.85 8.47
N LYS B 202 -40.65 10.42 7.48
CA LYS B 202 -40.81 10.06 6.05
C LYS B 202 -40.60 8.54 5.86
N SER B 203 -39.50 7.99 6.37
CA SER B 203 -39.13 6.56 6.22
C SER B 203 -40.26 5.66 6.71
N THR B 204 -40.85 5.95 7.86
CA THR B 204 -41.98 5.16 8.44
C THR B 204 -43.22 5.35 7.55
N ALA B 205 -43.50 6.58 7.12
CA ALA B 205 -44.65 6.91 6.25
C ALA B 205 -44.56 6.11 4.95
N GLU B 206 -43.34 5.98 4.40
CA GLU B 206 -43.07 5.21 3.15
C GLU B 206 -43.32 3.72 3.41
N LEU B 207 -42.88 3.19 4.56
CA LEU B 207 -43.15 1.78 4.97
C LEU B 207 -44.66 1.53 4.95
N PHE B 208 -45.48 2.48 5.42
CA PHE B 208 -46.97 2.35 5.50
C PHE B 208 -47.60 2.49 4.11
N GLY B 209 -46.83 2.95 3.12
CA GLY B 209 -47.30 3.18 1.74
C GLY B 209 -47.94 4.54 1.57
N LEU B 210 -47.53 5.52 2.39
CA LEU B 210 -48.11 6.89 2.43
C LEU B 210 -47.12 7.90 1.86
N GLU B 211 -47.62 8.96 1.23
CA GLU B 211 -46.82 10.13 0.77
C GLU B 211 -46.82 11.17 1.89
N PHE B 212 -45.66 11.34 2.55
CA PHE B 212 -45.53 12.12 3.81
C PHE B 212 -45.65 13.63 3.52
N GLU B 213 -45.48 14.03 2.26
CA GLU B 213 -45.57 15.45 1.81
C GLU B 213 -47.01 15.95 1.90
N LYS B 214 -47.99 15.06 2.06
CA LYS B 214 -49.44 15.41 2.22
C LYS B 214 -49.68 16.03 3.60
N TRP B 215 -48.73 15.89 4.53
CA TRP B 215 -48.78 16.47 5.89
C TRP B 215 -47.57 17.38 6.09
N PRO B 216 -47.56 18.59 5.45
CA PRO B 216 -46.34 19.39 5.36
C PRO B 216 -45.77 19.87 6.71
N LYS B 217 -46.62 20.39 7.61
CA LYS B 217 -46.19 20.87 8.94
C LYS B 217 -45.66 19.70 9.78
N LEU B 218 -46.27 18.52 9.65
CA LEU B 218 -45.83 17.27 10.33
C LEU B 218 -44.47 16.85 9.77
N GLN B 219 -44.28 16.96 8.46
CA GLN B 219 -42.97 16.64 7.82
C GLN B 219 -41.92 17.61 8.36
N GLU B 220 -42.20 18.93 8.31
CA GLU B 220 -41.28 19.98 8.81
C GLU B 220 -40.91 19.66 10.26
N TRP B 221 -41.92 19.36 11.09
CA TRP B 221 -41.74 19.00 12.52
C TRP B 221 -40.75 17.83 12.63
N SER B 222 -40.96 16.77 11.85
CA SER B 222 -40.16 15.51 11.89
C SER B 222 -38.70 15.82 11.53
N VAL B 223 -38.48 16.73 10.57
CA VAL B 223 -37.12 17.17 10.13
C VAL B 223 -36.48 17.97 11.27
N ARG B 224 -37.22 18.91 11.85
CA ARG B 224 -36.79 19.74 13.01
C ARG B 224 -36.35 18.83 14.17
N MET B 225 -37.13 17.79 14.49
CA MET B 225 -36.80 16.79 15.54
C MET B 225 -35.52 16.05 15.13
N GLY B 226 -35.44 15.59 13.88
CA GLY B 226 -34.34 14.78 13.33
C GLY B 226 -32.99 15.51 13.31
N GLU B 227 -33.00 16.85 13.33
CA GLU B 227 -31.79 17.69 13.30
C GLU B 227 -31.19 17.81 14.70
N ARG B 228 -31.93 17.42 15.75
CA ARG B 228 -31.43 17.41 17.15
C ARG B 228 -30.32 16.36 17.27
N GLU B 229 -29.19 16.73 17.89
CA GLU B 229 -27.97 15.88 17.97
C GLU B 229 -28.27 14.59 18.74
N ALA B 230 -29.07 14.67 19.81
CA ALA B 230 -29.44 13.50 20.65
C ALA B 230 -30.24 12.50 19.80
N VAL B 231 -31.13 12.99 18.95
CA VAL B 231 -31.99 12.14 18.06
C VAL B 231 -31.06 11.42 17.05
N LYS B 232 -30.15 12.17 16.42
CA LYS B 232 -29.14 11.62 15.48
C LYS B 232 -28.34 10.50 16.16
N ARG B 233 -27.81 10.76 17.36
CA ARG B 233 -26.98 9.79 18.12
C ARG B 233 -27.80 8.53 18.42
N ALA B 234 -29.07 8.68 18.80
CA ALA B 234 -29.98 7.56 19.14
C ALA B 234 -30.20 6.67 17.90
N TRP B 235 -30.53 7.26 16.76
CA TRP B 235 -30.78 6.50 15.50
C TRP B 235 -29.52 5.75 15.06
N GLN B 236 -28.36 6.41 15.13
CA GLN B 236 -27.03 5.78 14.86
C GLN B 236 -26.91 4.49 15.67
N ARG B 237 -27.03 4.62 17.00
CA ARG B 237 -26.67 3.57 17.98
C ARG B 237 -27.66 2.40 17.87
N VAL B 238 -28.96 2.69 17.77
CA VAL B 238 -30.03 1.67 17.81
C VAL B 238 -29.91 0.74 16.59
N ALA B 239 -29.51 1.27 15.43
CA ALA B 239 -29.30 0.46 14.19
C ALA B 239 -28.13 -0.51 14.40
N GLY B 240 -27.10 -0.09 15.16
CA GLY B 240 -25.85 -0.85 15.36
C GLY B 240 -25.97 -1.97 16.38
N PHE B 241 -26.86 -1.83 17.38
CA PHE B 241 -26.99 -2.78 18.52
C PHE B 241 -27.20 -4.20 17.97
N GLY B 242 -26.36 -5.14 18.42
CA GLY B 242 -26.41 -6.56 18.04
C GLY B 242 -25.61 -6.89 16.78
N HIS B 243 -25.03 -5.88 16.12
CA HIS B 243 -24.22 -6.07 14.88
C HIS B 243 -22.73 -5.85 15.17
N GLY B 244 -22.38 -5.43 16.39
CA GLY B 244 -20.98 -5.19 16.82
C GLY B 244 -20.26 -6.49 17.14
N GLU B 245 -19.19 -6.40 17.96
CA GLU B 245 -18.35 -7.56 18.36
C GLU B 245 -19.20 -8.54 19.19
N LYS B 246 -20.03 -8.03 20.09
CA LYS B 246 -21.01 -8.82 20.88
C LYS B 246 -22.37 -8.76 20.19
N GLU B 247 -22.89 -9.92 19.78
CA GLU B 247 -24.18 -10.06 19.04
C GLU B 247 -25.36 -9.94 20.01
N TYR B 248 -25.23 -10.55 21.19
CA TYR B 248 -26.28 -10.60 22.24
C TYR B 248 -25.64 -10.34 23.61
N GLY B 249 -26.43 -9.86 24.57
CA GLY B 249 -26.01 -9.66 25.97
C GLY B 249 -25.62 -8.22 26.25
N MET B 250 -24.88 -8.00 27.34
CA MET B 250 -24.47 -6.67 27.85
C MET B 250 -23.34 -6.12 26.98
N LEU B 251 -23.58 -5.00 26.30
CA LEU B 251 -22.58 -4.33 25.42
C LEU B 251 -21.51 -3.67 26.28
N GLU B 252 -20.31 -3.49 25.74
CA GLU B 252 -19.12 -2.93 26.45
C GLU B 252 -19.32 -1.43 26.65
N MET C 14 -27.13 -2.21 -14.06
CA MET C 14 -26.78 -1.17 -13.03
C MET C 14 -25.58 -0.34 -13.52
N SER C 15 -25.68 0.22 -14.73
CA SER C 15 -24.60 0.96 -15.43
C SER C 15 -24.81 2.47 -15.33
N GLU C 16 -25.93 2.91 -14.77
CA GLU C 16 -26.21 4.35 -14.49
C GLU C 16 -26.00 4.61 -12.99
N ARG C 17 -25.44 5.77 -12.66
CA ARG C 17 -25.23 6.22 -11.26
C ARG C 17 -26.59 6.47 -10.63
N PRO C 18 -26.87 5.93 -9.42
CA PRO C 18 -28.18 6.14 -8.79
C PRO C 18 -28.44 7.63 -8.57
N SER C 19 -29.72 8.04 -8.63
CA SER C 19 -30.17 9.44 -8.51
C SER C 19 -29.76 10.03 -7.16
N ASP C 20 -29.75 9.22 -6.10
CA ASP C 20 -29.57 9.67 -4.69
C ASP C 20 -28.09 9.96 -4.40
N LEU C 21 -27.17 9.60 -5.30
CA LEU C 21 -25.72 9.86 -5.11
C LEU C 21 -25.39 11.29 -5.57
N VAL C 22 -25.28 12.22 -4.62
CA VAL C 22 -24.84 13.63 -4.84
C VAL C 22 -23.65 13.91 -3.94
N VAL C 23 -22.70 14.71 -4.41
CA VAL C 23 -21.43 15.03 -3.68
C VAL C 23 -21.44 16.51 -3.32
N ASN C 24 -22.19 16.85 -2.26
CA ASN C 24 -22.21 18.19 -1.63
C ASN C 24 -21.12 18.26 -0.56
N ARG C 25 -20.62 17.10 -0.14
CA ARG C 25 -19.54 16.94 0.88
C ARG C 25 -18.88 15.57 0.68
N LEU C 26 -17.90 15.22 1.51
CA LEU C 26 -17.23 13.89 1.46
C LEU C 26 -18.31 12.80 1.56
N VAL C 27 -18.30 11.86 0.63
CA VAL C 27 -19.20 10.66 0.63
C VAL C 27 -18.31 9.43 0.81
N LEU C 28 -18.46 8.74 1.94
CA LEU C 28 -17.81 7.43 2.21
C LEU C 28 -18.73 6.31 1.74
N PHE C 29 -18.25 5.47 0.83
CA PHE C 29 -18.95 4.27 0.32
C PHE C 29 -18.65 3.09 1.23
N VAL C 30 -19.70 2.41 1.71
CA VAL C 30 -19.62 1.21 2.60
C VAL C 30 -20.54 0.13 2.03
N VAL C 31 -20.57 -1.05 2.68
CA VAL C 31 -21.60 -2.10 2.45
C VAL C 31 -22.32 -2.34 3.77
N LYS C 32 -23.39 -3.15 3.73
CA LYS C 32 -24.20 -3.55 4.90
C LYS C 32 -23.27 -4.13 5.97
N GLY C 33 -23.36 -3.63 7.21
CA GLY C 33 -22.54 -4.09 8.34
C GLY C 33 -22.74 -5.58 8.62
N THR C 34 -21.65 -6.36 8.58
CA THR C 34 -21.61 -7.77 9.04
C THR C 34 -20.35 -7.94 9.91
N ALA C 35 -20.08 -9.16 10.37
CA ALA C 35 -18.95 -9.50 11.26
C ALA C 35 -17.61 -9.35 10.51
N THR C 36 -17.61 -9.34 9.18
CA THR C 36 -16.37 -9.32 8.34
C THR C 36 -16.37 -8.16 7.34
N SER C 37 -17.47 -7.41 7.18
CA SER C 37 -17.63 -6.41 6.09
C SER C 37 -17.15 -5.02 6.50
N THR C 38 -16.71 -4.81 7.75
CA THR C 38 -16.44 -3.46 8.32
C THR C 38 -14.95 -3.20 8.61
N HIS C 39 -14.07 -4.20 8.59
CA HIS C 39 -12.67 -4.09 9.07
C HIS C 39 -11.88 -3.09 8.25
N ASN C 40 -12.23 -2.88 6.97
CA ASN C 40 -11.53 -1.90 6.09
C ASN C 40 -12.30 -0.57 6.07
N THR C 41 -13.63 -0.60 5.98
CA THR C 41 -14.46 0.64 5.90
C THR C 41 -14.35 1.43 7.21
N VAL C 42 -14.11 0.77 8.36
CA VAL C 42 -14.02 1.45 9.68
C VAL C 42 -12.82 2.41 9.70
N LYS C 43 -11.78 2.14 8.90
CA LYS C 43 -10.49 2.88 8.95
C LYS C 43 -10.71 4.36 8.61
N PRO C 44 -11.20 4.71 7.40
CA PRO C 44 -11.47 6.11 7.08
C PRO C 44 -12.51 6.73 8.05
N LEU C 45 -13.52 5.96 8.43
CA LEU C 45 -14.60 6.42 9.36
C LEU C 45 -13.97 6.87 10.68
N ILE C 46 -13.02 6.11 11.23
CA ILE C 46 -12.28 6.49 12.48
C ILE C 46 -11.68 7.89 12.30
N LEU C 47 -10.96 8.14 11.21
CA LEU C 47 -10.25 9.42 10.97
C LEU C 47 -11.27 10.55 10.75
N LEU C 48 -12.35 10.29 10.02
CA LEU C 48 -13.46 11.26 9.82
C LEU C 48 -14.03 11.66 11.19
N GLU C 49 -14.22 10.70 12.10
CA GLU C 49 -14.78 10.92 13.46
C GLU C 49 -13.76 11.70 14.31
N GLU C 50 -12.48 11.31 14.26
CA GLU C 50 -11.36 11.94 15.01
C GLU C 50 -11.24 13.44 14.67
N LEU C 51 -11.36 13.79 13.39
CA LEU C 51 -11.17 15.18 12.88
C LEU C 51 -12.50 15.96 12.85
N GLY C 52 -13.63 15.27 13.02
CA GLY C 52 -14.98 15.87 12.95
C GLY C 52 -15.28 16.38 11.55
N VAL C 53 -14.87 15.62 10.51
CA VAL C 53 -15.08 15.97 9.08
C VAL C 53 -16.55 15.76 8.74
N PRO C 54 -17.25 16.77 8.17
CA PRO C 54 -18.64 16.59 7.75
C PRO C 54 -18.65 15.68 6.51
N HIS C 55 -19.50 14.65 6.53
CA HIS C 55 -19.51 13.57 5.50
C HIS C 55 -20.87 12.88 5.41
N ASP C 56 -21.11 12.22 4.28
CA ASP C 56 -22.28 11.34 4.06
C ASP C 56 -21.80 9.89 4.00
N ILE C 57 -22.71 8.95 4.21
CA ILE C 57 -22.49 7.48 4.07
C ILE C 57 -23.37 7.00 2.91
N TYR C 58 -22.78 6.30 1.95
CA TYR C 58 -23.51 5.62 0.85
C TYR C 58 -23.30 4.11 0.98
N VAL C 59 -24.38 3.38 1.26
CA VAL C 59 -24.37 1.89 1.39
C VAL C 59 -24.52 1.30 -0.01
N VAL C 60 -23.45 0.70 -0.54
CA VAL C 60 -23.45 0.07 -1.90
C VAL C 60 -24.10 -1.32 -1.77
N GLU C 61 -25.17 -1.56 -2.53
CA GLU C 61 -25.92 -2.84 -2.55
C GLU C 61 -25.02 -3.93 -3.17
N LYS C 62 -24.41 -3.63 -4.32
CA LYS C 62 -23.53 -4.58 -5.06
C LYS C 62 -22.30 -3.83 -5.60
N VAL C 63 -21.13 -4.15 -5.05
CA VAL C 63 -19.84 -3.49 -5.44
C VAL C 63 -19.46 -3.87 -6.87
N SER C 64 -20.11 -4.90 -7.45
CA SER C 64 -19.93 -5.38 -8.84
C SER C 64 -20.59 -4.43 -9.85
N ALA C 65 -21.55 -3.61 -9.40
CA ALA C 65 -22.35 -2.69 -10.25
C ALA C 65 -21.42 -1.81 -11.08
N PRO C 66 -21.54 -1.80 -12.43
CA PRO C 66 -20.69 -0.95 -13.27
C PRO C 66 -20.58 0.53 -12.86
N TRP C 67 -21.63 1.14 -12.32
CA TRP C 67 -21.59 2.56 -11.89
C TRP C 67 -20.52 2.74 -10.80
N PHE C 68 -20.37 1.76 -9.90
CA PHE C 68 -19.43 1.82 -8.75
C PHE C 68 -17.99 1.70 -9.24
N SER C 69 -17.73 0.87 -10.26
CA SER C 69 -16.37 0.65 -10.83
C SER C 69 -15.80 1.96 -11.38
N GLU C 70 -16.67 2.92 -11.75
CA GLU C 70 -16.27 4.29 -12.20
C GLU C 70 -15.66 5.06 -11.02
N ILE C 71 -16.10 4.76 -9.80
CA ILE C 71 -15.62 5.40 -8.54
C ILE C 71 -14.40 4.63 -8.04
N ASN C 72 -14.49 3.30 -7.98
CA ASN C 72 -13.38 2.41 -7.57
C ASN C 72 -13.23 1.28 -8.59
N PRO C 73 -12.19 1.32 -9.47
CA PRO C 73 -12.00 0.26 -10.46
C PRO C 73 -11.65 -1.10 -9.83
N HIS C 74 -11.24 -1.12 -8.56
CA HIS C 74 -10.97 -2.37 -7.78
C HIS C 74 -12.29 -2.95 -7.24
N LYS C 75 -13.40 -2.20 -7.32
CA LYS C 75 -14.79 -2.67 -7.05
C LYS C 75 -14.92 -3.17 -5.61
N MET C 76 -14.42 -2.38 -4.66
CA MET C 76 -14.46 -2.71 -3.21
C MET C 76 -14.75 -1.43 -2.41
N VAL C 77 -15.15 -1.60 -1.15
CA VAL C 77 -15.29 -0.52 -0.14
C VAL C 77 -14.17 -0.70 0.87
N PRO C 78 -13.66 0.39 1.50
CA PRO C 78 -14.17 1.74 1.28
C PRO C 78 -13.71 2.42 -0.01
N ALA C 79 -14.53 3.35 -0.49
CA ALA C 79 -14.20 4.35 -1.52
C ALA C 79 -14.73 5.70 -1.04
N ILE C 80 -14.18 6.79 -1.57
CA ILE C 80 -14.61 8.19 -1.26
C ILE C 80 -14.77 8.97 -2.57
N LEU C 81 -15.89 9.69 -2.71
CA LEU C 81 -16.03 10.87 -3.60
C LEU C 81 -16.06 12.12 -2.70
N ASP C 82 -15.42 13.20 -3.15
CA ASP C 82 -15.40 14.50 -2.42
C ASP C 82 -15.25 15.64 -3.44
N ARG C 83 -15.61 16.85 -3.02
CA ARG C 83 -15.34 18.11 -3.77
C ARG C 83 -13.84 18.41 -3.66
N SER C 84 -13.22 18.91 -4.73
CA SER C 84 -11.84 19.45 -4.74
C SER C 84 -11.79 20.65 -3.78
N PRO C 85 -10.60 21.00 -3.24
CA PRO C 85 -10.49 22.13 -2.30
C PRO C 85 -11.20 23.42 -2.71
N ASP C 86 -11.30 23.72 -4.00
CA ASP C 86 -11.94 24.96 -4.53
C ASP C 86 -13.42 24.69 -4.87
N GLY C 87 -13.79 23.43 -5.09
CA GLY C 87 -15.19 22.98 -5.22
C GLY C 87 -15.69 22.99 -6.66
N ARG C 88 -14.79 23.23 -7.64
CA ARG C 88 -15.12 23.24 -9.09
C ARG C 88 -15.15 21.81 -9.65
N ASP C 89 -14.37 20.91 -9.04
CA ASP C 89 -14.16 19.51 -9.53
C ASP C 89 -14.35 18.53 -8.37
N THR C 90 -14.59 17.26 -8.69
CA THR C 90 -14.67 16.14 -7.71
C THR C 90 -13.44 15.26 -7.88
N LEU C 91 -12.87 14.77 -6.77
CA LEU C 91 -11.82 13.71 -6.80
C LEU C 91 -12.35 12.47 -6.07
N ARG C 92 -11.59 11.38 -6.12
CA ARG C 92 -11.94 10.07 -5.53
C ARG C 92 -10.74 9.52 -4.78
N ALA C 93 -10.99 8.73 -3.74
CA ALA C 93 -10.00 7.91 -3.02
C ALA C 93 -10.55 6.49 -2.87
N TRP C 94 -9.72 5.48 -3.08
CA TRP C 94 -10.09 4.04 -2.92
C TRP C 94 -8.84 3.23 -2.60
N GLU C 95 -9.05 2.06 -1.98
CA GLU C 95 -8.10 1.38 -1.05
C GLU C 95 -8.14 2.13 0.30
N SER C 96 -8.37 1.40 1.40
CA SER C 96 -8.53 1.94 2.77
C SER C 96 -7.34 2.85 3.12
N THR C 97 -6.12 2.37 2.88
CA THR C 97 -4.87 3.14 3.14
C THR C 97 -4.89 4.47 2.38
N SER C 98 -5.35 4.47 1.13
CA SER C 98 -5.45 5.68 0.27
C SER C 98 -6.50 6.64 0.83
N THR C 99 -7.64 6.13 1.32
CA THR C 99 -8.72 6.96 1.92
C THR C 99 -8.16 7.68 3.17
N LEU C 100 -7.31 7.02 3.95
CA LEU C 100 -6.64 7.63 5.13
C LEU C 100 -5.70 8.75 4.67
N MET C 101 -4.94 8.51 3.60
CA MET C 101 -3.97 9.50 3.06
C MET C 101 -4.73 10.71 2.51
N TYR C 102 -5.84 10.49 1.80
CA TYR C 102 -6.67 11.60 1.25
C TYR C 102 -7.25 12.45 2.38
N ILE C 103 -7.95 11.82 3.34
CA ILE C 103 -8.63 12.54 4.46
C ILE C 103 -7.58 13.37 5.23
N ALA C 104 -6.41 12.79 5.50
CA ALA C 104 -5.28 13.48 6.17
C ALA C 104 -4.85 14.69 5.33
N ASP C 105 -4.65 14.49 4.02
CA ASP C 105 -4.21 15.56 3.09
C ASP C 105 -5.22 16.72 3.12
N ALA C 106 -6.51 16.44 2.93
CA ALA C 106 -7.57 17.45 2.73
C ALA C 106 -7.99 18.10 4.06
N TYR C 107 -8.01 17.36 5.18
CA TYR C 107 -8.73 17.75 6.42
C TYR C 107 -7.83 17.79 7.66
N ASP C 108 -6.63 17.20 7.62
CA ASP C 108 -5.69 17.18 8.77
C ASP C 108 -4.52 18.11 8.49
N LYS C 109 -4.79 19.41 8.36
CA LYS C 109 -3.79 20.41 7.90
C LYS C 109 -3.00 20.96 9.10
N ASP C 110 -3.19 20.37 10.29
CA ASP C 110 -2.27 20.52 11.46
C ASP C 110 -1.37 19.27 11.58
N GLY C 111 -1.60 18.24 10.76
CA GLY C 111 -0.79 17.01 10.70
C GLY C 111 -0.89 16.19 11.98
N THR C 112 -2.01 16.28 12.71
CA THR C 112 -2.22 15.59 14.00
C THR C 112 -2.18 14.07 13.79
N PHE C 113 -2.74 13.58 12.68
CA PHE C 113 -2.79 12.13 12.31
C PHE C 113 -1.90 11.84 11.09
N GLY C 114 -1.64 12.85 10.24
CA GLY C 114 -0.86 12.70 9.00
C GLY C 114 0.63 12.84 9.24
N GLY C 115 1.02 13.69 10.20
CA GLY C 115 2.43 14.01 10.51
C GLY C 115 2.72 15.47 10.24
N ARG C 116 3.47 16.13 11.14
CA ARG C 116 3.68 17.60 11.15
C ARG C 116 4.96 17.98 10.39
N ASN C 117 5.92 17.06 10.29
CA ASN C 117 7.22 17.29 9.59
C ASN C 117 7.65 16.01 8.86
N VAL C 118 8.73 16.09 8.09
CA VAL C 118 9.31 14.96 7.31
C VAL C 118 9.63 13.79 8.25
N GLN C 119 10.20 14.07 9.42
CA GLN C 119 10.63 13.05 10.42
C GLN C 119 9.40 12.25 10.89
N GLU C 120 8.32 12.93 11.28
CA GLU C 120 7.05 12.27 11.71
C GLU C 120 6.51 11.42 10.56
N ARG C 121 6.40 12.01 9.36
CA ARG C 121 5.76 11.35 8.19
C ARG C 121 6.56 10.11 7.78
N SER C 122 7.89 10.11 7.96
CA SER C 122 8.78 8.97 7.61
C SER C 122 8.37 7.74 8.42
N GLU C 123 8.17 7.88 9.74
CA GLU C 123 7.75 6.75 10.62
C GLU C 123 6.28 6.40 10.37
N ILE C 124 5.41 7.41 10.19
CA ILE C 124 3.96 7.16 9.94
C ILE C 124 3.83 6.31 8.66
N ASN C 125 4.50 6.71 7.59
CA ASN C 125 4.42 6.04 6.26
C ASN C 125 5.02 4.64 6.34
N ASN C 126 6.08 4.45 7.14
CA ASN C 126 6.72 3.12 7.38
C ASN C 126 5.67 2.14 7.93
N TRP C 127 5.04 2.49 9.05
CA TRP C 127 4.11 1.59 9.78
C TRP C 127 2.79 1.46 9.02
N LEU C 128 2.34 2.54 8.36
CA LEU C 128 1.14 2.52 7.48
C LEU C 128 1.37 1.55 6.33
N THR C 129 2.52 1.64 5.65
CA THR C 129 2.87 0.79 4.48
C THR C 129 3.08 -0.65 4.92
N LEU C 130 3.68 -0.89 6.09
CA LEU C 130 3.88 -2.26 6.64
C LEU C 130 2.53 -2.98 6.72
N HIS C 131 1.49 -2.29 7.20
CA HIS C 131 0.11 -2.85 7.26
C HIS C 131 -0.42 -3.07 5.84
N THR C 132 -0.29 -2.06 4.98
CA THR C 132 -0.86 -2.05 3.60
C THR C 132 -0.31 -3.24 2.79
N ALA C 133 0.96 -3.58 2.97
CA ALA C 133 1.68 -4.60 2.16
C ALA C 133 1.65 -5.99 2.83
N ALA C 134 1.70 -6.07 4.15
CA ALA C 134 1.91 -7.34 4.89
C ALA C 134 0.61 -7.81 5.54
N LEU C 135 0.27 -7.31 6.73
CA LEU C 135 -0.86 -7.83 7.55
C LEU C 135 -2.19 -7.67 6.79
N GLY C 136 -2.43 -6.50 6.21
CA GLY C 136 -3.65 -6.20 5.44
C GLY C 136 -3.95 -7.27 4.39
N PRO C 137 -3.13 -7.39 3.33
CA PRO C 137 -3.33 -8.40 2.29
C PRO C 137 -3.30 -9.86 2.77
N THR C 138 -2.43 -10.18 3.73
CA THR C 138 -2.31 -11.54 4.33
C THR C 138 -3.64 -11.91 5.00
N ALA C 139 -4.18 -11.03 5.84
CA ALA C 139 -5.49 -11.20 6.51
C ALA C 139 -6.60 -11.39 5.46
N LYS C 140 -6.60 -10.56 4.41
CA LYS C 140 -7.59 -10.61 3.31
C LYS C 140 -7.50 -11.96 2.60
N TYR C 141 -6.28 -12.47 2.37
CA TYR C 141 -6.04 -13.78 1.71
C TYR C 141 -6.48 -14.91 2.65
N TRP C 142 -6.14 -14.79 3.94
CA TRP C 142 -6.53 -15.77 4.99
C TRP C 142 -8.05 -15.96 4.97
N LEU C 143 -8.80 -14.86 5.04
CA LEU C 143 -10.29 -14.91 5.08
C LEU C 143 -10.83 -15.45 3.76
N TYR C 144 -10.20 -15.12 2.62
CA TYR C 144 -10.64 -15.59 1.28
C TYR C 144 -10.61 -17.12 1.23
N PHE C 145 -9.47 -17.71 1.61
CA PHE C 145 -9.21 -19.18 1.53
C PHE C 145 -10.00 -19.92 2.61
N TYR C 146 -10.17 -19.30 3.79
CA TYR C 146 -10.88 -19.88 4.96
C TYR C 146 -12.38 -20.02 4.65
N LYS C 147 -12.97 -19.01 3.99
CA LYS C 147 -14.43 -18.81 3.91
C LYS C 147 -14.95 -18.87 2.47
N LEU C 148 -14.28 -18.20 1.51
CA LEU C 148 -14.90 -17.83 0.21
C LEU C 148 -14.46 -18.77 -0.92
N HIS C 149 -13.24 -19.29 -0.90
CA HIS C 149 -12.72 -20.20 -1.97
C HIS C 149 -13.57 -21.47 -2.01
N PRO C 150 -14.02 -21.94 -3.20
CA PRO C 150 -14.86 -23.13 -3.30
C PRO C 150 -14.33 -24.34 -2.49
N GLU C 151 -13.04 -24.61 -2.59
CA GLU C 151 -12.33 -25.67 -1.83
C GLU C 151 -11.68 -25.07 -0.59
N LYS C 152 -11.58 -25.86 0.49
CA LYS C 152 -10.72 -25.56 1.67
C LYS C 152 -9.31 -26.03 1.34
N LEU C 153 -8.30 -25.18 1.58
CA LEU C 153 -6.87 -25.49 1.35
C LEU C 153 -6.11 -25.25 2.66
N PRO C 154 -6.21 -26.18 3.64
CA PRO C 154 -5.64 -25.98 4.97
C PRO C 154 -4.14 -25.63 5.04
N LYS C 155 -3.33 -26.13 4.10
CA LYS C 155 -1.87 -25.89 4.04
C LYS C 155 -1.62 -24.39 3.82
N THR C 156 -2.34 -23.80 2.87
CA THR C 156 -2.30 -22.35 2.51
C THR C 156 -2.85 -21.51 3.67
N ILE C 157 -3.97 -21.94 4.26
CA ILE C 157 -4.65 -21.23 5.40
C ILE C 157 -3.69 -21.19 6.60
N GLU C 158 -2.97 -22.29 6.85
CA GLU C 158 -2.01 -22.43 7.99
C GLU C 158 -0.84 -21.46 7.77
N LYS C 159 -0.32 -21.37 6.55
CA LYS C 159 0.84 -20.50 6.20
C LYS C 159 0.46 -19.03 6.37
N LEU C 160 -0.74 -18.65 5.93
CA LEU C 160 -1.26 -17.26 6.04
C LEU C 160 -1.47 -16.90 7.52
N ARG C 161 -1.98 -17.85 8.32
CA ARG C 161 -2.16 -17.69 9.79
C ARG C 161 -0.78 -17.47 10.44
N SER C 162 0.21 -18.29 10.07
CA SER C 162 1.62 -18.19 10.54
C SER C 162 2.18 -16.79 10.23
N ASN C 163 1.92 -16.27 9.02
CA ASN C 163 2.41 -14.94 8.55
C ASN C 163 1.79 -13.83 9.41
N ILE C 164 0.52 -13.99 9.82
CA ILE C 164 -0.18 -13.02 10.70
C ILE C 164 0.57 -12.90 12.04
N THR C 165 1.07 -14.02 12.58
CA THR C 165 1.79 -14.04 13.89
C THR C 165 3.14 -13.32 13.77
N VAL C 166 3.79 -13.41 12.58
CA VAL C 166 5.08 -12.72 12.28
C VAL C 166 4.83 -11.20 12.28
N GLN C 167 3.70 -10.76 11.73
CA GLN C 167 3.31 -9.32 11.72
C GLN C 167 3.04 -8.86 13.17
N TYR C 168 2.32 -9.66 13.96
CA TYR C 168 2.03 -9.38 15.38
C TYR C 168 3.36 -9.26 16.15
N ASP C 169 4.32 -10.15 15.86
CA ASP C 169 5.67 -10.15 16.50
C ASP C 169 6.38 -8.81 16.23
N ILE C 170 6.33 -8.32 14.99
CA ILE C 170 6.97 -7.03 14.59
C ILE C 170 6.30 -5.88 15.36
N LEU C 171 4.98 -5.83 15.38
CA LEU C 171 4.19 -4.77 16.08
C LEU C 171 4.48 -4.84 17.58
N GLU C 172 4.56 -6.06 18.14
CA GLU C 172 4.82 -6.32 19.58
C GLU C 172 6.22 -5.78 19.94
N ARG C 173 7.22 -6.08 19.11
CA ARG C 173 8.62 -5.61 19.31
C ARG C 173 8.64 -4.07 19.36
N ARG C 174 7.97 -3.43 18.39
CA ARG C 174 7.87 -1.93 18.30
C ARG C 174 7.27 -1.36 19.60
N LEU C 175 6.17 -1.92 20.09
CA LEU C 175 5.42 -1.39 21.26
C LEU C 175 6.11 -1.75 22.57
N ASN C 176 7.18 -2.56 22.52
CA ASN C 176 8.03 -2.92 23.69
C ASN C 176 9.20 -1.96 23.81
N GLU C 177 9.40 -1.07 22.83
CA GLU C 177 10.48 -0.03 22.86
C GLU C 177 10.10 1.03 23.89
N PRO C 178 11.08 1.58 24.64
CA PRO C 178 10.76 2.55 25.70
C PRO C 178 9.96 3.77 25.22
N GLY C 179 8.80 4.01 25.84
CA GLY C 179 7.95 5.19 25.62
C GLY C 179 7.16 5.12 24.32
N GLN C 180 7.23 3.99 23.60
CA GLN C 180 6.56 3.81 22.28
C GLN C 180 5.11 3.37 22.54
N GLN C 181 4.23 4.34 22.82
CA GLN C 181 2.81 4.10 23.18
C GLN C 181 1.99 3.79 21.92
N TYR C 182 2.41 4.30 20.75
CA TYR C 182 1.73 4.10 19.45
C TYR C 182 2.78 3.66 18.40
N LEU C 183 2.32 3.06 17.30
CA LEU C 183 3.16 2.35 16.31
C LEU C 183 4.17 3.30 15.67
N ALA C 184 3.71 4.43 15.15
CA ALA C 184 4.54 5.40 14.39
C ALA C 184 5.21 6.37 15.37
N LEU C 185 4.42 7.11 16.14
CA LEU C 185 4.90 8.18 17.06
C LEU C 185 4.72 7.71 18.50
N LYS C 186 5.54 8.24 19.42
CA LYS C 186 5.53 7.89 20.86
C LYS C 186 4.32 8.57 21.52
N ASP C 187 4.00 9.80 21.11
CA ASP C 187 3.09 10.73 21.84
C ASP C 187 1.62 10.47 21.50
N ARG C 188 1.29 10.17 20.24
CA ARG C 188 -0.13 10.19 19.78
C ARG C 188 -0.37 9.18 18.66
N PRO C 189 -1.63 8.74 18.47
CA PRO C 189 -1.98 7.83 17.37
C PRO C 189 -1.96 8.57 16.04
N THR C 190 -1.71 7.85 14.94
CA THR C 190 -1.65 8.38 13.56
C THR C 190 -2.42 7.43 12.64
N ILE C 191 -2.43 7.72 11.34
CA ILE C 191 -3.16 6.93 10.31
C ILE C 191 -2.56 5.51 10.26
N ALA C 192 -1.30 5.35 10.67
CA ALA C 192 -0.63 4.03 10.82
C ALA C 192 -1.35 3.17 11.86
N ASP C 193 -1.70 3.76 13.01
CA ASP C 193 -2.41 3.06 14.11
C ASP C 193 -3.84 2.73 13.68
N ILE C 194 -4.49 3.66 12.97
CA ILE C 194 -5.90 3.51 12.51
C ILE C 194 -5.97 2.37 11.48
N ALA C 195 -5.03 2.32 10.55
CA ALA C 195 -4.96 1.28 9.49
C ALA C 195 -4.76 -0.10 10.13
N THR C 196 -3.93 -0.18 11.18
CA THR C 196 -3.50 -1.46 11.81
C THR C 196 -4.61 -2.01 12.72
N LEU C 197 -5.32 -1.14 13.44
CA LEU C 197 -6.19 -1.52 14.60
C LEU C 197 -7.14 -2.65 14.25
N PRO C 198 -7.96 -2.57 13.17
CA PRO C 198 -8.97 -3.58 12.90
C PRO C 198 -8.45 -5.01 12.76
N PHE C 199 -7.20 -5.20 12.34
CA PHE C 199 -6.57 -6.52 12.11
C PHE C 199 -5.65 -6.91 13.27
N ALA C 200 -5.55 -6.04 14.29
CA ALA C 200 -4.75 -6.26 15.52
C ALA C 200 -5.57 -5.88 16.76
N MET C 201 -6.75 -6.50 16.90
CA MET C 201 -7.59 -6.53 18.13
C MET C 201 -7.85 -7.98 18.51
N LYS C 202 -8.38 -8.21 19.71
CA LYS C 202 -8.63 -9.57 20.25
C LYS C 202 -9.71 -10.27 19.43
N SER C 203 -10.80 -9.56 19.08
CA SER C 203 -11.96 -10.11 18.32
C SER C 203 -11.50 -10.62 16.95
N THR C 204 -10.58 -9.91 16.28
CA THR C 204 -10.00 -10.31 14.97
C THR C 204 -9.00 -11.45 15.18
N ALA C 205 -8.15 -11.36 16.21
CA ALA C 205 -7.16 -12.39 16.60
C ALA C 205 -7.89 -13.73 16.83
N GLU C 206 -9.03 -13.68 17.53
CA GLU C 206 -9.89 -14.86 17.81
C GLU C 206 -10.36 -15.45 16.48
N LEU C 207 -10.87 -14.63 15.57
CA LEU C 207 -11.33 -15.06 14.21
C LEU C 207 -10.20 -15.84 13.52
N PHE C 208 -8.95 -15.37 13.63
CA PHE C 208 -7.75 -16.02 13.03
C PHE C 208 -7.35 -17.28 13.80
N GLY C 209 -7.99 -17.56 14.95
CA GLY C 209 -7.67 -18.70 15.82
C GLY C 209 -6.38 -18.48 16.59
N LEU C 210 -6.09 -17.22 16.94
CA LEU C 210 -4.87 -16.81 17.70
C LEU C 210 -5.27 -16.35 19.10
N GLU C 211 -4.41 -16.59 20.08
CA GLU C 211 -4.55 -16.09 21.48
C GLU C 211 -3.79 -14.77 21.59
N PHE C 212 -4.52 -13.65 21.65
CA PHE C 212 -4.01 -12.27 21.49
C PHE C 212 -3.13 -11.88 22.68
N GLU C 213 -3.29 -12.58 23.81
CA GLU C 213 -2.55 -12.33 25.08
C GLU C 213 -1.06 -12.66 24.92
N LYS C 214 -0.70 -13.43 23.88
CA LYS C 214 0.70 -13.78 23.53
C LYS C 214 1.45 -12.52 23.06
N TRP C 215 0.74 -11.43 22.77
CA TRP C 215 1.31 -10.11 22.36
C TRP C 215 0.79 -9.03 23.31
N PRO C 216 1.34 -8.96 24.55
CA PRO C 216 0.81 -8.08 25.60
C PRO C 216 0.72 -6.60 25.23
N LYS C 217 1.84 -6.02 24.76
CA LYS C 217 1.96 -4.56 24.46
C LYS C 217 1.05 -4.21 23.29
N LEU C 218 0.92 -5.11 22.31
CA LEU C 218 0.00 -4.97 21.14
C LEU C 218 -1.45 -4.98 21.65
N GLN C 219 -1.78 -5.91 22.54
CA GLN C 219 -3.14 -5.99 23.14
C GLN C 219 -3.43 -4.71 23.93
N GLU C 220 -2.51 -4.28 24.80
CA GLU C 220 -2.65 -3.01 25.57
C GLU C 220 -2.93 -1.86 24.60
N TRP C 221 -2.13 -1.77 23.54
CA TRP C 221 -2.24 -0.73 22.48
C TRP C 221 -3.64 -0.74 21.87
N SER C 222 -4.16 -1.93 21.53
CA SER C 222 -5.49 -2.11 20.89
C SER C 222 -6.58 -1.63 21.85
N VAL C 223 -6.43 -1.92 23.14
CA VAL C 223 -7.39 -1.49 24.20
C VAL C 223 -7.32 0.04 24.34
N ARG C 224 -6.11 0.61 24.32
CA ARG C 224 -5.88 2.08 24.40
C ARG C 224 -6.54 2.75 23.18
N MET C 225 -6.32 2.22 21.97
CA MET C 225 -6.96 2.72 20.73
C MET C 225 -8.49 2.60 20.86
N GLY C 226 -8.99 1.45 21.31
CA GLY C 226 -10.43 1.15 21.45
C GLY C 226 -11.16 2.06 22.43
N GLU C 227 -10.42 2.67 23.38
CA GLU C 227 -10.99 3.56 24.43
C GLU C 227 -11.17 4.98 23.89
N ARG C 228 -10.64 5.28 22.70
CA ARG C 228 -10.80 6.61 22.05
C ARG C 228 -12.26 6.77 21.62
N GLU C 229 -12.86 7.93 21.89
CA GLU C 229 -14.29 8.22 21.63
C GLU C 229 -14.58 8.05 20.12
N ALA C 230 -13.72 8.61 19.27
CA ALA C 230 -13.89 8.60 17.80
C ALA C 230 -13.90 7.16 17.29
N VAL C 231 -13.08 6.28 17.90
CA VAL C 231 -12.98 4.84 17.53
C VAL C 231 -14.29 4.13 17.90
N LYS C 232 -14.80 4.37 19.10
CA LYS C 232 -16.07 3.77 19.60
C LYS C 232 -17.21 4.12 18.65
N ARG C 233 -17.41 5.42 18.37
CA ARG C 233 -18.44 5.94 17.44
C ARG C 233 -18.31 5.22 16.09
N ALA C 234 -17.09 5.13 15.54
CA ALA C 234 -16.80 4.53 14.22
C ALA C 234 -17.29 3.08 14.20
N TRP C 235 -16.92 2.27 15.19
CA TRP C 235 -17.33 0.85 15.34
C TRP C 235 -18.86 0.75 15.47
N GLN C 236 -19.46 1.59 16.31
CA GLN C 236 -20.94 1.64 16.54
C GLN C 236 -21.64 1.86 15.20
N ARG C 237 -21.22 2.89 14.45
CA ARG C 237 -21.87 3.35 13.20
C ARG C 237 -21.69 2.32 12.08
N VAL C 238 -20.47 1.79 11.91
CA VAL C 238 -20.12 0.91 10.76
C VAL C 238 -20.94 -0.39 10.86
N ALA C 239 -21.16 -0.91 12.07
CA ALA C 239 -21.97 -2.13 12.33
C ALA C 239 -23.43 -1.88 11.92
N GLY C 240 -23.91 -0.64 12.05
CA GLY C 240 -25.32 -0.27 11.84
C GLY C 240 -25.67 -0.02 10.38
N PHE C 241 -24.70 0.40 9.56
CA PHE C 241 -24.94 0.83 8.14
C PHE C 241 -25.71 -0.28 7.41
N GLY C 242 -26.84 0.09 6.80
CA GLY C 242 -27.72 -0.83 6.04
C GLY C 242 -28.76 -1.55 6.91
N HIS C 243 -28.69 -1.41 8.24
CA HIS C 243 -29.62 -2.05 9.20
C HIS C 243 -30.57 -1.02 9.83
N GLY C 244 -30.42 0.26 9.48
CA GLY C 244 -31.30 1.35 9.95
C GLY C 244 -32.50 1.50 9.03
N GLU C 245 -32.91 2.75 8.79
CA GLU C 245 -34.14 3.10 8.04
C GLU C 245 -33.95 2.83 6.54
N LYS C 246 -32.70 2.82 6.07
CA LYS C 246 -32.33 2.54 4.65
C LYS C 246 -31.42 1.32 4.60
N GLU C 247 -31.75 0.37 3.73
CA GLU C 247 -30.95 -0.86 3.47
C GLU C 247 -29.78 -0.50 2.56
N TYR C 248 -30.04 0.29 1.52
CA TYR C 248 -29.07 0.65 0.45
C TYR C 248 -29.26 2.13 0.06
N GLY C 249 -28.20 2.73 -0.50
CA GLY C 249 -28.22 4.11 -1.02
C GLY C 249 -27.68 5.12 -0.02
N MET C 250 -27.97 6.40 -0.23
CA MET C 250 -27.47 7.54 0.59
C MET C 250 -28.24 7.58 1.92
N LEU C 251 -27.55 7.40 3.04
CA LEU C 251 -28.16 7.41 4.40
C LEU C 251 -28.49 8.84 4.81
N GLU C 252 -29.43 8.99 5.74
CA GLU C 252 -29.86 10.28 6.32
C GLU C 252 -29.63 10.24 7.83
N GLU D 16 25.14 -3.73 17.22
CA GLU D 16 26.16 -2.70 16.84
C GLU D 16 26.33 -2.67 15.32
N ARG D 17 26.31 -1.46 14.72
CA ARG D 17 26.44 -1.23 13.26
C ARG D 17 27.86 -1.61 12.81
N PRO D 18 28.04 -2.06 11.54
CA PRO D 18 29.37 -2.13 10.94
C PRO D 18 30.02 -0.74 10.91
N SER D 19 31.36 -0.69 11.03
CA SER D 19 32.15 0.55 11.17
C SER D 19 31.97 1.46 9.94
N ASP D 20 31.71 0.88 8.75
CA ASP D 20 31.61 1.64 7.47
C ASP D 20 30.21 2.26 7.31
N LEU D 21 29.21 1.87 8.10
CA LEU D 21 27.83 2.41 7.98
C LEU D 21 27.75 3.79 8.67
N VAL D 22 27.81 4.86 7.88
CA VAL D 22 27.68 6.27 8.33
C VAL D 22 26.67 6.98 7.41
N VAL D 23 25.98 7.98 7.94
CA VAL D 23 24.88 8.70 7.23
C VAL D 23 25.32 10.16 7.00
N ASN D 24 26.07 10.39 5.92
CA ASN D 24 26.52 11.73 5.44
C ASN D 24 25.54 12.25 4.37
N ARG D 25 24.58 11.40 3.97
CA ARG D 25 23.56 11.69 2.94
C ARG D 25 22.57 10.52 2.95
N LEU D 26 21.63 10.47 2.00
CA LEU D 26 20.66 9.34 1.90
C LEU D 26 21.45 8.06 1.61
N VAL D 27 21.23 7.01 2.43
CA VAL D 27 21.85 5.67 2.28
C VAL D 27 20.75 4.68 1.90
N LEU D 28 20.78 4.16 0.68
CA LEU D 28 19.86 3.10 0.20
C LEU D 28 20.48 1.73 0.46
N PHE D 29 19.81 0.89 1.25
CA PHE D 29 20.21 -0.48 1.60
C PHE D 29 19.66 -1.45 0.54
N VAL D 30 20.56 -2.26 -0.02
CA VAL D 30 20.26 -3.24 -1.11
C VAL D 30 20.90 -4.57 -0.71
N VAL D 31 20.77 -5.57 -1.57
CA VAL D 31 21.52 -6.86 -1.47
C VAL D 31 22.25 -7.08 -2.80
N LYS D 32 23.13 -8.08 -2.86
CA LYS D 32 23.82 -8.49 -4.11
C LYS D 32 22.77 -8.53 -5.24
N GLY D 33 23.09 -7.91 -6.38
CA GLY D 33 22.23 -7.94 -7.57
C GLY D 33 22.10 -9.35 -8.12
N THR D 34 20.89 -9.87 -8.22
CA THR D 34 20.54 -11.16 -8.88
C THR D 34 19.26 -10.96 -9.70
N ALA D 35 18.79 -12.00 -10.38
CA ALA D 35 17.61 -11.98 -11.27
C ALA D 35 16.34 -11.60 -10.49
N THR D 36 16.28 -11.90 -9.19
CA THR D 36 15.04 -11.78 -8.37
C THR D 36 15.23 -10.87 -7.14
N SER D 37 16.42 -10.28 -6.93
CA SER D 37 16.76 -9.54 -5.69
C SER D 37 16.54 -8.03 -5.86
N THR D 38 16.12 -7.56 -7.05
CA THR D 38 16.18 -6.12 -7.42
C THR D 38 14.80 -5.51 -7.73
N HIS D 39 13.72 -6.30 -7.81
CA HIS D 39 12.39 -5.82 -8.27
C HIS D 39 11.81 -4.77 -7.31
N ASN D 40 12.18 -4.80 -6.02
CA ASN D 40 11.69 -3.85 -5.00
C ASN D 40 12.73 -2.74 -4.77
N THR D 41 14.02 -3.07 -4.67
CA THR D 41 15.10 -2.08 -4.42
C THR D 41 15.19 -1.08 -5.58
N VAL D 42 14.84 -1.51 -6.80
CA VAL D 42 14.95 -0.65 -8.03
C VAL D 42 13.99 0.54 -7.92
N LYS D 43 12.90 0.40 -7.15
CA LYS D 43 11.80 1.39 -7.06
C LYS D 43 12.33 2.72 -6.50
N PRO D 44 12.86 2.79 -5.26
CA PRO D 44 13.44 4.03 -4.76
C PRO D 44 14.61 4.51 -5.63
N LEU D 45 15.42 3.59 -6.16
CA LEU D 45 16.62 3.93 -6.99
C LEU D 45 16.16 4.68 -8.25
N ILE D 46 15.05 4.27 -8.86
CA ILE D 46 14.45 4.97 -10.04
C ILE D 46 14.18 6.44 -9.64
N LEU D 47 13.51 6.66 -8.51
CA LEU D 47 13.12 8.02 -8.05
C LEU D 47 14.36 8.85 -7.69
N LEU D 48 15.35 8.25 -7.01
CA LEU D 48 16.65 8.90 -6.71
C LEU D 48 17.31 9.38 -8.02
N GLU D 49 17.26 8.55 -9.07
CA GLU D 49 17.87 8.84 -10.40
C GLU D 49 17.07 9.94 -11.12
N GLU D 50 15.74 9.87 -11.04
CA GLU D 50 14.80 10.85 -11.66
C GLU D 50 15.05 12.25 -11.10
N LEU D 51 15.17 12.38 -9.77
CA LEU D 51 15.28 13.68 -9.06
C LEU D 51 16.75 14.11 -8.93
N GLY D 52 17.70 13.22 -9.22
CA GLY D 52 19.14 13.46 -9.06
C GLY D 52 19.52 13.67 -7.60
N VAL D 53 18.97 12.85 -6.70
CA VAL D 53 19.20 12.95 -5.22
C VAL D 53 20.60 12.40 -4.92
N PRO D 54 21.46 13.13 -4.18
CA PRO D 54 22.75 12.60 -3.76
C PRO D 54 22.49 11.46 -2.77
N HIS D 55 23.12 10.30 -2.97
CA HIS D 55 22.88 9.10 -2.13
C HIS D 55 24.05 8.13 -2.17
N ASP D 56 24.20 7.36 -1.09
CA ASP D 56 25.12 6.19 -1.00
C ASP D 56 24.32 4.90 -1.18
N ILE D 57 25.01 3.83 -1.58
CA ILE D 57 24.48 2.44 -1.64
C ILE D 57 25.20 1.63 -0.56
N TYR D 58 24.44 0.95 0.30
CA TYR D 58 24.98 -0.04 1.28
C TYR D 58 24.45 -1.42 0.89
N VAL D 59 25.37 -2.34 0.54
CA VAL D 59 25.03 -3.76 0.19
C VAL D 59 25.00 -4.56 1.50
N VAL D 60 23.82 -5.02 1.91
CA VAL D 60 23.61 -5.82 3.14
C VAL D 60 23.93 -7.28 2.82
N GLU D 61 24.86 -7.89 3.55
CA GLU D 61 25.26 -9.31 3.37
C GLU D 61 24.11 -10.21 3.86
N LYS D 62 23.62 -9.97 5.07
CA LYS D 62 22.52 -10.73 5.71
C LYS D 62 21.47 -9.75 6.25
N VAL D 63 20.26 -9.79 5.69
CA VAL D 63 19.10 -8.97 6.17
C VAL D 63 18.63 -9.52 7.52
N SER D 64 19.07 -10.72 7.90
CA SER D 64 18.78 -11.38 9.19
C SER D 64 19.66 -10.81 10.31
N ALA D 65 20.72 -10.07 9.96
CA ALA D 65 21.69 -9.48 10.91
C ALA D 65 20.96 -8.57 11.89
N PRO D 66 21.13 -8.78 13.23
CA PRO D 66 20.45 -7.95 14.23
C PRO D 66 20.56 -6.44 14.02
N TRP D 67 21.73 -5.94 13.59
CA TRP D 67 21.97 -4.48 13.38
C TRP D 67 21.02 -3.93 12.32
N PHE D 68 20.69 -4.73 11.29
CA PHE D 68 19.83 -4.30 10.15
C PHE D 68 18.36 -4.23 10.61
N SER D 69 17.94 -5.11 11.51
CA SER D 69 16.54 -5.15 12.04
C SER D 69 16.23 -3.84 12.78
N GLU D 70 17.25 -3.16 13.30
CA GLU D 70 17.10 -1.85 14.00
C GLU D 70 16.80 -0.75 12.98
N ILE D 71 17.20 -0.94 11.73
CA ILE D 71 16.89 -0.01 10.59
C ILE D 71 15.55 -0.40 9.99
N ASN D 72 15.34 -1.70 9.72
CA ASN D 72 14.06 -2.23 9.16
C ASN D 72 13.61 -3.45 9.97
N PRO D 73 12.60 -3.31 10.86
CA PRO D 73 12.14 -4.44 11.66
C PRO D 73 11.52 -5.58 10.82
N HIS D 74 11.15 -5.31 9.57
CA HIS D 74 10.62 -6.31 8.61
C HIS D 74 11.78 -7.10 7.96
N LYS D 75 13.01 -6.60 8.10
CA LYS D 75 14.28 -7.33 7.79
C LYS D 75 14.36 -7.64 6.29
N MET D 76 14.12 -6.62 5.46
CA MET D 76 14.15 -6.72 3.98
C MET D 76 14.72 -5.43 3.39
N VAL D 77 15.12 -5.50 2.12
CA VAL D 77 15.53 -4.33 1.30
C VAL D 77 14.41 -4.08 0.29
N PRO D 78 14.17 -2.83 -0.16
CA PRO D 78 14.98 -1.68 0.24
C PRO D 78 14.66 -1.11 1.63
N ALA D 79 15.65 -0.45 2.21
CA ALA D 79 15.53 0.43 3.39
C ALA D 79 16.38 1.69 3.16
N ILE D 80 16.09 2.77 3.89
CA ILE D 80 16.84 4.05 3.81
C ILE D 80 17.17 4.54 5.23
N LEU D 81 18.41 5.00 5.42
CA LEU D 81 18.78 5.96 6.49
C LEU D 81 19.10 7.29 5.83
N ASP D 82 18.71 8.41 6.44
CA ASP D 82 18.98 9.78 5.92
C ASP D 82 19.01 10.77 7.08
N ARG D 83 19.63 11.93 6.85
CA ARG D 83 19.65 13.07 7.81
C ARG D 83 18.29 13.78 7.74
N SER D 84 17.75 14.20 8.89
CA SER D 84 16.51 15.01 9.00
C SER D 84 16.74 16.35 8.30
N PRO D 85 15.68 17.01 7.78
CA PRO D 85 15.84 18.24 7.00
C PRO D 85 16.78 19.30 7.61
N ASP D 86 16.77 19.44 8.94
CA ASP D 86 17.60 20.44 9.69
C ASP D 86 19.02 19.89 9.89
N GLY D 87 19.23 18.59 9.71
CA GLY D 87 20.55 17.93 9.72
C GLY D 87 21.00 17.51 11.12
N ARG D 88 20.16 17.72 12.13
CA ARG D 88 20.52 17.50 13.57
C ARG D 88 20.24 16.05 13.97
N ASP D 89 19.34 15.35 13.25
CA ASP D 89 18.89 13.97 13.58
C ASP D 89 19.03 13.08 12.34
N THR D 90 18.90 11.77 12.49
CA THR D 90 18.77 10.78 11.40
C THR D 90 17.39 10.11 11.47
N LEU D 91 16.80 9.83 10.31
CA LEU D 91 15.48 9.15 10.18
C LEU D 91 15.65 7.90 9.31
N ARG D 92 14.59 7.11 9.14
CA ARG D 92 14.61 5.84 8.37
C ARG D 92 13.31 5.69 7.56
N ALA D 93 13.40 4.98 6.43
CA ALA D 93 12.26 4.57 5.59
C ALA D 93 12.47 3.12 5.16
N TRP D 94 11.42 2.31 5.22
CA TRP D 94 11.45 0.87 4.85
C TRP D 94 10.06 0.43 4.39
N GLU D 95 10.00 -0.66 3.60
CA GLU D 95 8.92 -0.97 2.63
C GLU D 95 9.13 -0.07 1.40
N SER D 96 9.19 -0.67 0.21
CA SER D 96 9.52 0.02 -1.07
C SER D 96 8.59 1.22 -1.27
N THR D 97 7.28 1.05 -1.03
CA THR D 97 6.27 2.13 -1.21
C THR D 97 6.60 3.29 -0.27
N SER D 98 6.99 3.01 0.97
CA SER D 98 7.35 4.03 1.99
C SER D 98 8.61 4.79 1.55
N THR D 99 9.62 4.07 1.02
CA THR D 99 10.89 4.69 0.53
C THR D 99 10.55 5.69 -0.59
N LEU D 100 9.59 5.37 -1.46
CA LEU D 100 9.12 6.30 -2.53
C LEU D 100 8.48 7.53 -1.88
N MET D 101 7.57 7.33 -0.92
CA MET D 101 6.86 8.44 -0.22
C MET D 101 7.87 9.35 0.47
N TYR D 102 8.87 8.78 1.15
CA TYR D 102 9.91 9.57 1.88
C TYR D 102 10.73 10.42 0.89
N ILE D 103 11.24 9.81 -0.17
CA ILE D 103 12.12 10.50 -1.17
C ILE D 103 11.33 11.64 -1.79
N ALA D 104 10.06 11.42 -2.13
CA ALA D 104 9.12 12.45 -2.63
C ALA D 104 8.99 13.57 -1.58
N ASP D 105 8.68 13.21 -0.34
CA ASP D 105 8.44 14.18 0.77
C ASP D 105 9.67 15.08 0.93
N ALA D 106 10.87 14.49 0.99
CA ALA D 106 12.15 15.18 1.34
C ALA D 106 12.76 15.88 0.12
N TYR D 107 12.67 15.31 -1.09
CA TYR D 107 13.49 15.73 -2.26
C TYR D 107 12.66 16.17 -3.47
N ASP D 108 11.37 15.84 -3.56
CA ASP D 108 10.53 16.21 -4.73
C ASP D 108 9.90 17.57 -4.47
N LYS D 109 10.70 18.64 -4.61
CA LYS D 109 10.40 20.01 -4.12
C LYS D 109 9.24 20.62 -4.91
N ASP D 110 9.01 20.19 -6.16
CA ASP D 110 7.98 20.74 -7.07
C ASP D 110 6.85 19.71 -7.28
N GLY D 111 6.82 18.63 -6.49
CA GLY D 111 5.78 17.60 -6.53
C GLY D 111 5.61 17.00 -7.92
N THR D 112 6.71 16.85 -8.67
CA THR D 112 6.75 16.33 -10.06
C THR D 112 6.38 14.84 -10.07
N PHE D 113 6.82 14.10 -9.05
CA PHE D 113 6.55 12.64 -8.88
C PHE D 113 5.62 12.38 -7.69
N GLY D 114 5.54 13.30 -6.73
CA GLY D 114 4.73 13.16 -5.50
C GLY D 114 3.32 13.66 -5.70
N GLY D 115 3.12 14.67 -6.56
CA GLY D 115 1.85 15.36 -6.78
C GLY D 115 1.91 16.80 -6.30
N ARG D 116 1.33 17.74 -7.06
CA ARG D 116 1.46 19.21 -6.85
C ARG D 116 0.30 19.75 -6.01
N ASN D 117 -0.83 19.04 -5.97
CA ASN D 117 -2.06 19.51 -5.26
C ASN D 117 -2.83 18.30 -4.73
N VAL D 118 -3.91 18.55 -3.99
CA VAL D 118 -4.74 17.49 -3.33
C VAL D 118 -5.28 16.55 -4.42
N GLN D 119 -5.76 17.11 -5.54
CA GLN D 119 -6.39 16.36 -6.65
C GLN D 119 -5.38 15.36 -7.26
N GLU D 120 -4.18 15.82 -7.61
CA GLU D 120 -3.11 14.96 -8.18
C GLU D 120 -2.73 13.87 -7.16
N ARG D 121 -2.53 14.24 -5.90
CA ARG D 121 -2.06 13.31 -4.83
C ARG D 121 -3.13 12.24 -4.55
N SER D 122 -4.41 12.58 -4.69
CA SER D 122 -5.54 11.61 -4.51
C SER D 122 -5.37 10.44 -5.49
N GLU D 123 -5.20 10.72 -6.78
CA GLU D 123 -5.05 9.67 -7.84
C GLU D 123 -3.71 8.95 -7.68
N ILE D 124 -2.63 9.68 -7.38
CA ILE D 124 -1.28 9.06 -7.16
C ILE D 124 -1.41 8.02 -6.05
N ASN D 125 -1.93 8.41 -4.88
CA ASN D 125 -2.05 7.54 -3.68
C ASN D 125 -2.98 6.35 -3.99
N ASN D 126 -4.03 6.55 -4.79
CA ASN D 126 -4.98 5.48 -5.20
C ASN D 126 -4.23 4.37 -5.93
N TRP D 127 -3.46 4.71 -6.96
CA TRP D 127 -2.77 3.73 -7.84
C TRP D 127 -1.53 3.19 -7.13
N LEU D 128 -0.81 4.03 -6.38
CA LEU D 128 0.33 3.59 -5.53
C LEU D 128 -0.15 2.52 -4.54
N THR D 129 -1.24 2.81 -3.81
CA THR D 129 -1.79 1.91 -2.76
C THR D 129 -2.31 0.63 -3.41
N LEU D 130 -2.95 0.73 -4.59
CA LEU D 130 -3.44 -0.47 -5.31
C LEU D 130 -2.29 -1.46 -5.47
N HIS D 131 -1.11 -0.99 -5.88
CA HIS D 131 0.08 -1.84 -6.07
C HIS D 131 0.56 -2.39 -4.71
N THR D 132 0.65 -1.53 -3.70
CA THR D 132 1.13 -1.87 -2.33
C THR D 132 0.25 -2.97 -1.72
N ALA D 133 -1.07 -2.93 -1.94
CA ALA D 133 -2.04 -3.85 -1.31
C ALA D 133 -2.33 -5.08 -2.19
N ALA D 134 -2.40 -4.92 -3.52
CA ALA D 134 -2.93 -5.95 -4.44
C ALA D 134 -1.81 -6.66 -5.22
N LEU D 135 -1.30 -6.07 -6.31
CA LEU D 135 -0.34 -6.75 -7.22
C LEU D 135 0.95 -7.09 -6.45
N GLY D 136 1.50 -6.12 -5.69
CA GLY D 136 2.73 -6.28 -4.89
C GLY D 136 2.69 -7.56 -4.06
N PRO D 137 1.85 -7.64 -3.01
CA PRO D 137 1.78 -8.83 -2.15
C PRO D 137 1.34 -10.11 -2.87
N THR D 138 0.43 -10.01 -3.85
CA THR D 138 -0.04 -11.16 -4.67
C THR D 138 1.13 -11.72 -5.48
N ALA D 139 1.96 -10.85 -6.07
CA ALA D 139 3.17 -11.22 -6.84
C ALA D 139 4.18 -11.89 -5.92
N LYS D 140 4.34 -11.36 -4.70
CA LYS D 140 5.29 -11.91 -3.70
C LYS D 140 4.82 -13.28 -3.22
N TYR D 141 3.52 -13.44 -2.96
CA TYR D 141 2.92 -14.73 -2.50
C TYR D 141 3.01 -15.76 -3.63
N TRP D 142 2.76 -15.36 -4.88
CA TRP D 142 2.88 -16.26 -6.06
C TRP D 142 4.30 -16.83 -6.10
N LEU D 143 5.32 -15.97 -6.03
CA LEU D 143 6.75 -16.36 -6.15
C LEU D 143 7.18 -17.17 -4.93
N TYR D 144 6.60 -16.91 -3.75
CA TYR D 144 6.89 -17.67 -2.52
C TYR D 144 6.42 -19.12 -2.68
N PHE D 145 5.16 -19.31 -3.06
CA PHE D 145 4.50 -20.65 -3.18
C PHE D 145 5.07 -21.41 -4.39
N TYR D 146 5.47 -20.70 -5.44
CA TYR D 146 6.02 -21.28 -6.70
C TYR D 146 7.40 -21.89 -6.42
N LYS D 147 8.28 -21.15 -5.74
CA LYS D 147 9.71 -21.50 -5.54
C LYS D 147 9.98 -21.89 -4.09
N LEU D 148 9.73 -20.97 -3.15
CA LEU D 148 10.33 -20.98 -1.78
C LEU D 148 9.60 -21.94 -0.84
N HIS D 149 8.27 -22.09 -0.94
CA HIS D 149 7.50 -22.97 -0.03
C HIS D 149 7.97 -24.41 -0.23
N PRO D 150 8.26 -25.15 0.86
CA PRO D 150 8.76 -26.52 0.75
C PRO D 150 7.82 -27.44 -0.05
N GLU D 151 6.51 -27.26 0.16
CA GLU D 151 5.45 -28.08 -0.48
C GLU D 151 4.84 -27.30 -1.65
N LYS D 152 4.82 -27.90 -2.85
CA LYS D 152 4.18 -27.29 -4.05
C LYS D 152 2.66 -27.43 -3.90
N LEU D 153 1.93 -26.31 -3.97
CA LEU D 153 0.47 -26.25 -3.75
C LEU D 153 -0.20 -25.65 -4.99
N PRO D 154 -0.38 -26.47 -6.05
CA PRO D 154 -0.80 -25.98 -7.38
C PRO D 154 -2.08 -25.13 -7.41
N LYS D 155 -3.06 -25.46 -6.57
CA LYS D 155 -4.39 -24.78 -6.54
C LYS D 155 -4.21 -23.34 -6.05
N THR D 156 -3.35 -23.13 -5.05
CA THR D 156 -3.00 -21.79 -4.48
C THR D 156 -2.27 -20.98 -5.55
N ILE D 157 -1.25 -21.58 -6.16
CA ILE D 157 -0.38 -20.95 -7.20
C ILE D 157 -1.26 -20.50 -8.37
N GLU D 158 -2.23 -21.34 -8.77
CA GLU D 158 -3.15 -21.08 -9.91
C GLU D 158 -4.05 -19.87 -9.56
N LYS D 159 -4.53 -19.80 -8.32
CA LYS D 159 -5.44 -18.72 -7.83
C LYS D 159 -4.68 -17.40 -7.81
N LEU D 160 -3.43 -17.40 -7.32
CA LEU D 160 -2.57 -16.18 -7.25
C LEU D 160 -2.25 -15.70 -8.67
N ARG D 161 -1.90 -16.61 -9.57
CA ARG D 161 -1.66 -16.31 -11.01
C ARG D 161 -2.90 -15.59 -11.57
N SER D 162 -4.08 -16.18 -11.36
CA SER D 162 -5.40 -15.64 -11.78
C SER D 162 -5.61 -14.23 -11.22
N ASN D 163 -5.19 -13.99 -9.97
CA ASN D 163 -5.33 -12.67 -9.29
C ASN D 163 -4.41 -11.64 -9.95
N ILE D 164 -3.23 -12.04 -10.43
CA ILE D 164 -2.29 -11.13 -11.14
C ILE D 164 -2.97 -10.62 -12.41
N THR D 165 -3.62 -11.51 -13.18
CA THR D 165 -4.31 -11.16 -14.46
C THR D 165 -5.43 -10.16 -14.18
N VAL D 166 -6.12 -10.28 -13.04
CA VAL D 166 -7.20 -9.33 -12.63
C VAL D 166 -6.57 -7.95 -12.42
N GLN D 167 -5.41 -7.87 -11.76
CA GLN D 167 -4.68 -6.59 -11.52
C GLN D 167 -4.26 -6.00 -12.87
N TYR D 168 -3.71 -6.84 -13.76
CA TYR D 168 -3.33 -6.45 -15.14
C TYR D 168 -4.57 -5.88 -15.85
N ASP D 169 -5.72 -6.55 -15.75
CA ASP D 169 -7.01 -6.09 -16.36
C ASP D 169 -7.33 -4.67 -15.87
N ILE D 170 -7.21 -4.41 -14.57
CA ILE D 170 -7.53 -3.08 -13.95
C ILE D 170 -6.58 -2.03 -14.53
N LEU D 171 -5.28 -2.30 -14.53
CA LEU D 171 -4.24 -1.37 -15.08
C LEU D 171 -4.51 -1.15 -16.58
N GLU D 172 -4.89 -2.21 -17.31
CA GLU D 172 -5.20 -2.16 -18.77
C GLU D 172 -6.41 -1.24 -19.00
N ARG D 173 -7.49 -1.43 -18.24
CA ARG D 173 -8.72 -0.59 -18.33
C ARG D 173 -8.32 0.89 -18.14
N ARG D 174 -7.53 1.18 -17.10
CA ARG D 174 -7.08 2.55 -16.75
C ARG D 174 -6.31 3.17 -17.93
N LEU D 175 -5.41 2.40 -18.56
CA LEU D 175 -4.51 2.92 -19.64
C LEU D 175 -5.24 2.96 -20.99
N ASN D 176 -6.49 2.49 -21.04
CA ASN D 176 -7.37 2.58 -22.25
C ASN D 176 -8.23 3.84 -22.16
N GLU D 177 -8.24 4.53 -21.02
CA GLU D 177 -9.03 5.78 -20.82
C GLU D 177 -8.42 6.90 -21.65
N PRO D 178 -9.22 7.88 -22.14
CA PRO D 178 -8.73 8.85 -23.13
C PRO D 178 -7.61 9.73 -22.56
N GLY D 179 -6.43 9.69 -23.19
CA GLY D 179 -5.26 10.52 -22.87
C GLY D 179 -4.57 10.10 -21.58
N GLN D 180 -4.88 8.90 -21.07
CA GLN D 180 -4.34 8.39 -19.78
C GLN D 180 -3.03 7.63 -20.08
N GLN D 181 -1.94 8.36 -20.27
CA GLN D 181 -0.61 7.84 -20.70
C GLN D 181 0.08 7.14 -19.51
N TYR D 182 -0.22 7.55 -18.28
CA TYR D 182 0.38 6.99 -17.04
C TYR D 182 -0.75 6.64 -16.06
N LEU D 183 -0.45 5.81 -15.06
CA LEU D 183 -1.46 5.17 -14.19
C LEU D 183 -2.24 6.22 -13.40
N ALA D 184 -1.54 7.17 -12.75
CA ALA D 184 -2.14 8.17 -11.84
C ALA D 184 -2.56 9.40 -12.64
N LEU D 185 -1.59 10.08 -13.28
CA LEU D 185 -1.80 11.35 -14.03
C LEU D 185 -1.72 11.06 -15.54
N LYS D 186 -2.36 11.93 -16.33
CA LYS D 186 -2.42 11.84 -17.82
C LYS D 186 -1.07 12.27 -18.42
N ASP D 187 -0.42 13.28 -17.82
CA ASP D 187 0.68 14.06 -18.44
C ASP D 187 2.04 13.44 -18.14
N ARG D 188 2.27 12.91 -16.93
CA ARG D 188 3.62 12.49 -16.49
C ARG D 188 3.56 11.26 -15.58
N PRO D 189 4.69 10.50 -15.47
CA PRO D 189 4.77 9.40 -14.53
C PRO D 189 4.96 9.91 -13.10
N THR D 190 4.49 9.15 -12.11
CA THR D 190 4.58 9.49 -10.67
C THR D 190 5.10 8.26 -9.91
N ILE D 191 5.18 8.36 -8.57
CA ILE D 191 5.67 7.27 -7.69
C ILE D 191 4.78 6.04 -7.84
N ALA D 192 3.50 6.23 -8.23
CA ALA D 192 2.54 5.13 -8.52
C ALA D 192 3.06 4.28 -9.68
N ASP D 193 3.53 4.93 -10.75
CA ASP D 193 4.06 4.26 -11.97
C ASP D 193 5.36 3.52 -11.62
N ILE D 194 6.24 4.16 -10.84
CA ILE D 194 7.56 3.59 -10.43
C ILE D 194 7.32 2.31 -9.60
N ALA D 195 6.36 2.34 -8.66
CA ALA D 195 6.01 1.21 -7.77
C ALA D 195 5.50 0.03 -8.59
N THR D 196 4.65 0.29 -9.59
CA THR D 196 3.95 -0.75 -10.40
C THR D 196 4.91 -1.38 -11.43
N LEU D 197 5.81 -0.60 -12.03
CA LEU D 197 6.59 -1.02 -13.24
C LEU D 197 7.19 -2.42 -13.03
N PRO D 198 8.01 -2.67 -11.98
CA PRO D 198 8.75 -3.93 -11.88
C PRO D 198 7.89 -5.21 -11.96
N PHE D 199 6.61 -5.14 -11.59
CA PHE D 199 5.68 -6.30 -11.55
C PHE D 199 4.69 -6.24 -12.72
N ALA D 200 4.79 -5.22 -13.58
CA ALA D 200 3.98 -5.06 -14.82
C ALA D 200 4.91 -4.76 -16.00
N MET D 201 5.87 -5.67 -16.24
CA MET D 201 6.81 -5.67 -17.40
C MET D 201 6.69 -7.00 -18.13
N LYS D 202 7.17 -7.04 -19.37
CA LYS D 202 7.26 -8.26 -20.20
C LYS D 202 7.99 -9.37 -19.41
N SER D 203 9.20 -9.10 -18.94
CA SER D 203 10.10 -10.10 -18.29
C SER D 203 9.41 -10.71 -17.06
N THR D 204 8.75 -9.90 -16.24
CA THR D 204 8.03 -10.35 -15.02
C THR D 204 6.79 -11.16 -15.42
N ALA D 205 6.01 -10.65 -16.39
CA ALA D 205 4.81 -11.33 -16.94
C ALA D 205 5.20 -12.74 -17.40
N GLU D 206 6.32 -12.86 -18.11
CA GLU D 206 6.87 -14.15 -18.62
C GLU D 206 7.18 -15.09 -17.44
N LEU D 207 7.75 -14.56 -16.36
CA LEU D 207 8.06 -15.35 -15.14
C LEU D 207 6.75 -15.92 -14.56
N PHE D 208 5.65 -15.14 -14.59
CA PHE D 208 4.32 -15.55 -14.08
C PHE D 208 3.63 -16.54 -15.03
N GLY D 209 4.22 -16.79 -16.21
CA GLY D 209 3.67 -17.69 -17.25
C GLY D 209 2.52 -17.04 -17.99
N LEU D 210 2.59 -15.72 -18.22
CA LEU D 210 1.53 -14.90 -18.87
C LEU D 210 2.04 -14.32 -20.19
N GLU D 211 1.16 -14.23 -21.19
CA GLU D 211 1.41 -13.51 -22.48
C GLU D 211 1.08 -12.03 -22.28
N PHE D 212 2.11 -11.19 -22.15
CA PHE D 212 1.98 -9.75 -21.78
C PHE D 212 1.29 -8.97 -22.91
N GLU D 213 1.26 -9.53 -24.12
CA GLU D 213 0.61 -8.94 -25.33
C GLU D 213 -0.90 -8.83 -25.13
N LYS D 214 -1.48 -9.69 -24.28
CA LYS D 214 -2.92 -9.68 -23.91
C LYS D 214 -3.33 -8.32 -23.31
N TRP D 215 -2.37 -7.57 -22.74
CA TRP D 215 -2.60 -6.24 -22.13
C TRP D 215 -1.80 -5.19 -22.91
N PRO D 216 -2.26 -4.81 -24.13
CA PRO D 216 -1.45 -4.01 -25.05
C PRO D 216 -1.08 -2.62 -24.53
N LYS D 217 -2.03 -1.87 -23.97
CA LYS D 217 -1.80 -0.50 -23.45
C LYS D 217 -0.85 -0.55 -22.25
N LEU D 218 -1.00 -1.58 -21.39
CA LEU D 218 -0.11 -1.83 -20.23
C LEU D 218 1.29 -2.11 -20.75
N GLN D 219 1.43 -2.93 -21.80
CA GLN D 219 2.74 -3.24 -22.42
C GLN D 219 3.36 -1.94 -22.97
N GLU D 220 2.61 -1.19 -23.78
CA GLU D 220 3.05 0.12 -24.34
C GLU D 220 3.53 1.01 -23.18
N TRP D 221 2.73 1.11 -22.11
CA TRP D 221 3.07 1.89 -20.90
C TRP D 221 4.42 1.43 -20.31
N SER D 222 4.60 0.12 -20.13
CA SER D 222 5.82 -0.46 -19.51
C SER D 222 7.03 -0.14 -20.39
N VAL D 223 6.88 -0.24 -21.70
CA VAL D 223 7.96 0.12 -22.69
C VAL D 223 8.25 1.62 -22.56
N ARG D 224 7.20 2.45 -22.48
CA ARG D 224 7.31 3.93 -22.34
C ARG D 224 8.08 4.25 -21.05
N MET D 225 7.78 3.56 -19.95
CA MET D 225 8.49 3.69 -18.65
C MET D 225 9.94 3.21 -18.81
N GLY D 226 10.13 2.06 -19.45
CA GLY D 226 11.46 1.44 -19.66
C GLY D 226 12.42 2.35 -20.43
N GLU D 227 11.90 3.22 -21.31
CA GLU D 227 12.69 4.12 -22.20
C GLU D 227 13.23 5.32 -21.41
N ARG D 228 12.70 5.60 -20.21
CA ARG D 228 13.16 6.73 -19.35
C ARG D 228 14.62 6.47 -18.93
N GLU D 229 15.48 7.48 -19.05
CA GLU D 229 16.94 7.37 -18.79
C GLU D 229 17.16 6.97 -17.33
N ALA D 230 16.42 7.57 -16.40
CA ALA D 230 16.53 7.30 -14.94
C ALA D 230 16.21 5.82 -14.66
N VAL D 231 15.23 5.26 -15.37
CA VAL D 231 14.80 3.83 -15.23
C VAL D 231 15.92 2.93 -15.75
N LYS D 232 16.46 3.25 -16.93
CA LYS D 232 17.62 2.53 -17.54
C LYS D 232 18.80 2.51 -16.57
N ARG D 233 19.18 3.69 -16.06
CA ARG D 233 20.31 3.86 -15.10
C ARG D 233 20.07 2.99 -13.86
N ALA D 234 18.84 3.00 -13.32
CA ALA D 234 18.44 2.26 -12.09
C ALA D 234 18.63 0.75 -12.31
N TRP D 235 18.11 0.21 -13.42
CA TRP D 235 18.18 -1.24 -13.77
C TRP D 235 19.65 -1.67 -13.95
N GLN D 236 20.45 -0.84 -14.61
CA GLN D 236 21.90 -1.08 -14.80
C GLN D 236 22.57 -1.22 -13.43
N ARG D 237 22.43 -0.19 -12.59
CA ARG D 237 23.16 -0.06 -11.30
C ARG D 237 22.75 -1.16 -10.33
N VAL D 238 21.46 -1.49 -10.26
CA VAL D 238 20.90 -2.43 -9.25
C VAL D 238 21.47 -3.85 -9.51
N ALA D 239 21.62 -4.22 -10.77
CA ALA D 239 22.19 -5.53 -11.19
C ALA D 239 23.65 -5.64 -10.74
N GLY D 240 24.38 -4.52 -10.74
CA GLY D 240 25.84 -4.46 -10.48
C GLY D 240 26.19 -4.47 -9.00
N PHE D 241 25.28 -4.02 -8.12
CA PHE D 241 25.56 -3.84 -6.67
C PHE D 241 26.08 -5.16 -6.08
N GLY D 242 27.23 -5.07 -5.39
CA GLY D 242 27.89 -6.21 -4.72
C GLY D 242 28.83 -6.97 -5.65
N HIS D 243 28.97 -6.57 -6.90
CA HIS D 243 29.81 -7.25 -7.93
C HIS D 243 30.97 -6.35 -8.39
N GLY D 244 31.04 -5.11 -7.88
CA GLY D 244 32.15 -4.18 -8.13
C GLY D 244 33.34 -4.44 -7.21
N GLU D 245 34.11 -3.40 -6.89
CA GLU D 245 35.27 -3.46 -5.96
C GLU D 245 34.85 -4.20 -4.69
N LYS D 246 33.76 -3.73 -4.07
CA LYS D 246 33.27 -4.16 -2.74
C LYS D 246 32.09 -5.13 -2.90
N GLU D 247 32.13 -6.26 -2.19
CA GLU D 247 31.11 -7.33 -2.24
C GLU D 247 29.97 -6.97 -1.28
N TYR D 248 30.30 -6.50 -0.07
CA TYR D 248 29.33 -6.11 0.98
C TYR D 248 29.79 -4.80 1.65
N GLY D 249 28.83 -4.05 2.20
CA GLY D 249 29.12 -2.80 2.93
C GLY D 249 28.92 -1.57 2.05
N MET D 250 29.46 -0.43 2.50
CA MET D 250 29.28 0.89 1.84
C MET D 250 30.08 0.92 0.54
N LEU D 251 29.40 1.01 -0.60
CA LEU D 251 30.06 1.17 -1.93
C LEU D 251 30.63 2.59 -2.00
N GLU D 252 31.70 2.82 -2.76
CA GLU D 252 32.27 4.18 -2.93
C GLU D 252 31.83 4.74 -4.29
N SER E 15 32.00 -28.64 -30.26
CA SER E 15 32.55 -27.36 -30.82
C SER E 15 31.48 -26.65 -31.66
N GLU E 16 30.29 -26.46 -31.09
CA GLU E 16 29.07 -25.97 -31.80
C GLU E 16 28.49 -24.78 -31.02
N ARG E 17 28.05 -23.74 -31.73
CA ARG E 17 27.59 -22.45 -31.13
C ARG E 17 26.24 -22.65 -30.45
N PRO E 18 25.99 -21.97 -29.30
CA PRO E 18 24.65 -21.92 -28.72
C PRO E 18 23.65 -21.25 -29.67
N SER E 19 22.39 -21.69 -29.61
CA SER E 19 21.29 -21.29 -30.53
C SER E 19 20.99 -19.79 -30.43
N ASP E 20 21.32 -19.14 -29.30
CA ASP E 20 21.00 -17.71 -29.03
C ASP E 20 22.12 -16.79 -29.53
N LEU E 21 23.27 -17.33 -29.96
CA LEU E 21 24.39 -16.49 -30.50
C LEU E 21 24.10 -16.19 -31.98
N VAL E 22 23.73 -14.95 -32.27
CA VAL E 22 23.46 -14.43 -33.64
C VAL E 22 24.15 -13.07 -33.77
N VAL E 23 24.61 -12.72 -34.97
CA VAL E 23 25.34 -11.44 -35.23
C VAL E 23 24.50 -10.57 -36.17
N ASN E 24 23.66 -9.70 -35.58
CA ASN E 24 22.90 -8.65 -36.30
C ASN E 24 23.63 -7.31 -36.11
N ARG E 25 24.71 -7.31 -35.31
CA ARG E 25 25.52 -6.13 -34.95
C ARG E 25 26.76 -6.63 -34.19
N LEU E 26 27.63 -5.73 -33.74
CA LEU E 26 28.83 -6.08 -32.93
C LEU E 26 28.38 -6.82 -31.66
N VAL E 27 28.91 -8.02 -31.42
CA VAL E 27 28.65 -8.85 -30.19
C VAL E 27 29.92 -8.86 -29.35
N LEU E 28 29.88 -8.27 -28.16
CA LEU E 28 30.99 -8.25 -27.17
C LEU E 28 30.82 -9.42 -26.20
N PHE E 29 31.78 -10.34 -26.19
CA PHE E 29 31.80 -11.54 -25.30
C PHE E 29 32.44 -11.14 -23.97
N VAL E 30 31.71 -11.37 -22.87
CA VAL E 30 32.14 -11.08 -21.47
C VAL E 30 31.93 -12.33 -20.63
N VAL E 31 32.27 -12.24 -19.34
CA VAL E 31 31.90 -13.23 -18.30
C VAL E 31 31.12 -12.50 -17.20
N LYS E 32 30.49 -13.24 -16.28
CA LYS E 32 29.78 -12.68 -15.11
C LYS E 32 30.65 -11.61 -14.45
N GLY E 33 30.09 -10.42 -14.20
CA GLY E 33 30.78 -9.33 -13.49
C GLY E 33 31.17 -9.73 -12.07
N THR E 34 32.48 -9.75 -11.78
CA THR E 34 33.04 -9.90 -10.40
C THR E 34 34.11 -8.83 -10.21
N ALA E 35 34.75 -8.81 -9.03
CA ALA E 35 35.74 -7.79 -8.62
C ALA E 35 36.93 -7.76 -9.60
N THR E 36 37.32 -8.90 -10.18
CA THR E 36 38.56 -9.03 -11.01
C THR E 36 38.26 -9.45 -12.47
N SER E 37 37.00 -9.72 -12.83
CA SER E 37 36.62 -10.33 -14.13
C SER E 37 36.38 -9.26 -15.21
N THR E 38 36.50 -7.97 -14.89
CA THR E 38 35.98 -6.85 -15.75
C THR E 38 37.09 -5.89 -16.22
N HIS E 39 38.32 -6.00 -15.71
CA HIS E 39 39.40 -5.00 -15.96
C HIS E 39 39.79 -4.97 -17.44
N ASN E 40 39.61 -6.06 -18.18
CA ASN E 40 39.96 -6.15 -19.62
C ASN E 40 38.70 -5.99 -20.49
N THR E 41 37.56 -6.55 -20.07
CA THR E 41 36.29 -6.50 -20.86
C THR E 41 35.73 -5.07 -20.84
N VAL E 42 36.09 -4.25 -19.84
CA VAL E 42 35.61 -2.84 -19.72
C VAL E 42 36.26 -1.99 -20.85
N LYS E 43 37.43 -2.38 -21.34
CA LYS E 43 38.23 -1.58 -22.31
C LYS E 43 37.42 -1.38 -23.60
N PRO E 44 37.05 -2.44 -24.36
CA PRO E 44 36.26 -2.26 -25.57
C PRO E 44 34.90 -1.60 -25.25
N LEU E 45 34.30 -1.97 -24.12
CA LEU E 45 32.97 -1.43 -23.70
C LEU E 45 33.06 0.09 -23.55
N ILE E 46 34.15 0.61 -22.96
CA ILE E 46 34.38 2.08 -22.82
C ILE E 46 34.31 2.71 -24.22
N LEU E 47 35.04 2.16 -25.19
CA LEU E 47 35.15 2.72 -26.57
C LEU E 47 33.79 2.61 -27.28
N LEU E 48 33.08 1.49 -27.10
CA LEU E 48 31.70 1.29 -27.66
C LEU E 48 30.79 2.40 -27.15
N GLU E 49 30.88 2.72 -25.85
CA GLU E 49 30.06 3.77 -25.18
C GLU E 49 30.49 5.16 -25.65
N GLU E 50 31.80 5.38 -25.83
CA GLU E 50 32.38 6.70 -26.23
C GLU E 50 31.89 7.08 -27.64
N LEU E 51 31.88 6.12 -28.57
CA LEU E 51 31.54 6.33 -30.00
C LEU E 51 30.04 6.13 -30.23
N GLY E 52 29.34 5.53 -29.26
CA GLY E 52 27.89 5.23 -29.35
C GLY E 52 27.61 4.13 -30.35
N VAL E 53 28.51 3.15 -30.45
CA VAL E 53 28.41 2.00 -31.41
C VAL E 53 27.27 1.10 -30.95
N PRO E 54 26.35 0.70 -31.85
CA PRO E 54 25.32 -0.28 -31.50
C PRO E 54 25.99 -1.65 -31.31
N HIS E 55 25.59 -2.40 -30.29
CA HIS E 55 26.24 -3.69 -29.92
C HIS E 55 25.34 -4.52 -29.01
N ASP E 56 25.56 -5.84 -29.01
CA ASP E 56 24.96 -6.81 -28.06
C ASP E 56 26.03 -7.21 -27.05
N ILE E 57 25.61 -7.79 -25.92
CA ILE E 57 26.50 -8.40 -24.90
C ILE E 57 26.18 -9.89 -24.84
N TYR E 58 27.21 -10.75 -24.94
CA TYR E 58 27.09 -12.21 -24.75
C TYR E 58 27.93 -12.62 -23.53
N VAL E 59 27.26 -13.17 -22.51
CA VAL E 59 27.89 -13.65 -21.25
C VAL E 59 28.30 -15.10 -21.46
N VAL E 60 29.61 -15.36 -21.50
CA VAL E 60 30.21 -16.71 -21.69
C VAL E 60 30.22 -17.40 -20.33
N GLU E 61 29.59 -18.57 -20.21
CA GLU E 61 29.55 -19.37 -18.97
C GLU E 61 30.94 -19.95 -18.72
N LYS E 62 31.51 -20.60 -19.73
CA LYS E 62 32.87 -21.19 -19.70
C LYS E 62 33.66 -20.74 -20.93
N VAL E 63 34.79 -20.07 -20.72
CA VAL E 63 35.75 -19.67 -21.78
C VAL E 63 36.50 -20.91 -22.29
N SER E 64 36.44 -22.02 -21.53
CA SER E 64 37.05 -23.33 -21.87
C SER E 64 36.19 -24.12 -22.85
N ALA E 65 34.94 -23.67 -23.09
CA ALA E 65 34.00 -24.29 -24.06
C ALA E 65 34.65 -24.32 -25.45
N PRO E 66 34.66 -25.48 -26.15
CA PRO E 66 35.23 -25.56 -27.50
C PRO E 66 34.67 -24.52 -28.48
N TRP E 67 33.36 -24.24 -28.46
CA TRP E 67 32.69 -23.29 -29.40
C TRP E 67 33.33 -21.90 -29.29
N PHE E 68 33.71 -21.50 -28.07
CA PHE E 68 34.28 -20.15 -27.78
C PHE E 68 35.72 -20.05 -28.27
N SER E 69 36.46 -21.16 -28.25
CA SER E 69 37.87 -21.22 -28.72
C SER E 69 37.95 -20.92 -30.22
N GLU E 70 36.88 -21.20 -30.97
CA GLU E 70 36.79 -20.93 -32.44
C GLU E 70 36.51 -19.44 -32.68
N ILE E 71 36.13 -18.68 -31.65
CA ILE E 71 36.00 -17.20 -31.69
C ILE E 71 37.31 -16.58 -31.17
N ASN E 72 37.85 -17.09 -30.06
CA ASN E 72 39.13 -16.63 -29.46
C ASN E 72 40.00 -17.84 -29.12
N PRO E 73 41.04 -18.15 -29.94
CA PRO E 73 41.94 -19.27 -29.67
C PRO E 73 42.68 -19.15 -28.32
N HIS E 74 42.78 -17.95 -27.76
CA HIS E 74 43.41 -17.67 -26.44
C HIS E 74 42.42 -17.95 -25.30
N LYS E 75 41.15 -18.23 -25.61
CA LYS E 75 40.12 -18.74 -24.66
C LYS E 75 39.96 -17.77 -23.47
N MET E 76 39.81 -16.48 -23.76
CA MET E 76 39.60 -15.42 -22.74
C MET E 76 38.62 -14.37 -23.29
N VAL E 77 38.05 -13.57 -22.39
CA VAL E 77 37.27 -12.34 -22.72
C VAL E 77 38.16 -11.14 -22.42
N PRO E 78 38.01 -9.99 -23.12
CA PRO E 78 36.96 -9.83 -24.13
C PRO E 78 37.29 -10.46 -25.50
N ALA E 79 36.23 -10.81 -26.23
CA ALA E 79 36.27 -11.15 -27.67
C ALA E 79 35.11 -10.42 -28.37
N ILE E 80 35.17 -10.28 -29.70
CA ILE E 80 34.12 -9.62 -30.53
C ILE E 80 33.86 -10.48 -31.77
N LEU E 81 32.58 -10.67 -32.10
CA LEU E 81 32.10 -11.04 -33.46
C LEU E 81 31.34 -9.84 -34.03
N ASP E 82 31.47 -9.57 -35.33
CA ASP E 82 30.82 -8.41 -35.98
C ASP E 82 30.76 -8.64 -37.50
N ARG E 83 29.72 -8.12 -38.17
CA ARG E 83 29.61 -8.10 -39.64
C ARG E 83 30.70 -7.21 -40.22
N SER E 84 31.29 -7.60 -41.36
CA SER E 84 32.27 -6.80 -42.12
C SER E 84 31.59 -5.54 -42.66
N PRO E 85 32.35 -4.49 -43.05
CA PRO E 85 31.73 -3.23 -43.50
C PRO E 85 30.71 -3.40 -44.65
N ASP E 86 31.01 -4.26 -45.62
CA ASP E 86 30.10 -4.62 -46.75
C ASP E 86 28.87 -5.36 -46.20
N GLY E 87 29.03 -6.09 -45.09
CA GLY E 87 27.97 -6.88 -44.45
C GLY E 87 27.81 -8.25 -45.10
N ARG E 88 28.78 -8.68 -45.91
CA ARG E 88 28.75 -9.97 -46.65
C ARG E 88 29.73 -10.97 -46.02
N ASP E 89 30.29 -10.66 -44.86
CA ASP E 89 31.20 -11.58 -44.10
C ASP E 89 31.13 -11.23 -42.62
N THR E 90 31.70 -12.09 -41.76
CA THR E 90 31.75 -11.88 -40.28
C THR E 90 33.19 -11.95 -39.79
N LEU E 91 33.60 -10.92 -39.04
CA LEU E 91 34.96 -10.70 -38.49
C LEU E 91 35.00 -11.15 -37.03
N ARG E 92 36.21 -11.27 -36.47
CA ARG E 92 36.42 -11.50 -35.02
C ARG E 92 37.62 -10.69 -34.53
N ALA E 93 37.51 -10.13 -33.32
CA ALA E 93 38.61 -9.43 -32.60
C ALA E 93 38.72 -10.02 -31.19
N TRP E 94 39.94 -10.36 -30.77
CA TRP E 94 40.24 -10.92 -29.42
C TRP E 94 41.62 -10.46 -28.96
N GLU E 95 41.83 -10.45 -27.65
CA GLU E 95 42.82 -9.59 -26.93
C GLU E 95 42.19 -8.20 -26.78
N SER E 96 42.23 -7.63 -25.58
CA SER E 96 41.56 -6.35 -25.24
C SER E 96 42.09 -5.24 -26.15
N THR E 97 43.41 -5.15 -26.31
CA THR E 97 44.07 -4.12 -27.17
C THR E 97 43.58 -4.27 -28.62
N SER E 98 43.42 -5.51 -29.10
CA SER E 98 42.97 -5.83 -30.48
C SER E 98 41.49 -5.47 -30.67
N THR E 99 40.67 -5.59 -29.63
CA THR E 99 39.23 -5.18 -29.66
C THR E 99 39.15 -3.66 -29.80
N LEU E 100 40.06 -2.92 -29.15
CA LEU E 100 40.12 -1.44 -29.23
C LEU E 100 40.51 -1.03 -30.66
N MET E 101 41.52 -1.70 -31.23
CA MET E 101 42.04 -1.42 -32.60
C MET E 101 40.93 -1.67 -33.64
N TYR E 102 40.18 -2.78 -33.49
CA TYR E 102 39.09 -3.13 -34.42
C TYR E 102 37.99 -2.06 -34.36
N ILE E 103 37.47 -1.77 -33.17
CA ILE E 103 36.36 -0.80 -32.96
C ILE E 103 36.79 0.57 -33.52
N ALA E 104 38.04 0.97 -33.29
CA ALA E 104 38.63 2.23 -33.79
C ALA E 104 38.69 2.21 -35.33
N ASP E 105 39.07 1.06 -35.90
CA ASP E 105 39.18 0.85 -37.37
C ASP E 105 37.78 0.96 -38.00
N ALA E 106 36.81 0.22 -37.47
CA ALA E 106 35.48 0.00 -38.07
C ALA E 106 34.52 1.17 -37.80
N TYR E 107 34.63 1.82 -36.63
CA TYR E 107 33.61 2.78 -36.14
C TYR E 107 34.19 4.18 -35.84
N ASP E 108 35.50 4.31 -35.64
CA ASP E 108 36.18 5.62 -35.41
C ASP E 108 36.99 5.96 -36.66
N LYS E 109 36.31 6.05 -37.82
CA LYS E 109 36.94 6.20 -39.15
C LYS E 109 37.84 7.44 -39.19
N ASP E 110 37.45 8.53 -38.53
CA ASP E 110 38.16 9.84 -38.58
C ASP E 110 39.11 9.98 -37.38
N GLY E 111 39.15 8.98 -36.48
CA GLY E 111 40.22 8.78 -35.50
C GLY E 111 40.19 9.78 -34.36
N THR E 112 39.01 10.01 -33.76
CA THR E 112 38.85 10.79 -32.50
C THR E 112 39.63 10.07 -31.37
N PHE E 113 39.58 8.74 -31.36
CA PHE E 113 40.27 7.87 -30.37
C PHE E 113 41.40 7.06 -31.03
N GLY E 114 41.33 6.86 -32.34
CA GLY E 114 42.31 6.06 -33.11
C GLY E 114 43.50 6.90 -33.57
N GLY E 115 43.31 8.20 -33.76
CA GLY E 115 44.31 9.13 -34.31
C GLY E 115 43.94 9.58 -35.72
N ARG E 116 44.12 10.87 -36.02
CA ARG E 116 43.68 11.53 -37.28
C ARG E 116 44.80 11.48 -38.34
N ASN E 117 46.06 11.62 -37.91
CA ASN E 117 47.25 11.66 -38.80
C ASN E 117 48.34 10.72 -38.26
N VAL E 118 49.37 10.47 -39.07
CA VAL E 118 50.46 9.50 -38.77
C VAL E 118 51.19 9.92 -37.49
N GLN E 119 51.38 11.23 -37.27
CA GLN E 119 52.10 11.78 -36.10
C GLN E 119 51.31 11.45 -34.82
N GLU E 120 49.98 11.57 -34.85
CA GLU E 120 49.08 11.25 -33.70
C GLU E 120 49.13 9.75 -33.42
N ARG E 121 48.92 8.93 -34.47
CA ARG E 121 48.84 7.44 -34.36
C ARG E 121 50.19 6.88 -33.89
N SER E 122 51.31 7.51 -34.25
CA SER E 122 52.67 7.12 -33.80
C SER E 122 52.73 7.13 -32.26
N GLU E 123 52.25 8.21 -31.63
CA GLU E 123 52.25 8.35 -30.15
C GLU E 123 51.16 7.46 -29.53
N ILE E 124 49.97 7.40 -30.14
CA ILE E 124 48.83 6.57 -29.64
C ILE E 124 49.30 5.11 -29.56
N ASN E 125 49.88 4.59 -30.64
CA ASN E 125 50.32 3.18 -30.75
C ASN E 125 51.49 2.92 -29.79
N ASN E 126 52.32 3.93 -29.52
CA ASN E 126 53.46 3.84 -28.56
C ASN E 126 52.91 3.53 -27.17
N TRP E 127 51.99 4.35 -26.67
CA TRP E 127 51.46 4.27 -25.28
C TRP E 127 50.48 3.09 -25.15
N LEU E 128 49.71 2.79 -26.21
CA LEU E 128 48.82 1.61 -26.27
C LEU E 128 49.67 0.34 -26.15
N THR E 129 50.73 0.23 -26.96
CA THR E 129 51.64 -0.96 -27.00
C THR E 129 52.39 -1.07 -25.67
N LEU E 130 52.86 0.05 -25.12
CA LEU E 130 53.54 0.07 -23.79
C LEU E 130 52.65 -0.64 -22.76
N HIS E 131 51.35 -0.38 -22.78
CA HIS E 131 50.38 -1.07 -21.88
C HIS E 131 50.29 -2.56 -22.23
N THR E 132 50.15 -2.86 -23.53
CA THR E 132 49.92 -4.23 -24.05
C THR E 132 51.11 -5.14 -23.69
N ALA E 133 52.32 -4.58 -23.64
CA ALA E 133 53.58 -5.35 -23.50
C ALA E 133 54.10 -5.31 -22.06
N ALA E 134 53.94 -4.19 -21.34
CA ALA E 134 54.56 -3.96 -20.02
C ALA E 134 53.51 -4.06 -18.89
N LEU E 135 52.75 -3.00 -18.60
CA LEU E 135 51.89 -2.95 -17.38
C LEU E 135 50.85 -4.06 -17.44
N GLY E 136 50.21 -4.25 -18.60
CA GLY E 136 49.15 -5.26 -18.81
C GLY E 136 49.62 -6.66 -18.42
N PRO E 137 50.60 -7.26 -19.13
CA PRO E 137 51.12 -8.58 -18.79
C PRO E 137 51.77 -8.67 -17.40
N THR E 138 52.42 -7.60 -16.94
CA THR E 138 53.05 -7.53 -15.58
C THR E 138 51.95 -7.61 -14.51
N ALA E 139 50.88 -6.83 -14.66
CA ALA E 139 49.70 -6.83 -13.76
C ALA E 139 49.08 -8.24 -13.74
N LYS E 140 48.93 -8.85 -14.91
CA LYS E 140 48.34 -10.21 -15.08
C LYS E 140 49.23 -11.24 -14.36
N TYR E 141 50.55 -11.14 -14.51
CA TYR E 141 51.52 -12.07 -13.86
C TYR E 141 51.49 -11.85 -12.34
N TRP E 142 51.38 -10.59 -11.90
CA TRP E 142 51.31 -10.23 -10.45
C TRP E 142 50.10 -10.94 -9.83
N LEU E 143 48.93 -10.82 -10.44
CA LEU E 143 47.66 -11.40 -9.92
C LEU E 143 47.75 -12.93 -10.00
N TYR E 144 48.37 -13.49 -11.05
CA TYR E 144 48.50 -14.96 -11.24
C TYR E 144 49.29 -15.55 -10.07
N PHE E 145 50.47 -15.00 -9.79
CA PHE E 145 51.38 -15.50 -8.72
C PHE E 145 50.75 -15.23 -7.35
N TYR E 146 50.15 -14.06 -7.17
CA TYR E 146 49.59 -13.59 -5.87
C TYR E 146 48.42 -14.48 -5.41
N LYS E 147 47.60 -14.96 -6.35
CA LYS E 147 46.26 -15.55 -6.04
C LYS E 147 46.08 -16.94 -6.66
N LEU E 148 46.58 -17.20 -7.88
CA LEU E 148 46.19 -18.40 -8.68
C LEU E 148 47.25 -19.50 -8.62
N HIS E 149 48.55 -19.17 -8.55
CA HIS E 149 49.66 -20.16 -8.53
C HIS E 149 49.53 -21.03 -7.28
N PRO E 150 49.56 -22.38 -7.40
CA PRO E 150 49.33 -23.27 -6.26
C PRO E 150 50.19 -22.94 -5.04
N GLU E 151 51.45 -22.57 -5.29
CA GLU E 151 52.45 -22.17 -4.26
C GLU E 151 52.58 -20.65 -4.25
N LYS E 152 52.94 -20.06 -3.12
CA LYS E 152 53.24 -18.61 -2.98
C LYS E 152 54.73 -18.41 -3.28
N LEU E 153 55.06 -17.43 -4.13
CA LEU E 153 56.46 -17.09 -4.51
C LEU E 153 56.69 -15.61 -4.22
N PRO E 154 56.86 -15.24 -2.92
CA PRO E 154 56.93 -13.83 -2.52
C PRO E 154 57.97 -12.98 -3.27
N LYS E 155 59.12 -13.56 -3.62
CA LYS E 155 60.25 -12.84 -4.27
C LYS E 155 59.84 -12.45 -5.70
N THR E 156 59.16 -13.34 -6.42
CA THR E 156 58.59 -13.10 -7.77
C THR E 156 57.48 -12.04 -7.66
N ILE E 157 56.55 -12.20 -6.72
CA ILE E 157 55.40 -11.28 -6.49
C ILE E 157 55.95 -9.87 -6.23
N GLU E 158 57.00 -9.76 -5.40
CA GLU E 158 57.62 -8.47 -5.02
C GLU E 158 58.25 -7.81 -6.25
N LYS E 159 58.96 -8.59 -7.07
CA LYS E 159 59.65 -8.05 -8.27
C LYS E 159 58.60 -7.51 -9.27
N LEU E 160 57.53 -8.25 -9.49
CA LEU E 160 56.42 -7.87 -10.43
C LEU E 160 55.74 -6.59 -9.94
N ARG E 161 55.51 -6.49 -8.63
CA ARG E 161 54.92 -5.30 -7.97
C ARG E 161 55.87 -4.11 -8.16
N SER E 162 57.16 -4.33 -7.99
CA SER E 162 58.24 -3.34 -8.24
C SER E 162 58.17 -2.85 -9.69
N ASN E 163 57.96 -3.76 -10.64
CA ASN E 163 57.87 -3.45 -12.10
C ASN E 163 56.63 -2.58 -12.37
N ILE E 164 55.52 -2.84 -11.67
CA ILE E 164 54.28 -2.02 -11.78
C ILE E 164 54.63 -0.56 -11.44
N THR E 165 55.40 -0.33 -10.36
CA THR E 165 55.79 1.04 -9.91
C THR E 165 56.67 1.70 -10.98
N VAL E 166 57.51 0.94 -11.67
CA VAL E 166 58.38 1.45 -12.78
C VAL E 166 57.49 1.94 -13.93
N GLN E 167 56.42 1.19 -14.24
CA GLN E 167 55.43 1.56 -15.30
C GLN E 167 54.68 2.83 -14.87
N TYR E 168 54.26 2.89 -13.61
CA TYR E 168 53.61 4.08 -12.98
C TYR E 168 54.56 5.28 -13.10
N ASP E 169 55.84 5.09 -12.78
CA ASP E 169 56.89 6.16 -12.85
C ASP E 169 56.95 6.74 -14.27
N ILE E 170 56.93 5.88 -15.29
CA ILE E 170 56.97 6.29 -16.73
C ILE E 170 55.71 7.12 -17.04
N LEU E 171 54.52 6.58 -16.71
CA LEU E 171 53.23 7.27 -16.96
C LEU E 171 53.22 8.62 -16.23
N GLU E 172 53.74 8.65 -14.99
CA GLU E 172 53.83 9.88 -14.15
C GLU E 172 54.70 10.91 -14.86
N ARG E 173 55.92 10.52 -15.24
CA ARG E 173 56.90 11.41 -15.93
C ARG E 173 56.26 12.01 -17.18
N ARG E 174 55.51 11.20 -17.94
CA ARG E 174 54.79 11.62 -19.18
C ARG E 174 53.79 12.74 -18.83
N LEU E 175 52.97 12.53 -17.79
CA LEU E 175 51.86 13.45 -17.43
C LEU E 175 52.40 14.69 -16.68
N ASN E 176 53.70 14.72 -16.38
CA ASN E 176 54.40 15.88 -15.77
C ASN E 176 55.01 16.77 -16.87
N GLU E 177 54.93 16.34 -18.14
CA GLU E 177 55.40 17.15 -19.29
C GLU E 177 54.42 18.29 -19.53
N PRO E 178 54.88 19.48 -19.98
CA PRO E 178 54.00 20.64 -20.15
C PRO E 178 52.80 20.38 -21.08
N GLY E 179 51.58 20.60 -20.57
CA GLY E 179 50.32 20.52 -21.33
C GLY E 179 49.89 19.09 -21.64
N GLN E 180 50.61 18.08 -21.14
CA GLN E 180 50.36 16.64 -21.43
C GLN E 180 49.30 16.13 -20.46
N GLN E 181 48.01 16.35 -20.79
CA GLN E 181 46.84 16.02 -19.93
C GLN E 181 46.49 14.54 -20.06
N TYR E 182 46.74 13.92 -21.22
CA TYR E 182 46.51 12.48 -21.50
C TYR E 182 47.82 11.83 -21.94
N LEU E 183 47.84 10.50 -22.02
CA LEU E 183 49.08 9.69 -22.22
C LEU E 183 49.67 9.92 -23.61
N ALA E 184 48.87 9.74 -24.66
CA ALA E 184 49.31 9.86 -26.07
C ALA E 184 49.30 11.33 -26.49
N LEU E 185 48.14 11.97 -26.46
CA LEU E 185 47.91 13.35 -26.97
C LEU E 185 47.71 14.32 -25.81
N LYS E 186 48.33 15.50 -25.90
CA LYS E 186 48.16 16.65 -24.96
C LYS E 186 46.67 16.96 -24.77
N ASP E 187 45.89 16.93 -25.87
CA ASP E 187 44.59 17.63 -25.98
C ASP E 187 43.40 16.73 -25.58
N ARG E 188 43.47 15.41 -25.77
CA ARG E 188 42.26 14.53 -25.59
C ARG E 188 42.64 13.08 -25.33
N PRO E 189 41.72 12.24 -24.79
CA PRO E 189 41.98 10.83 -24.54
C PRO E 189 41.82 9.98 -25.82
N THR E 190 42.56 8.88 -25.90
CA THR E 190 42.60 7.95 -27.06
C THR E 190 42.50 6.51 -26.53
N ILE E 191 42.62 5.52 -27.42
CA ILE E 191 42.53 4.06 -27.08
C ILE E 191 43.69 3.68 -26.15
N ALA E 192 44.81 4.42 -26.18
CA ALA E 192 45.96 4.27 -25.26
C ALA E 192 45.52 4.53 -23.82
N ASP E 193 44.74 5.60 -23.62
CA ASP E 193 44.24 6.02 -22.27
C ASP E 193 43.26 4.97 -21.76
N ILE E 194 42.37 4.48 -22.65
CA ILE E 194 41.30 3.48 -22.33
C ILE E 194 41.95 2.16 -21.92
N ALA E 195 42.99 1.71 -22.65
CA ALA E 195 43.72 0.46 -22.39
C ALA E 195 44.42 0.53 -21.01
N THR E 196 44.97 1.69 -20.65
CA THR E 196 45.81 1.88 -19.45
C THR E 196 44.94 2.00 -18.19
N LEU E 197 43.79 2.65 -18.29
CA LEU E 197 42.99 3.16 -17.12
C LEU E 197 42.71 2.06 -16.10
N PRO E 198 42.18 0.87 -16.49
CA PRO E 198 41.82 -0.16 -15.51
C PRO E 198 42.97 -0.61 -14.58
N PHE E 199 44.23 -0.52 -15.05
CA PHE E 199 45.43 -0.97 -14.30
C PHE E 199 46.19 0.23 -13.70
N ALA E 200 45.69 1.45 -13.92
CA ALA E 200 46.29 2.70 -13.40
C ALA E 200 45.19 3.59 -12.80
N MET E 201 44.44 3.06 -11.83
CA MET E 201 43.45 3.81 -11.00
C MET E 201 43.62 3.39 -9.53
N LYS E 202 43.05 4.18 -8.61
CA LYS E 202 43.27 4.04 -7.14
C LYS E 202 42.91 2.62 -6.69
N SER E 203 41.73 2.13 -7.10
CA SER E 203 41.20 0.80 -6.69
C SER E 203 42.18 -0.32 -7.11
N THR E 204 42.75 -0.24 -8.32
CA THR E 204 43.70 -1.25 -8.82
C THR E 204 45.04 -1.11 -8.10
N ALA E 205 45.48 0.13 -7.84
CA ALA E 205 46.72 0.45 -7.10
C ALA E 205 46.65 -0.11 -5.68
N GLU E 206 45.49 0.00 -5.03
CA GLU E 206 45.21 -0.56 -3.68
C GLU E 206 45.28 -2.09 -3.73
N LEU E 207 44.72 -2.72 -4.78
CA LEU E 207 44.76 -4.19 -4.98
C LEU E 207 46.22 -4.65 -5.06
N PHE E 208 47.10 -3.84 -5.66
CA PHE E 208 48.55 -4.15 -5.83
C PHE E 208 49.33 -3.85 -4.54
N GLY E 209 48.68 -3.30 -3.53
CA GLY E 209 49.31 -2.87 -2.27
C GLY E 209 50.19 -1.65 -2.46
N LEU E 210 49.79 -0.73 -3.34
CA LEU E 210 50.52 0.53 -3.66
C LEU E 210 49.69 1.73 -3.20
N GLU E 211 50.38 2.77 -2.72
CA GLU E 211 49.81 4.10 -2.38
C GLU E 211 49.80 4.96 -3.65
N PHE E 212 48.63 5.14 -4.27
CA PHE E 212 48.45 5.74 -5.61
C PHE E 212 48.77 7.25 -5.57
N GLU E 213 48.79 7.85 -4.38
CA GLU E 213 49.06 9.30 -4.17
C GLU E 213 50.53 9.63 -4.49
N LYS E 214 51.41 8.63 -4.47
CA LYS E 214 52.85 8.76 -4.84
C LYS E 214 52.98 9.24 -6.29
N TRP E 215 51.98 8.94 -7.14
CA TRP E 215 51.93 9.31 -8.57
C TRP E 215 50.81 10.33 -8.80
N PRO E 216 50.96 11.57 -8.30
CA PRO E 216 49.85 12.55 -8.25
C PRO E 216 49.26 12.92 -9.61
N LYS E 217 50.09 13.20 -10.61
CA LYS E 217 49.65 13.59 -11.97
C LYS E 217 48.92 12.42 -12.63
N LEU E 218 49.39 11.19 -12.39
CA LEU E 218 48.76 9.94 -12.88
C LEU E 218 47.41 9.74 -12.19
N GLN E 219 47.32 10.01 -10.88
CA GLN E 219 46.04 9.87 -10.11
C GLN E 219 45.02 10.87 -10.67
N GLU E 220 45.43 12.13 -10.85
CA GLU E 220 44.57 13.21 -11.41
C GLU E 220 44.09 12.78 -12.81
N TRP E 221 44.96 12.18 -13.61
CA TRP E 221 44.60 11.67 -14.96
C TRP E 221 43.49 10.63 -14.85
N SER E 222 43.65 9.65 -13.95
CA SER E 222 42.68 8.53 -13.75
C SER E 222 41.32 9.08 -13.29
N VAL E 223 41.31 10.08 -12.40
CA VAL E 223 40.05 10.73 -11.91
C VAL E 223 39.42 11.50 -13.08
N ARG E 224 40.23 12.21 -13.87
CA ARG E 224 39.78 12.93 -15.09
C ARG E 224 39.12 11.93 -16.05
N MET E 225 39.75 10.78 -16.28
CA MET E 225 39.22 9.70 -17.16
C MET E 225 37.92 9.13 -16.55
N GLY E 226 37.96 8.85 -15.24
CA GLY E 226 36.83 8.29 -14.46
C GLY E 226 35.59 9.18 -14.49
N GLU E 227 35.77 10.49 -14.67
CA GLU E 227 34.67 11.50 -14.71
C GLU E 227 33.95 11.45 -16.05
N ARG E 228 34.57 10.90 -17.11
CA ARG E 228 33.95 10.78 -18.46
C ARG E 228 32.70 9.90 -18.35
N GLU E 229 31.61 10.29 -19.02
CA GLU E 229 30.27 9.66 -18.87
C GLU E 229 30.29 8.24 -19.45
N ALA E 230 30.99 8.04 -20.58
CA ALA E 230 31.12 6.73 -21.26
C ALA E 230 31.82 5.73 -20.36
N VAL E 231 32.85 6.19 -19.62
CA VAL E 231 33.64 5.35 -18.67
C VAL E 231 32.71 4.94 -17.51
N LYS E 232 31.96 5.89 -16.95
CA LYS E 232 31.00 5.62 -15.84
C LYS E 232 29.98 4.55 -16.28
N ARG E 233 29.40 4.71 -17.47
CA ARG E 233 28.40 3.77 -18.04
C ARG E 233 29.03 2.38 -18.21
N ALA E 234 30.25 2.32 -18.75
CA ALA E 234 31.00 1.07 -19.01
C ALA E 234 31.20 0.30 -17.71
N TRP E 235 31.66 0.98 -16.65
CA TRP E 235 31.96 0.35 -15.34
C TRP E 235 30.67 -0.21 -14.73
N GLN E 236 29.57 0.55 -14.74
CA GLN E 236 28.32 0.11 -14.07
C GLN E 236 27.68 -1.03 -14.89
N ARG E 237 27.85 -1.04 -16.21
CA ARG E 237 27.26 -2.11 -17.08
C ARG E 237 28.04 -3.42 -16.92
N VAL E 238 29.37 -3.34 -16.86
CA VAL E 238 30.27 -4.54 -16.86
C VAL E 238 30.07 -5.32 -15.56
N ALA E 239 29.89 -4.63 -14.43
CA ALA E 239 29.64 -5.22 -13.09
C ALA E 239 28.30 -5.98 -13.09
N GLY E 240 27.33 -5.51 -13.88
CA GLY E 240 25.94 -6.02 -13.91
C GLY E 240 25.76 -7.25 -14.79
N PHE E 241 26.64 -7.45 -15.79
CA PHE E 241 26.52 -8.55 -16.79
C PHE E 241 26.48 -9.91 -16.07
N GLY E 242 25.45 -10.71 -16.38
CA GLY E 242 25.23 -12.06 -15.85
C GLY E 242 24.46 -12.06 -14.54
N HIS E 243 24.00 -10.89 -14.07
CA HIS E 243 23.27 -10.74 -12.78
C HIS E 243 21.87 -10.14 -13.00
N GLY E 244 21.46 -9.97 -14.26
CA GLY E 244 20.13 -9.46 -14.65
C GLY E 244 19.17 -10.61 -14.92
N GLU E 245 18.19 -10.40 -15.82
CA GLU E 245 17.24 -11.43 -16.30
C GLU E 245 17.97 -12.74 -16.56
N LYS E 246 18.99 -12.68 -17.43
CA LYS E 246 19.72 -13.86 -17.96
C LYS E 246 21.09 -13.97 -17.28
N GLU E 247 21.43 -15.18 -16.86
CA GLU E 247 22.73 -15.51 -16.20
C GLU E 247 23.79 -15.69 -17.30
N TYR E 248 23.49 -16.50 -18.33
CA TYR E 248 24.43 -16.83 -19.44
C TYR E 248 23.74 -16.68 -20.79
N GLY E 249 24.52 -16.43 -21.84
CA GLY E 249 24.06 -16.30 -23.23
C GLY E 249 23.85 -14.85 -23.64
N MET E 250 23.05 -14.64 -24.69
CA MET E 250 22.77 -13.30 -25.29
C MET E 250 21.80 -12.53 -24.38
N LEU E 251 22.22 -11.34 -23.91
CA LEU E 251 21.38 -10.46 -23.06
C LEU E 251 20.39 -9.71 -23.95
N GLU E 252 19.20 -9.39 -23.42
CA GLU E 252 18.10 -8.70 -24.15
C GLU E 252 18.49 -7.23 -24.37
N GLU F 16 69.97 16.04 -23.99
CA GLU F 16 70.94 16.72 -24.91
C GLU F 16 71.54 15.69 -25.88
N ARG F 17 71.13 15.74 -27.15
CA ARG F 17 71.44 14.72 -28.19
C ARG F 17 72.94 14.75 -28.53
N PRO F 18 73.55 13.58 -28.85
CA PRO F 18 74.87 13.55 -29.48
C PRO F 18 74.89 14.33 -30.81
N SER F 19 76.06 14.86 -31.20
CA SER F 19 76.28 15.65 -32.43
C SER F 19 75.78 14.90 -33.66
N ASP F 20 76.08 13.60 -33.74
CA ASP F 20 75.87 12.74 -34.95
C ASP F 20 74.40 12.35 -35.11
N LEU F 21 73.56 12.52 -34.09
CA LEU F 21 72.11 12.21 -34.20
C LEU F 21 71.42 13.33 -34.98
N VAL F 22 71.05 13.05 -36.23
CA VAL F 22 70.22 13.93 -37.12
C VAL F 22 69.11 13.06 -37.72
N VAL F 23 67.99 13.68 -38.12
CA VAL F 23 66.81 12.95 -38.68
C VAL F 23 66.56 13.48 -40.10
N ASN F 24 67.34 12.99 -41.06
CA ASN F 24 67.18 13.28 -42.52
C ASN F 24 66.27 12.22 -43.14
N ARG F 25 66.05 11.11 -42.43
CA ARG F 25 65.18 9.97 -42.84
C ARG F 25 64.84 9.15 -41.60
N LEU F 26 64.16 8.01 -41.75
CA LEU F 26 63.85 7.09 -40.62
C LEU F 26 65.17 6.65 -39.99
N VAL F 27 65.32 6.84 -38.68
CA VAL F 27 66.52 6.41 -37.88
C VAL F 27 66.07 5.29 -36.93
N LEU F 28 66.48 4.05 -37.19
CA LEU F 28 66.24 2.89 -36.28
C LEU F 28 67.35 2.88 -35.22
N PHE F 29 66.96 2.94 -33.94
CA PHE F 29 67.88 2.86 -32.78
C PHE F 29 68.05 1.38 -32.38
N VAL F 30 69.30 0.95 -32.26
CA VAL F 30 69.69 -0.46 -31.93
C VAL F 30 70.81 -0.41 -30.89
N VAL F 31 71.24 -1.57 -30.42
CA VAL F 31 72.47 -1.74 -29.57
C VAL F 31 73.42 -2.69 -30.31
N LYS F 32 74.62 -2.88 -29.77
CA LYS F 32 75.65 -3.80 -30.35
C LYS F 32 75.03 -5.19 -30.51
N GLY F 33 75.16 -5.77 -31.70
CA GLY F 33 74.62 -7.10 -32.03
C GLY F 33 75.29 -8.19 -31.22
N THR F 34 74.53 -8.86 -30.35
CA THR F 34 74.92 -10.10 -29.61
C THR F 34 73.84 -11.16 -29.85
N ALA F 35 74.02 -12.35 -29.28
CA ALA F 35 73.12 -13.52 -29.42
C ALA F 35 71.70 -13.16 -28.95
N THR F 36 71.57 -12.28 -27.94
CA THR F 36 70.30 -12.01 -27.21
C THR F 36 69.82 -10.56 -27.38
N SER F 37 70.57 -9.68 -28.05
CA SER F 37 70.30 -8.22 -28.09
C SER F 37 69.52 -7.81 -29.35
N THR F 38 69.17 -8.76 -30.23
CA THR F 38 68.67 -8.46 -31.61
C THR F 38 67.22 -8.95 -31.83
N HIS F 39 66.66 -9.74 -30.92
CA HIS F 39 65.37 -10.47 -31.14
C HIS F 39 64.19 -9.48 -31.31
N ASN F 40 64.30 -8.27 -30.75
CA ASN F 40 63.24 -7.23 -30.85
C ASN F 40 63.61 -6.23 -31.96
N THR F 41 64.87 -5.80 -32.04
CA THR F 41 65.34 -4.76 -33.02
C THR F 41 65.22 -5.31 -34.46
N VAL F 42 65.29 -6.63 -34.65
CA VAL F 42 65.20 -7.28 -36.00
C VAL F 42 63.78 -7.09 -36.57
N LYS F 43 62.77 -6.97 -35.72
CA LYS F 43 61.33 -6.92 -36.13
C LYS F 43 61.08 -5.74 -37.06
N PRO F 44 61.29 -4.47 -36.63
CA PRO F 44 61.11 -3.33 -37.54
C PRO F 44 62.06 -3.38 -38.75
N LEU F 45 63.29 -3.88 -38.56
CA LEU F 45 64.33 -3.99 -39.63
C LEU F 45 63.82 -4.91 -40.74
N ILE F 46 63.21 -6.06 -40.39
CA ILE F 46 62.61 -7.00 -41.36
C ILE F 46 61.62 -6.23 -42.26
N LEU F 47 60.71 -5.46 -41.66
CA LEU F 47 59.65 -4.72 -42.39
C LEU F 47 60.28 -3.61 -43.25
N LEU F 48 61.30 -2.93 -42.72
CA LEU F 48 62.04 -1.87 -43.46
C LEU F 48 62.64 -2.50 -44.73
N GLU F 49 63.23 -3.68 -44.59
CA GLU F 49 63.85 -4.46 -45.71
C GLU F 49 62.77 -4.92 -46.69
N GLU F 50 61.63 -5.41 -46.18
CA GLU F 50 60.49 -5.95 -46.98
C GLU F 50 59.93 -4.86 -47.91
N LEU F 51 59.76 -3.64 -47.39
CA LEU F 51 59.12 -2.51 -48.10
C LEU F 51 60.16 -1.64 -48.82
N GLY F 52 61.45 -1.92 -48.63
CA GLY F 52 62.57 -1.13 -49.18
C GLY F 52 62.53 0.32 -48.73
N VAL F 53 62.26 0.55 -47.43
CA VAL F 53 62.18 1.91 -46.82
C VAL F 53 63.60 2.43 -46.64
N PRO F 54 63.92 3.67 -47.10
CA PRO F 54 65.23 4.27 -46.85
C PRO F 54 65.34 4.65 -45.37
N HIS F 55 66.43 4.24 -44.71
CA HIS F 55 66.61 4.37 -43.24
C HIS F 55 68.08 4.38 -42.84
N ASP F 56 68.38 5.01 -41.70
CA ASP F 56 69.70 5.00 -41.03
C ASP F 56 69.62 4.11 -39.79
N ILE F 57 70.77 3.62 -39.33
CA ILE F 57 70.92 2.82 -38.06
C ILE F 57 71.69 3.70 -37.07
N TYR F 58 71.19 3.83 -35.84
CA TYR F 58 71.91 4.47 -34.71
C TYR F 58 72.18 3.42 -33.64
N VAL F 59 73.45 3.13 -33.37
CA VAL F 59 73.88 2.19 -32.29
C VAL F 59 73.98 3.00 -30.99
N VAL F 60 73.03 2.78 -30.07
CA VAL F 60 73.01 3.40 -28.72
C VAL F 60 74.04 2.66 -27.84
N GLU F 61 74.93 3.40 -27.19
CA GLU F 61 75.95 2.83 -26.26
C GLU F 61 75.24 2.41 -24.95
N LYS F 62 74.47 3.33 -24.36
CA LYS F 62 73.74 3.10 -23.08
C LYS F 62 72.29 3.56 -23.25
N VAL F 63 71.34 2.63 -23.23
CA VAL F 63 69.87 2.92 -23.27
C VAL F 63 69.46 3.66 -21.99
N SER F 64 70.33 3.68 -20.98
CA SER F 64 70.12 4.39 -19.68
C SER F 64 70.53 5.86 -19.79
N ALA F 65 71.15 6.27 -20.91
CA ALA F 65 71.57 7.66 -21.17
C ALA F 65 70.34 8.57 -21.18
N PRO F 66 70.34 9.69 -20.41
CA PRO F 66 69.20 10.62 -20.38
C PRO F 66 68.67 11.01 -21.77
N TRP F 67 69.57 11.31 -22.71
CA TRP F 67 69.20 11.81 -24.08
C TRP F 67 68.30 10.78 -24.79
N PHE F 68 68.52 9.48 -24.55
CA PHE F 68 67.76 8.38 -25.20
C PHE F 68 66.36 8.26 -24.61
N SER F 69 66.21 8.55 -23.31
CA SER F 69 64.91 8.48 -22.59
C SER F 69 63.93 9.53 -23.15
N GLU F 70 64.43 10.57 -23.81
CA GLU F 70 63.60 11.61 -24.50
C GLU F 70 63.03 11.06 -25.81
N ILE F 71 63.66 10.02 -26.38
CA ILE F 71 63.20 9.33 -27.62
C ILE F 71 62.29 8.16 -27.23
N ASN F 72 62.70 7.37 -26.23
CA ASN F 72 61.92 6.21 -25.70
C ASN F 72 61.93 6.27 -24.17
N PRO F 73 60.81 6.71 -23.53
CA PRO F 73 60.76 6.79 -22.06
C PRO F 73 60.84 5.42 -21.38
N HIS F 74 60.66 4.33 -22.13
CA HIS F 74 60.82 2.93 -21.63
C HIS F 74 62.29 2.52 -21.67
N LYS F 75 63.14 3.33 -22.34
CA LYS F 75 64.62 3.23 -22.28
C LYS F 75 65.10 1.88 -22.83
N MET F 76 64.63 1.51 -24.03
CA MET F 76 64.98 0.23 -24.69
C MET F 76 64.96 0.40 -26.22
N VAL F 77 65.67 -0.50 -26.91
CA VAL F 77 65.62 -0.64 -28.40
C VAL F 77 64.69 -1.81 -28.71
N PRO F 78 64.01 -1.83 -29.88
CA PRO F 78 64.11 -0.76 -30.87
C PRO F 78 63.27 0.49 -30.57
N ALA F 79 63.78 1.64 -31.00
CA ALA F 79 63.07 2.94 -31.08
C ALA F 79 63.32 3.54 -32.47
N ILE F 80 62.42 4.41 -32.93
CA ILE F 80 62.53 5.10 -34.25
C ILE F 80 62.32 6.60 -34.03
N LEU F 81 63.21 7.42 -34.61
CA LEU F 81 62.92 8.82 -34.99
C LEU F 81 62.74 8.86 -36.51
N ASP F 82 61.71 9.54 -36.99
CA ASP F 82 61.46 9.75 -38.44
C ASP F 82 60.90 11.16 -38.62
N ARG F 83 61.25 11.81 -39.72
CA ARG F 83 60.61 13.08 -40.16
C ARG F 83 59.13 12.77 -40.40
N SER F 84 58.25 13.75 -40.17
CA SER F 84 56.79 13.64 -40.45
C SER F 84 56.58 13.56 -41.95
N PRO F 85 55.37 13.20 -42.44
CA PRO F 85 55.09 13.16 -43.88
C PRO F 85 55.33 14.48 -44.62
N ASP F 86 54.96 15.63 -44.02
CA ASP F 86 55.12 16.98 -44.60
C ASP F 86 56.60 17.41 -44.51
N GLY F 87 57.40 16.73 -43.67
CA GLY F 87 58.85 16.96 -43.51
C GLY F 87 59.15 18.10 -42.56
N ARG F 88 58.13 18.75 -41.99
CA ARG F 88 58.24 19.97 -41.14
C ARG F 88 58.64 19.58 -39.72
N ASP F 89 58.16 18.43 -39.22
CA ASP F 89 58.33 17.97 -37.83
C ASP F 89 59.02 16.60 -37.83
N THR F 90 59.53 16.18 -36.66
CA THR F 90 60.05 14.82 -36.38
C THR F 90 59.09 14.14 -35.40
N LEU F 91 58.77 12.86 -35.62
CA LEU F 91 57.95 12.03 -34.71
C LEU F 91 58.80 10.86 -34.19
N ARG F 92 58.22 10.01 -33.33
CA ARG F 92 58.93 8.85 -32.72
C ARG F 92 58.00 7.63 -32.63
N ALA F 93 58.59 6.44 -32.64
CA ALA F 93 57.93 5.15 -32.37
C ALA F 93 58.86 4.31 -31.49
N TRP F 94 58.31 3.65 -30.47
CA TRP F 94 59.08 2.78 -29.54
C TRP F 94 58.16 1.68 -29.00
N GLU F 95 58.76 0.55 -28.58
CA GLU F 95 58.13 -0.79 -28.50
C GLU F 95 58.12 -1.38 -29.91
N SER F 96 58.69 -2.58 -30.07
CA SER F 96 58.85 -3.29 -31.37
C SER F 96 57.51 -3.31 -32.12
N THR F 97 56.44 -3.74 -31.46
CA THR F 97 55.08 -3.85 -32.06
C THR F 97 54.65 -2.47 -32.60
N SER F 98 54.90 -1.40 -31.84
CA SER F 98 54.57 0.01 -32.22
C SER F 98 55.37 0.43 -33.44
N THR F 99 56.66 0.06 -33.52
CA THR F 99 57.56 0.40 -34.67
C THR F 99 57.02 -0.27 -35.94
N LEU F 100 56.51 -1.51 -35.84
CA LEU F 100 55.89 -2.24 -36.97
C LEU F 100 54.63 -1.51 -37.43
N MET F 101 53.79 -1.06 -36.48
CA MET F 101 52.52 -0.35 -36.78
C MET F 101 52.82 0.98 -37.48
N TYR F 102 53.84 1.72 -37.00
CA TYR F 102 54.24 3.04 -37.57
C TYR F 102 54.73 2.85 -39.01
N ILE F 103 55.72 1.96 -39.21
CA ILE F 103 56.33 1.69 -40.55
C ILE F 103 55.21 1.32 -41.53
N ALA F 104 54.29 0.42 -41.13
CA ALA F 104 53.14 -0.03 -41.94
C ALA F 104 52.22 1.16 -42.25
N ASP F 105 52.01 2.05 -41.28
CA ASP F 105 51.13 3.25 -41.40
C ASP F 105 51.73 4.20 -42.44
N ALA F 106 53.02 4.52 -42.31
CA ALA F 106 53.73 5.59 -43.06
C ALA F 106 54.13 5.12 -44.46
N TYR F 107 54.61 3.88 -44.59
CA TYR F 107 55.35 3.38 -45.78
C TYR F 107 54.57 2.29 -46.52
N ASP F 108 53.78 1.47 -45.84
CA ASP F 108 52.98 0.37 -46.47
C ASP F 108 51.65 0.95 -46.95
N LYS F 109 51.70 1.76 -48.02
CA LYS F 109 50.56 2.59 -48.51
C LYS F 109 49.37 1.71 -48.91
N ASP F 110 49.64 0.57 -49.58
CA ASP F 110 48.60 -0.34 -50.14
C ASP F 110 48.38 -1.55 -49.22
N GLY F 111 48.93 -1.52 -48.00
CA GLY F 111 48.61 -2.45 -46.90
C GLY F 111 48.99 -3.90 -47.19
N THR F 112 50.14 -4.13 -47.82
CA THR F 112 50.68 -5.47 -48.16
C THR F 112 50.98 -6.26 -46.87
N PHE F 113 51.54 -5.58 -45.86
CA PHE F 113 51.95 -6.18 -44.55
C PHE F 113 51.05 -5.68 -43.41
N GLY F 114 50.44 -4.50 -43.58
CA GLY F 114 49.55 -3.87 -42.58
C GLY F 114 48.12 -4.39 -42.65
N GLY F 115 47.67 -4.81 -43.84
CA GLY F 115 46.28 -5.24 -44.11
C GLY F 115 45.57 -4.25 -45.03
N ARG F 116 44.82 -4.75 -46.02
CA ARG F 116 44.22 -3.96 -47.12
C ARG F 116 42.80 -3.48 -46.75
N ASN F 117 42.08 -4.25 -45.92
CA ASN F 117 40.70 -3.89 -45.49
C ASN F 117 40.54 -4.16 -43.99
N VAL F 118 39.34 -3.88 -43.46
CA VAL F 118 38.98 -4.06 -42.01
C VAL F 118 39.10 -5.55 -41.67
N GLN F 119 38.63 -6.43 -42.57
CA GLN F 119 38.62 -7.91 -42.37
C GLN F 119 40.05 -8.41 -42.12
N GLU F 120 40.98 -8.13 -43.04
CA GLU F 120 42.40 -8.54 -42.95
C GLU F 120 43.05 -7.98 -41.69
N ARG F 121 42.85 -6.68 -41.42
CA ARG F 121 43.45 -5.95 -40.27
C ARG F 121 42.93 -6.51 -38.94
N SER F 122 41.71 -7.05 -38.92
CA SER F 122 41.09 -7.67 -37.71
C SER F 122 41.94 -8.86 -37.27
N GLU F 123 42.29 -9.76 -38.20
CA GLU F 123 43.10 -10.98 -37.93
C GLU F 123 44.57 -10.60 -37.69
N ILE F 124 45.12 -9.63 -38.44
CA ILE F 124 46.53 -9.18 -38.29
C ILE F 124 46.72 -8.67 -36.85
N ASN F 125 45.85 -7.76 -36.41
CA ASN F 125 45.90 -7.12 -35.07
C ASN F 125 45.70 -8.18 -33.99
N ASN F 126 44.86 -9.19 -34.24
CA ASN F 126 44.60 -10.31 -33.29
C ASN F 126 45.92 -11.03 -32.98
N TRP F 127 46.62 -11.51 -34.01
CA TRP F 127 47.84 -12.34 -33.85
C TRP F 127 49.03 -11.47 -33.45
N LEU F 128 49.09 -10.22 -33.93
CA LEU F 128 50.13 -9.22 -33.54
C LEU F 128 50.00 -8.93 -32.04
N THR F 129 48.78 -8.66 -31.56
CA THR F 129 48.50 -8.34 -30.13
C THR F 129 48.78 -9.57 -29.26
N LEU F 130 48.40 -10.78 -29.72
CA LEU F 130 48.64 -12.04 -28.98
C LEU F 130 50.12 -12.15 -28.64
N HIS F 131 51.00 -11.86 -29.60
CA HIS F 131 52.48 -11.86 -29.38
C HIS F 131 52.86 -10.73 -28.43
N THR F 132 52.33 -9.53 -28.65
CA THR F 132 52.67 -8.29 -27.89
C THR F 132 52.34 -8.48 -26.41
N ALA F 133 51.27 -9.25 -26.10
CA ALA F 133 50.69 -9.39 -24.74
C ALA F 133 51.15 -10.67 -24.06
N ALA F 134 51.33 -11.77 -24.81
CA ALA F 134 51.59 -13.12 -24.25
C ALA F 134 53.06 -13.51 -24.46
N LEU F 135 53.43 -14.06 -25.63
CA LEU F 135 54.76 -14.69 -25.86
C LEU F 135 55.87 -13.65 -25.69
N GLY F 136 55.71 -12.46 -26.29
CA GLY F 136 56.67 -11.35 -26.20
C GLY F 136 57.10 -11.08 -24.76
N PRO F 137 56.19 -10.59 -23.89
CA PRO F 137 56.52 -10.33 -22.48
C PRO F 137 56.95 -11.56 -21.67
N THR F 138 56.36 -12.73 -21.94
CA THR F 138 56.69 -14.01 -21.25
C THR F 138 58.14 -14.40 -21.56
N ALA F 139 58.53 -14.37 -22.84
CA ALA F 139 59.90 -14.63 -23.33
C ALA F 139 60.88 -13.64 -22.67
N LYS F 140 60.51 -12.36 -22.61
CA LYS F 140 61.34 -11.29 -21.97
C LYS F 140 61.49 -11.57 -20.47
N TYR F 141 60.42 -11.96 -19.78
CA TYR F 141 60.44 -12.27 -18.33
C TYR F 141 61.30 -13.52 -18.11
N TRP F 142 61.17 -14.53 -18.98
CA TRP F 142 61.97 -15.78 -18.89
C TRP F 142 63.47 -15.42 -18.92
N LEU F 143 63.91 -14.63 -19.91
CA LEU F 143 65.34 -14.30 -20.09
C LEU F 143 65.80 -13.42 -18.93
N TYR F 144 64.94 -12.54 -18.42
CA TYR F 144 65.26 -11.64 -17.28
C TYR F 144 65.59 -12.48 -16.04
N PHE F 145 64.71 -13.41 -15.68
CA PHE F 145 64.83 -14.24 -14.44
C PHE F 145 65.95 -15.28 -14.61
N TYR F 146 66.11 -15.82 -15.82
CA TYR F 146 67.14 -16.85 -16.13
C TYR F 146 68.53 -16.23 -16.00
N LYS F 147 68.73 -15.01 -16.52
CA LYS F 147 70.07 -14.43 -16.81
C LYS F 147 70.34 -13.17 -15.98
N LEU F 148 69.37 -12.25 -15.86
CA LEU F 148 69.63 -10.85 -15.43
C LEU F 148 69.27 -10.60 -13.95
N HIS F 149 68.29 -11.30 -13.38
CA HIS F 149 67.82 -11.05 -11.99
C HIS F 149 68.93 -11.44 -11.00
N PRO F 150 69.27 -10.58 -10.01
CA PRO F 150 70.35 -10.86 -9.06
C PRO F 150 70.29 -12.26 -8.42
N GLU F 151 69.07 -12.74 -8.15
CA GLU F 151 68.82 -14.10 -7.58
C GLU F 151 68.23 -14.99 -8.69
N LYS F 152 68.65 -16.26 -8.72
CA LYS F 152 68.06 -17.30 -9.59
C LYS F 152 66.81 -17.86 -8.88
N LEU F 153 65.66 -17.83 -9.56
CA LEU F 153 64.34 -18.28 -9.04
C LEU F 153 63.83 -19.41 -9.92
N PRO F 154 64.28 -20.67 -9.70
CA PRO F 154 64.01 -21.76 -10.63
C PRO F 154 62.51 -22.04 -10.86
N LYS F 155 61.69 -21.92 -9.82
CA LYS F 155 60.22 -22.19 -9.87
C LYS F 155 59.58 -21.22 -10.87
N THR F 156 59.91 -19.93 -10.77
CA THR F 156 59.43 -18.83 -11.66
C THR F 156 59.90 -19.09 -13.10
N ILE F 157 61.17 -19.45 -13.28
CA ILE F 157 61.79 -19.71 -14.60
C ILE F 157 61.06 -20.88 -15.28
N GLU F 158 60.74 -21.93 -14.52
CA GLU F 158 60.07 -23.16 -15.01
C GLU F 158 58.64 -22.82 -15.47
N LYS F 159 57.93 -21.98 -14.70
CA LYS F 159 56.54 -21.58 -15.00
C LYS F 159 56.52 -20.76 -16.30
N LEU F 160 57.43 -19.81 -16.44
CA LEU F 160 57.55 -18.94 -17.64
C LEU F 160 57.90 -19.80 -18.86
N ARG F 161 58.77 -20.80 -18.70
CA ARG F 161 59.10 -21.79 -19.76
C ARG F 161 57.81 -22.50 -20.17
N SER F 162 57.05 -22.99 -19.19
CA SER F 162 55.76 -23.71 -19.38
C SER F 162 54.78 -22.82 -20.16
N ASN F 163 54.77 -21.51 -19.88
CA ASN F 163 53.86 -20.53 -20.54
C ASN F 163 54.28 -20.33 -22.00
N ILE F 164 55.58 -20.42 -22.30
CA ILE F 164 56.08 -20.32 -23.71
C ILE F 164 55.50 -21.48 -24.53
N THR F 165 55.45 -22.70 -23.96
CA THR F 165 54.95 -23.92 -24.63
C THR F 165 53.44 -23.78 -24.92
N VAL F 166 52.70 -23.12 -24.03
CA VAL F 166 51.24 -22.84 -24.19
C VAL F 166 51.05 -21.96 -25.43
N GLN F 167 51.88 -20.92 -25.59
CA GLN F 167 51.83 -19.98 -26.74
C GLN F 167 52.21 -20.71 -28.03
N TYR F 168 53.22 -21.59 -27.98
CA TYR F 168 53.64 -22.46 -29.11
C TYR F 168 52.44 -23.33 -29.53
N ASP F 169 51.74 -23.93 -28.55
CA ASP F 169 50.56 -24.81 -28.77
C ASP F 169 49.46 -24.04 -29.53
N ILE F 170 49.23 -22.77 -29.17
CA ILE F 170 48.21 -21.90 -29.83
C ILE F 170 48.65 -21.65 -31.28
N LEU F 171 49.90 -21.22 -31.48
CA LEU F 171 50.46 -20.94 -32.84
C LEU F 171 50.41 -22.21 -33.69
N GLU F 172 50.80 -23.35 -33.11
CA GLU F 172 50.80 -24.69 -33.77
C GLU F 172 49.38 -25.01 -34.27
N ARG F 173 48.38 -24.85 -33.40
CA ARG F 173 46.95 -25.16 -33.69
C ARG F 173 46.46 -24.30 -34.85
N ARG F 174 46.80 -23.00 -34.85
CA ARG F 174 46.45 -22.03 -35.93
C ARG F 174 47.04 -22.50 -37.27
N LEU F 175 48.31 -22.91 -37.28
CA LEU F 175 49.04 -23.26 -38.54
C LEU F 175 48.66 -24.68 -39.01
N ASN F 176 47.86 -25.41 -38.23
CA ASN F 176 47.31 -26.74 -38.61
C ASN F 176 45.93 -26.58 -39.23
N GLU F 177 45.36 -25.37 -39.22
CA GLU F 177 44.05 -25.06 -39.87
C GLU F 177 44.24 -25.13 -41.37
N PRO F 178 43.20 -25.52 -42.15
CA PRO F 178 43.36 -25.79 -43.58
C PRO F 178 43.82 -24.56 -44.37
N GLY F 179 44.95 -24.66 -45.06
CA GLY F 179 45.50 -23.63 -45.96
C GLY F 179 45.96 -22.38 -45.21
N GLN F 180 46.16 -22.48 -43.89
CA GLN F 180 46.64 -21.36 -43.03
C GLN F 180 48.18 -21.39 -43.03
N GLN F 181 48.79 -20.80 -44.07
CA GLN F 181 50.26 -20.83 -44.29
C GLN F 181 50.96 -19.85 -43.34
N TYR F 182 50.31 -18.73 -43.02
CA TYR F 182 50.83 -17.67 -42.11
C TYR F 182 49.80 -17.41 -40.99
N LEU F 183 50.26 -16.79 -39.90
CA LEU F 183 49.48 -16.65 -38.63
C LEU F 183 48.16 -15.92 -38.91
N ALA F 184 48.23 -14.71 -39.47
CA ALA F 184 47.06 -13.82 -39.67
C ALA F 184 46.29 -14.23 -40.94
N LEU F 185 46.93 -14.11 -42.10
CA LEU F 185 46.33 -14.34 -43.43
C LEU F 185 46.82 -15.68 -44.00
N LYS F 186 46.02 -16.32 -44.84
CA LYS F 186 46.36 -17.61 -45.49
C LYS F 186 47.39 -17.38 -46.61
N ASP F 187 47.28 -16.26 -47.33
CA ASP F 187 47.96 -16.03 -48.63
C ASP F 187 49.40 -15.54 -48.41
N ARG F 188 49.62 -14.61 -47.47
CA ARG F 188 50.92 -13.87 -47.34
C ARG F 188 51.25 -13.58 -45.89
N PRO F 189 52.53 -13.30 -45.57
CA PRO F 189 52.94 -12.88 -44.23
C PRO F 189 52.58 -11.41 -43.95
N THR F 190 52.39 -11.07 -42.68
CA THR F 190 52.04 -9.70 -42.22
C THR F 190 52.93 -9.32 -41.04
N ILE F 191 52.73 -8.12 -40.48
CA ILE F 191 53.49 -7.59 -39.31
C ILE F 191 53.29 -8.53 -38.10
N ALA F 192 52.16 -9.25 -38.04
CA ALA F 192 51.87 -10.28 -37.03
C ALA F 192 52.96 -11.37 -37.11
N ASP F 193 53.23 -11.88 -38.31
CA ASP F 193 54.24 -12.95 -38.58
C ASP F 193 55.64 -12.45 -38.23
N ILE F 194 55.95 -11.20 -38.58
CA ILE F 194 57.28 -10.54 -38.35
C ILE F 194 57.51 -10.42 -36.84
N ALA F 195 56.50 -9.99 -36.08
CA ALA F 195 56.59 -9.79 -34.62
C ALA F 195 56.82 -11.14 -33.91
N THR F 196 56.22 -12.22 -34.41
CA THR F 196 56.21 -13.55 -33.76
C THR F 196 57.52 -14.31 -34.06
N LEU F 197 58.09 -14.14 -35.25
CA LEU F 197 59.18 -15.01 -35.78
C LEU F 197 60.33 -15.12 -34.78
N PRO F 198 60.94 -14.02 -34.28
CA PRO F 198 62.15 -14.11 -33.46
C PRO F 198 62.03 -14.95 -32.18
N PHE F 199 60.81 -15.13 -31.65
CA PHE F 199 60.53 -15.89 -30.40
C PHE F 199 59.87 -17.24 -30.72
N ALA F 200 59.72 -17.56 -32.01
CA ALA F 200 59.19 -18.85 -32.51
C ALA F 200 60.08 -19.37 -33.64
N MET F 201 61.39 -19.45 -33.37
CA MET F 201 62.40 -20.12 -34.24
C MET F 201 63.03 -21.27 -33.46
N LYS F 202 63.84 -22.09 -34.14
CA LYS F 202 64.54 -23.25 -33.54
C LYS F 202 65.62 -22.74 -32.57
N SER F 203 66.39 -21.73 -32.98
CA SER F 203 67.51 -21.15 -32.19
C SER F 203 66.99 -20.60 -30.86
N THR F 204 65.87 -19.87 -30.88
CA THR F 204 65.25 -19.26 -29.67
C THR F 204 64.64 -20.36 -28.80
N ALA F 205 63.99 -21.36 -29.42
CA ALA F 205 63.39 -22.53 -28.74
C ALA F 205 64.49 -23.30 -27.99
N GLU F 206 65.66 -23.45 -28.60
CA GLU F 206 66.83 -24.15 -28.00
C GLU F 206 67.35 -23.34 -26.81
N LEU F 207 67.32 -22.00 -26.89
CA LEU F 207 67.72 -21.10 -25.76
C LEU F 207 66.77 -21.32 -24.57
N PHE F 208 65.48 -21.54 -24.83
CA PHE F 208 64.43 -21.76 -23.79
C PHE F 208 64.56 -23.18 -23.21
N GLY F 209 65.37 -24.04 -23.82
CA GLY F 209 65.54 -25.45 -23.42
C GLY F 209 64.37 -26.31 -23.89
N LEU F 210 63.82 -26.00 -25.08
CA LEU F 210 62.68 -26.72 -25.69
C LEU F 210 63.14 -27.40 -26.99
N GLU F 211 62.57 -28.57 -27.30
CA GLU F 211 62.71 -29.26 -28.62
C GLU F 211 61.64 -28.70 -29.55
N PHE F 212 62.06 -27.89 -30.55
CA PHE F 212 61.17 -27.11 -31.45
C PHE F 212 60.46 -28.06 -32.45
N GLU F 213 60.88 -29.33 -32.52
CA GLU F 213 60.30 -30.36 -33.42
C GLU F 213 58.91 -30.78 -32.91
N LYS F 214 58.64 -30.58 -31.61
CA LYS F 214 57.32 -30.89 -30.97
C LYS F 214 56.20 -30.06 -31.61
N TRP F 215 56.54 -28.93 -32.25
CA TRP F 215 55.58 -28.03 -32.95
C TRP F 215 55.92 -27.99 -34.43
N PRO F 216 55.59 -29.06 -35.20
CA PRO F 216 56.06 -29.21 -36.58
C PRO F 216 55.61 -28.11 -37.54
N LYS F 217 54.33 -27.71 -37.50
CA LYS F 217 53.75 -26.70 -38.42
C LYS F 217 54.33 -25.32 -38.07
N LEU F 218 54.58 -25.05 -36.79
CA LEU F 218 55.23 -23.79 -36.32
C LEU F 218 56.67 -23.74 -36.83
N GLN F 219 57.39 -24.87 -36.76
CA GLN F 219 58.78 -24.99 -37.29
C GLN F 219 58.75 -24.74 -38.80
N GLU F 220 57.90 -25.46 -39.52
CA GLU F 220 57.67 -25.32 -40.99
C GLU F 220 57.44 -23.85 -41.34
N TRP F 221 56.60 -23.16 -40.56
CA TRP F 221 56.27 -21.72 -40.74
C TRP F 221 57.53 -20.86 -40.55
N SER F 222 58.31 -21.15 -39.50
CA SER F 222 59.53 -20.38 -39.12
C SER F 222 60.59 -20.52 -40.22
N VAL F 223 60.70 -21.71 -40.83
CA VAL F 223 61.64 -22.02 -41.95
C VAL F 223 61.20 -21.25 -43.21
N ARG F 224 59.90 -21.31 -43.54
CA ARG F 224 59.29 -20.58 -44.69
C ARG F 224 59.57 -19.08 -44.54
N MET F 225 59.40 -18.56 -43.33
CA MET F 225 59.67 -17.14 -42.96
C MET F 225 61.17 -16.85 -43.15
N GLY F 226 62.03 -17.71 -42.58
CA GLY F 226 63.49 -17.58 -42.61
C GLY F 226 64.05 -17.54 -44.02
N GLU F 227 63.39 -18.20 -44.97
CA GLU F 227 63.82 -18.29 -46.39
C GLU F 227 63.53 -16.98 -47.13
N ARG F 228 62.67 -16.10 -46.60
CA ARG F 228 62.36 -14.79 -47.22
C ARG F 228 63.64 -13.94 -47.24
N GLU F 229 63.85 -13.20 -48.35
CA GLU F 229 65.11 -12.46 -48.64
C GLU F 229 65.27 -11.30 -47.64
N ALA F 230 64.19 -10.57 -47.36
CA ALA F 230 64.18 -9.41 -46.44
C ALA F 230 64.53 -9.87 -45.01
N VAL F 231 64.04 -11.05 -44.61
CA VAL F 231 64.29 -11.65 -43.26
C VAL F 231 65.78 -12.01 -43.16
N LYS F 232 66.34 -12.63 -44.21
CA LYS F 232 67.76 -13.04 -44.27
C LYS F 232 68.66 -11.81 -44.10
N ARG F 233 68.37 -10.74 -44.86
CA ARG F 233 69.12 -9.45 -44.83
C ARG F 233 69.04 -8.85 -43.42
N ALA F 234 67.86 -8.88 -42.80
CA ALA F 234 67.59 -8.30 -41.46
C ALA F 234 68.46 -8.97 -40.39
N TRP F 235 68.47 -10.31 -40.34
CA TRP F 235 69.28 -11.12 -39.39
C TRP F 235 70.78 -10.85 -39.59
N GLN F 236 71.21 -10.85 -40.85
CA GLN F 236 72.61 -10.62 -41.30
C GLN F 236 73.12 -9.27 -40.79
N ARG F 237 72.33 -8.20 -41.00
CA ARG F 237 72.68 -6.81 -40.64
C ARG F 237 72.66 -6.61 -39.12
N VAL F 238 71.61 -7.07 -38.44
CA VAL F 238 71.35 -6.77 -37.00
C VAL F 238 72.50 -7.32 -36.13
N ALA F 239 73.05 -8.48 -36.51
CA ALA F 239 74.20 -9.13 -35.83
C ALA F 239 75.45 -8.24 -35.92
N GLY F 240 75.61 -7.53 -37.05
CA GLY F 240 76.82 -6.75 -37.38
C GLY F 240 76.86 -5.38 -36.72
N PHE F 241 75.70 -4.78 -36.43
CA PHE F 241 75.59 -3.40 -35.89
C PHE F 241 76.52 -3.25 -34.68
N GLY F 242 77.38 -2.22 -34.71
CA GLY F 242 78.30 -1.86 -33.62
C GLY F 242 79.65 -2.58 -33.71
N HIS F 243 79.81 -3.48 -34.69
CA HIS F 243 81.05 -4.28 -34.91
C HIS F 243 81.75 -3.87 -36.21
N GLY F 244 81.15 -2.93 -36.96
CA GLY F 244 81.67 -2.44 -38.25
C GLY F 244 82.50 -1.18 -38.06
N GLU F 245 82.46 -0.29 -39.04
CA GLU F 245 83.25 0.97 -39.11
C GLU F 245 83.13 1.73 -37.79
N LYS F 246 81.93 1.84 -37.23
CA LYS F 246 81.62 2.61 -35.99
C LYS F 246 81.06 1.68 -34.91
N GLU F 247 81.57 1.82 -33.68
CA GLU F 247 81.17 1.04 -32.48
C GLU F 247 79.83 1.56 -31.98
N TYR F 248 79.72 2.88 -31.78
CA TYR F 248 78.51 3.59 -31.26
C TYR F 248 78.22 4.82 -32.13
N GLY F 249 76.95 5.24 -32.15
CA GLY F 249 76.49 6.45 -32.86
C GLY F 249 75.88 6.10 -34.20
N MET F 250 75.75 7.11 -35.08
CA MET F 250 75.18 6.98 -36.46
C MET F 250 76.15 6.18 -37.32
N LEU F 251 75.65 5.16 -38.02
CA LEU F 251 76.48 4.22 -38.84
C LEU F 251 76.68 4.80 -40.26
N GLU F 252 77.73 4.32 -40.95
CA GLU F 252 78.19 4.71 -42.31
C GLU F 252 79.22 5.84 -42.19
#